data_1LMO
# 
_entry.id   1LMO 
# 
_audit_conform.dict_name       mmcif_pdbx.dic 
_audit_conform.dict_version    5.398 
_audit_conform.dict_location   http://mmcif.pdb.org/dictionaries/ascii/mmcif_pdbx.dic 
# 
loop_
_database_2.database_id 
_database_2.database_code 
_database_2.pdbx_database_accession 
_database_2.pdbx_DOI 
PDB   1LMO         pdb_00001lmo 10.2210/pdb1lmo/pdb 
WWPDB D_1000174763 ?            ?                   
# 
loop_
_pdbx_audit_revision_history.ordinal 
_pdbx_audit_revision_history.data_content_type 
_pdbx_audit_revision_history.major_revision 
_pdbx_audit_revision_history.minor_revision 
_pdbx_audit_revision_history.revision_date 
1 'Structure model' 1 0 1996-01-01 
2 'Structure model' 1 1 2008-03-24 
3 'Structure model' 1 2 2011-07-13 
4 'Structure model' 1 3 2018-04-18 
5 'Structure model' 2 0 2020-07-29 
6 'Structure model' 3 0 2023-07-26 
7 'Structure model' 3 1 2024-10-30 
# 
loop_
_pdbx_audit_revision_details.ordinal 
_pdbx_audit_revision_details.revision_ordinal 
_pdbx_audit_revision_details.data_content_type 
_pdbx_audit_revision_details.provider 
_pdbx_audit_revision_details.type 
_pdbx_audit_revision_details.description 
_pdbx_audit_revision_details.details 
1 1 'Structure model' repository 'Initial release' ?                          ? 
2 5 'Structure model' repository Remediation       'Carbohydrate remediation' ? 
3 6 'Structure model' repository Remediation       ?                          
'Coordinates and associated ncs operations (if present) transformed into standard crystal frame' 
# 
loop_
_pdbx_audit_revision_group.ordinal 
_pdbx_audit_revision_group.revision_ordinal 
_pdbx_audit_revision_group.data_content_type 
_pdbx_audit_revision_group.group 
1  2 'Structure model' 'Version format compliance' 
2  3 'Structure model' Advisory                    
3  3 'Structure model' 'Version format compliance' 
4  4 'Structure model' 'Data collection'           
5  4 'Structure model' Other                       
6  5 'Structure model' Advisory                    
7  5 'Structure model' 'Atomic model'              
8  5 'Structure model' 'Data collection'           
9  5 'Structure model' 'Database references'       
10 5 'Structure model' 'Derived calculations'      
11 5 'Structure model' 'Structure summary'         
12 6 'Structure model' Advisory                    
13 6 'Structure model' 'Atomic model'              
14 6 'Structure model' 'Data collection'           
15 6 'Structure model' 'Database references'       
16 6 'Structure model' 'Derived calculations'      
17 6 'Structure model' Other                       
18 6 'Structure model' 'Structure summary'         
19 7 'Structure model' 'Data collection'           
20 7 'Structure model' 'Structure summary'         
# 
loop_
_pdbx_audit_revision_category.ordinal 
_pdbx_audit_revision_category.revision_ordinal 
_pdbx_audit_revision_category.data_content_type 
_pdbx_audit_revision_category.category 
1  4 'Structure model' diffrn_detector               
2  4 'Structure model' pdbx_database_status          
3  5 'Structure model' atom_site                     
4  5 'Structure model' chem_comp                     
5  5 'Structure model' database_PDB_caveat           
6  5 'Structure model' entity                        
7  5 'Structure model' pdbx_branch_scheme            
8  5 'Structure model' pdbx_chem_comp_identifier     
9  5 'Structure model' pdbx_entity_branch            
10 5 'Structure model' pdbx_entity_branch_descriptor 
11 5 'Structure model' pdbx_entity_branch_link       
12 5 'Structure model' pdbx_entity_branch_list       
13 5 'Structure model' pdbx_entity_nonpoly           
14 5 'Structure model' pdbx_nonpoly_scheme           
15 5 'Structure model' pdbx_struct_assembly_gen      
16 5 'Structure model' pdbx_validate_chiral          
17 5 'Structure model' pdbx_validate_close_contact   
18 5 'Structure model' struct_asym                   
19 5 'Structure model' struct_conn                   
20 5 'Structure model' struct_ref_seq_dif            
21 5 'Structure model' struct_site                   
22 5 'Structure model' struct_site_gen               
23 6 'Structure model' atom_site                     
24 6 'Structure model' atom_sites                    
25 6 'Structure model' chem_comp                     
26 6 'Structure model' database_2                    
27 6 'Structure model' database_PDB_matrix           
28 6 'Structure model' pdbx_database_remark          
29 6 'Structure model' pdbx_validate_planes          
30 6 'Structure model' pdbx_validate_rmsd_angle      
31 6 'Structure model' struct_conn                   
32 7 'Structure model' chem_comp_atom                
33 7 'Structure model' chem_comp_bond                
34 7 'Structure model' pdbx_entry_details            
35 7 'Structure model' pdbx_modification_feature     
# 
loop_
_pdbx_audit_revision_item.ordinal 
_pdbx_audit_revision_item.revision_ordinal 
_pdbx_audit_revision_item.data_content_type 
_pdbx_audit_revision_item.item 
1  4 'Structure model' '_diffrn_detector.detector'                   
2  4 'Structure model' '_pdbx_database_status.process_site'          
3  5 'Structure model' '_atom_site.B_iso_or_equiv'                   
4  5 'Structure model' '_atom_site.Cartn_x'                          
5  5 'Structure model' '_atom_site.Cartn_y'                          
6  5 'Structure model' '_atom_site.Cartn_z'                          
7  5 'Structure model' '_atom_site.auth_asym_id'                     
8  5 'Structure model' '_atom_site.auth_atom_id'                     
9  5 'Structure model' '_atom_site.auth_seq_id'                      
10 5 'Structure model' '_atom_site.label_asym_id'                    
11 5 'Structure model' '_atom_site.label_atom_id'                    
12 5 'Structure model' '_atom_site.type_symbol'                      
13 5 'Structure model' '_chem_comp.name'                             
14 5 'Structure model' '_chem_comp.type'                             
15 5 'Structure model' '_entity.formula_weight'                      
16 5 'Structure model' '_entity.pdbx_description'                    
17 5 'Structure model' '_entity.pdbx_number_of_molecules'            
18 5 'Structure model' '_entity.type'                                
19 5 'Structure model' '_pdbx_struct_assembly_gen.asym_id_list'      
20 5 'Structure model' '_pdbx_validate_chiral.auth_asym_id'          
21 5 'Structure model' '_pdbx_validate_chiral.auth_seq_id'           
22 5 'Structure model' '_pdbx_validate_close_contact.auth_asym_id_1' 
23 5 'Structure model' '_pdbx_validate_close_contact.auth_asym_id_2' 
24 5 'Structure model' '_pdbx_validate_close_contact.auth_atom_id_1' 
25 5 'Structure model' '_pdbx_validate_close_contact.auth_atom_id_2' 
26 5 'Structure model' '_pdbx_validate_close_contact.auth_seq_id_1'  
27 5 'Structure model' '_pdbx_validate_close_contact.auth_seq_id_2'  
28 5 'Structure model' '_struct_conn.pdbx_leaving_atom_flag'         
29 5 'Structure model' '_struct_conn.ptnr1_auth_asym_id'             
30 5 'Structure model' '_struct_conn.ptnr1_auth_seq_id'              
31 5 'Structure model' '_struct_conn.ptnr1_label_atom_id'            
32 5 'Structure model' '_struct_conn.ptnr2_auth_asym_id'             
33 5 'Structure model' '_struct_conn.ptnr2_auth_seq_id'              
34 5 'Structure model' '_struct_conn.ptnr2_label_asym_id'            
35 5 'Structure model' '_struct_conn.ptnr2_label_atom_id'            
36 5 'Structure model' '_struct_ref_seq_dif.details'                 
37 6 'Structure model' '_atom_site.Cartn_x'                          
38 6 'Structure model' '_atom_site.Cartn_y'                          
39 6 'Structure model' '_atom_sites.fract_transf_matrix[1][1]'       
40 6 'Structure model' '_atom_sites.fract_transf_matrix[1][2]'       
41 6 'Structure model' '_atom_sites.fract_transf_matrix[2][1]'       
42 6 'Structure model' '_atom_sites.fract_transf_matrix[2][2]'       
43 6 'Structure model' '_chem_comp.pdbx_synonyms'                    
44 6 'Structure model' '_database_2.pdbx_DOI'                        
45 6 'Structure model' '_database_2.pdbx_database_accession'         
46 6 'Structure model' '_database_PDB_matrix.origx[1][1]'            
47 6 'Structure model' '_database_PDB_matrix.origx[1][2]'            
48 6 'Structure model' '_database_PDB_matrix.origx[2][1]'            
49 6 'Structure model' '_database_PDB_matrix.origx[2][2]'            
50 6 'Structure model' '_pdbx_validate_planes.rmsd'                  
51 6 'Structure model' '_pdbx_validate_rmsd_angle.angle_deviation'   
52 6 'Structure model' '_pdbx_validate_rmsd_angle.angle_value'       
53 6 'Structure model' '_struct_conn.pdbx_dist_value'                
# 
_database_PDB_caveat.id     1 
_database_PDB_caveat.text   'NAG B 2 HAS WRONG CHIRALITY AT ATOM C2' 
# 
_pdbx_database_status.status_code                     REL 
_pdbx_database_status.entry_id                        1LMO 
_pdbx_database_status.recvd_initial_deposition_date   1994-10-25 
_pdbx_database_status.deposit_site                    ? 
_pdbx_database_status.process_site                    BNL 
_pdbx_database_status.status_code_sf                  REL 
_pdbx_database_status.status_code_mr                  ? 
_pdbx_database_status.SG_entry                        ? 
_pdbx_database_status.pdb_format_compatible           Y 
_pdbx_database_status.status_code_cs                  ? 
_pdbx_database_status.methods_development_category    ? 
_pdbx_database_status.status_code_nmr_data            ? 
# 
loop_
_audit_author.name 
_audit_author.pdbx_ordinal 
'Karlsen, S.' 1 
'Hough, E.'   2 
# 
loop_
_citation.id 
_citation.title 
_citation.journal_abbrev 
_citation.journal_volume 
_citation.page_first 
_citation.page_last 
_citation.year 
_citation.journal_id_ASTM 
_citation.country 
_citation.journal_id_ISSN 
_citation.journal_id_CSD 
_citation.book_publisher 
_citation.pdbx_database_id_PubMed 
_citation.pdbx_database_id_DOI 
primary 
;Crystal structures of three complexes between chito-oligosaccharides and lysozyme from the rainbow trout. How distorted is the NAG sugar in site D?
;
'Acta Crystallogr.,Sect.D' 51  962 978 1995 ABCRE6 DK 0907-4449 0766 ? 15299765 10.1107/S0907444995005105 
1       'The Refined Crystal Structure of Lysozyme from Rainbow Trout (Oncorhynchus Mykiss)' 'To be Published'          ?   ?   ? 
?    ?      ?  ?         0353 ? ?        ?                         
2       'Purification and Characterization of Two Lysozymes from Rainbow Trout (Salmo Gairdneri)' Eur.J.Biochem.             173 
269 ?   1988 EJBCAI IX 0014-2956 0262 ? ?        ?                         
# 
loop_
_citation_author.citation_id 
_citation_author.name 
_citation_author.ordinal 
_citation_author.identifier_ORCID 
primary 'Karlsen, S.'    1  ? 
primary 'Hough, E.'      2  ? 
1       'Karlsen, S.'    3  ? 
1       'Eliassen, B.E.' 4  ? 
1       'Hansen, L.Kr.'  5  ? 
1       'Larsen, R.L.'   6  ? 
1       'Riise, B.W.'    7  ? 
1       'Smalaas, A.O.'  8  ? 
1       'Hough, E.'      9  ? 
1       'Grinde, B.'     10 ? 
2       'Grinde, B.'     11 ? 
2       'Jolles, J.'     12 ? 
2       'Jolles, P.'     13 ? 
# 
loop_
_entity.id 
_entity.type 
_entity.src_method 
_entity.pdbx_description 
_entity.formula_weight 
_entity.pdbx_number_of_molecules 
_entity.pdbx_ec 
_entity.pdbx_mutation 
_entity.pdbx_fragment 
_entity.details 
1 polymer  nat LYSOZYME                                                                                  14303.068 1   3.2.1.17 ? 
? ? 
2 branched man '2-acetamido-2-deoxy-beta-D-glucopyranose-(1-4)-2-acetamido-2-deoxy-beta-D-glucopyranose' 424.401   1   ?        ? 
? ? 
3 water    nat water                                                                                     18.015    113 ?        ? 
? ? 
# 
_entity_name_com.entity_id   1 
_entity_name_com.name        'MUCOPEPTIDE N-ACETYLMURAMYLHYDROLASE' 
# 
_entity_poly.entity_id                      1 
_entity_poly.type                           'polypeptide(L)' 
_entity_poly.nstd_linkage                   no 
_entity_poly.nstd_monomer                   no 
_entity_poly.pdbx_seq_one_letter_code       
;KVYDRCELARALKASGMDGYAGNSLPNWVCLSKWESSYNTQATNRNTDGSTDYGIFQINSRYWCDDGRTPGAKNVCGIRC
SQLLTDDLTVAIRCAKRVVLDPNGIGAWVAWRLHCQNQDLRSYVAGCGV
;
_entity_poly.pdbx_seq_one_letter_code_can   
;KVYDRCELARALKASGMDGYAGNSLPNWVCLSKWESSYNTQATNRNTDGSTDYGIFQINSRYWCDDGRTPGAKNVCGIRC
SQLLTDDLTVAIRCAKRVVLDPNGIGAWVAWRLHCQNQDLRSYVAGCGV
;
_entity_poly.pdbx_strand_id                 A 
_entity_poly.pdbx_target_identifier         ? 
# 
_pdbx_entity_nonpoly.entity_id   3 
_pdbx_entity_nonpoly.name        water 
_pdbx_entity_nonpoly.comp_id     HOH 
# 
loop_
_entity_poly_seq.entity_id 
_entity_poly_seq.num 
_entity_poly_seq.mon_id 
_entity_poly_seq.hetero 
1 1   LYS n 
1 2   VAL n 
1 3   TYR n 
1 4   ASP n 
1 5   ARG n 
1 6   CYS n 
1 7   GLU n 
1 8   LEU n 
1 9   ALA n 
1 10  ARG n 
1 11  ALA n 
1 12  LEU n 
1 13  LYS n 
1 14  ALA n 
1 15  SER n 
1 16  GLY n 
1 17  MET n 
1 18  ASP n 
1 19  GLY n 
1 20  TYR n 
1 21  ALA n 
1 22  GLY n 
1 23  ASN n 
1 24  SER n 
1 25  LEU n 
1 26  PRO n 
1 27  ASN n 
1 28  TRP n 
1 29  VAL n 
1 30  CYS n 
1 31  LEU n 
1 32  SER n 
1 33  LYS n 
1 34  TRP n 
1 35  GLU n 
1 36  SER n 
1 37  SER n 
1 38  TYR n 
1 39  ASN n 
1 40  THR n 
1 41  GLN n 
1 42  ALA n 
1 43  THR n 
1 44  ASN n 
1 45  ARG n 
1 46  ASN n 
1 47  THR n 
1 48  ASP n 
1 49  GLY n 
1 50  SER n 
1 51  THR n 
1 52  ASP n 
1 53  TYR n 
1 54  GLY n 
1 55  ILE n 
1 56  PHE n 
1 57  GLN n 
1 58  ILE n 
1 59  ASN n 
1 60  SER n 
1 61  ARG n 
1 62  TYR n 
1 63  TRP n 
1 64  CYS n 
1 65  ASP n 
1 66  ASP n 
1 67  GLY n 
1 68  ARG n 
1 69  THR n 
1 70  PRO n 
1 71  GLY n 
1 72  ALA n 
1 73  LYS n 
1 74  ASN n 
1 75  VAL n 
1 76  CYS n 
1 77  GLY n 
1 78  ILE n 
1 79  ARG n 
1 80  CYS n 
1 81  SER n 
1 82  GLN n 
1 83  LEU n 
1 84  LEU n 
1 85  THR n 
1 86  ASP n 
1 87  ASP n 
1 88  LEU n 
1 89  THR n 
1 90  VAL n 
1 91  ALA n 
1 92  ILE n 
1 93  ARG n 
1 94  CYS n 
1 95  ALA n 
1 96  LYS n 
1 97  ARG n 
1 98  VAL n 
1 99  VAL n 
1 100 LEU n 
1 101 ASP n 
1 102 PRO n 
1 103 ASN n 
1 104 GLY n 
1 105 ILE n 
1 106 GLY n 
1 107 ALA n 
1 108 TRP n 
1 109 VAL n 
1 110 ALA n 
1 111 TRP n 
1 112 ARG n 
1 113 LEU n 
1 114 HIS n 
1 115 CYS n 
1 116 GLN n 
1 117 ASN n 
1 118 GLN n 
1 119 ASP n 
1 120 LEU n 
1 121 ARG n 
1 122 SER n 
1 123 TYR n 
1 124 VAL n 
1 125 ALA n 
1 126 GLY n 
1 127 CYS n 
1 128 GLY n 
1 129 VAL n 
# 
_entity_src_nat.entity_id                  1 
_entity_src_nat.pdbx_src_id                1 
_entity_src_nat.pdbx_alt_source_flag       sample 
_entity_src_nat.pdbx_beg_seq_num           ? 
_entity_src_nat.pdbx_end_seq_num           ? 
_entity_src_nat.common_name                'rainbow trout' 
_entity_src_nat.pdbx_organism_scientific   'Oncorhynchus mykiss' 
_entity_src_nat.pdbx_ncbi_taxonomy_id      8022 
_entity_src_nat.genus                      Oncorhynchus 
_entity_src_nat.species                    ? 
_entity_src_nat.strain                     ? 
_entity_src_nat.tissue                     ? 
_entity_src_nat.tissue_fraction            ? 
_entity_src_nat.pdbx_secretion             ? 
_entity_src_nat.pdbx_fragment              ? 
_entity_src_nat.pdbx_variant               ? 
_entity_src_nat.pdbx_cell_line             ? 
_entity_src_nat.pdbx_atcc                  ? 
_entity_src_nat.pdbx_cellular_location     ? 
_entity_src_nat.pdbx_organ                 KIDNEY 
_entity_src_nat.pdbx_organelle             ? 
_entity_src_nat.pdbx_cell                  ? 
_entity_src_nat.pdbx_plasmid_name          ? 
_entity_src_nat.pdbx_plasmid_details       ? 
_entity_src_nat.details                    ? 
# 
_pdbx_entity_branch.entity_id   2 
_pdbx_entity_branch.type        oligosaccharide 
# 
loop_
_pdbx_entity_branch_descriptor.ordinal 
_pdbx_entity_branch_descriptor.entity_id 
_pdbx_entity_branch_descriptor.descriptor 
_pdbx_entity_branch_descriptor.type 
_pdbx_entity_branch_descriptor.program 
_pdbx_entity_branch_descriptor.program_version 
1 2 DGlcpNAcb1-4DGlcpNAcb1-ROH                            'Glycam Condensed Sequence' GMML       1.0   
2 2 'WURCS=2.0/1,2,1/[a2122h-1b_1-5_2*NCC/3=O]/1-1/a4-b1' WURCS                       PDB2Glycan 1.1.0 
3 2 '[][b-D-GlcpNAc]{[(4+1)][b-D-GlcpNAc]{}}'             LINUCS                      PDB-CARE   ?     
# 
_pdbx_entity_branch_link.link_id                    1 
_pdbx_entity_branch_link.entity_id                  2 
_pdbx_entity_branch_link.entity_branch_list_num_1   2 
_pdbx_entity_branch_link.comp_id_1                  NAG 
_pdbx_entity_branch_link.atom_id_1                  C1 
_pdbx_entity_branch_link.leaving_atom_id_1          O1 
_pdbx_entity_branch_link.entity_branch_list_num_2   1 
_pdbx_entity_branch_link.comp_id_2                  NAG 
_pdbx_entity_branch_link.atom_id_2                  O4 
_pdbx_entity_branch_link.leaving_atom_id_2          HO4 
_pdbx_entity_branch_link.value_order                sing 
_pdbx_entity_branch_link.details                    ? 
# 
loop_
_chem_comp.id 
_chem_comp.type 
_chem_comp.mon_nstd_flag 
_chem_comp.name 
_chem_comp.pdbx_synonyms 
_chem_comp.formula 
_chem_comp.formula_weight 
ALA 'L-peptide linking'          y ALANINE                                  ? 'C3 H7 N O2'     89.093  
ARG 'L-peptide linking'          y ARGININE                                 ? 'C6 H15 N4 O2 1' 175.209 
ASN 'L-peptide linking'          y ASPARAGINE                               ? 'C4 H8 N2 O3'    132.118 
ASP 'L-peptide linking'          y 'ASPARTIC ACID'                          ? 'C4 H7 N O4'     133.103 
CYS 'L-peptide linking'          y CYSTEINE                                 ? 'C3 H7 N O2 S'   121.158 
GLN 'L-peptide linking'          y GLUTAMINE                                ? 'C5 H10 N2 O3'   146.144 
GLU 'L-peptide linking'          y 'GLUTAMIC ACID'                          ? 'C5 H9 N O4'     147.129 
GLY 'peptide linking'            y GLYCINE                                  ? 'C2 H5 N O2'     75.067  
HIS 'L-peptide linking'          y HISTIDINE                                ? 'C6 H10 N3 O2 1' 156.162 
HOH non-polymer                  . WATER                                    ? 'H2 O'           18.015  
ILE 'L-peptide linking'          y ISOLEUCINE                               ? 'C6 H13 N O2'    131.173 
LEU 'L-peptide linking'          y LEUCINE                                  ? 'C6 H13 N O2'    131.173 
LYS 'L-peptide linking'          y LYSINE                                   ? 'C6 H15 N2 O2 1' 147.195 
MET 'L-peptide linking'          y METHIONINE                               ? 'C5 H11 N O2 S'  149.211 
NAG 'D-saccharide, beta linking' . 2-acetamido-2-deoxy-beta-D-glucopyranose 
;N-acetyl-beta-D-glucosamine; 2-acetamido-2-deoxy-beta-D-glucose; 2-acetamido-2-deoxy-D-glucose; 2-acetamido-2-deoxy-glucose; N-ACETYL-D-GLUCOSAMINE
;
'C8 H15 N O6'    221.208 
PHE 'L-peptide linking'          y PHENYLALANINE                            ? 'C9 H11 N O2'    165.189 
PRO 'L-peptide linking'          y PROLINE                                  ? 'C5 H9 N O2'     115.130 
SER 'L-peptide linking'          y SERINE                                   ? 'C3 H7 N O3'     105.093 
THR 'L-peptide linking'          y THREONINE                                ? 'C4 H9 N O3'     119.119 
TRP 'L-peptide linking'          y TRYPTOPHAN                               ? 'C11 H12 N2 O2'  204.225 
TYR 'L-peptide linking'          y TYROSINE                                 ? 'C9 H11 N O3'    181.189 
VAL 'L-peptide linking'          y VALINE                                   ? 'C5 H11 N O2'    117.146 
# 
loop_
_pdbx_chem_comp_identifier.comp_id 
_pdbx_chem_comp_identifier.type 
_pdbx_chem_comp_identifier.program 
_pdbx_chem_comp_identifier.program_version 
_pdbx_chem_comp_identifier.identifier 
NAG 'CONDENSED IUPAC CARBOHYDRATE SYMBOL' GMML     1.0 DGlcpNAcb                      
NAG 'COMMON NAME'                         GMML     1.0 N-acetyl-b-D-glucopyranosamine 
NAG 'IUPAC CARBOHYDRATE SYMBOL'           PDB-CARE 1.0 b-D-GlcpNAc                    
NAG 'SNFG CARBOHYDRATE SYMBOL'            GMML     1.0 GlcNAc                         
# 
loop_
_pdbx_poly_seq_scheme.asym_id 
_pdbx_poly_seq_scheme.entity_id 
_pdbx_poly_seq_scheme.seq_id 
_pdbx_poly_seq_scheme.mon_id 
_pdbx_poly_seq_scheme.ndb_seq_num 
_pdbx_poly_seq_scheme.pdb_seq_num 
_pdbx_poly_seq_scheme.auth_seq_num 
_pdbx_poly_seq_scheme.pdb_mon_id 
_pdbx_poly_seq_scheme.auth_mon_id 
_pdbx_poly_seq_scheme.pdb_strand_id 
_pdbx_poly_seq_scheme.pdb_ins_code 
_pdbx_poly_seq_scheme.hetero 
A 1 1   LYS 1   1   1   LYS LYS A . n 
A 1 2   VAL 2   2   2   VAL VAL A . n 
A 1 3   TYR 3   3   3   TYR TYR A . n 
A 1 4   ASP 4   4   4   ASP ASP A . n 
A 1 5   ARG 5   5   5   ARG ARG A . n 
A 1 6   CYS 6   6   6   CYS CYS A . n 
A 1 7   GLU 7   7   7   GLU GLU A . n 
A 1 8   LEU 8   8   8   LEU LEU A . n 
A 1 9   ALA 9   9   9   ALA ALA A . n 
A 1 10  ARG 10  10  10  ARG ARG A . n 
A 1 11  ALA 11  11  11  ALA ALA A . n 
A 1 12  LEU 12  12  12  LEU LEU A . n 
A 1 13  LYS 13  13  13  LYS LYS A . n 
A 1 14  ALA 14  14  14  ALA ALA A . n 
A 1 15  SER 15  15  15  SER SER A . n 
A 1 16  GLY 16  16  16  GLY GLY A . n 
A 1 17  MET 17  17  17  MET MET A . n 
A 1 18  ASP 18  18  18  ASP ASP A . n 
A 1 19  GLY 19  19  19  GLY GLY A . n 
A 1 20  TYR 20  20  20  TYR TYR A . n 
A 1 21  ALA 21  21  21  ALA ALA A . n 
A 1 22  GLY 22  22  22  GLY GLY A . n 
A 1 23  ASN 23  23  23  ASN ASN A . n 
A 1 24  SER 24  24  24  SER SER A . n 
A 1 25  LEU 25  25  25  LEU LEU A . n 
A 1 26  PRO 26  26  26  PRO PRO A . n 
A 1 27  ASN 27  27  27  ASN ASN A . n 
A 1 28  TRP 28  28  28  TRP TRP A . n 
A 1 29  VAL 29  29  29  VAL VAL A . n 
A 1 30  CYS 30  30  30  CYS CYS A . n 
A 1 31  LEU 31  31  31  LEU LEU A . n 
A 1 32  SER 32  32  32  SER SER A . n 
A 1 33  LYS 33  33  33  LYS LYS A . n 
A 1 34  TRP 34  34  34  TRP TRP A . n 
A 1 35  GLU 35  35  35  GLU GLU A . n 
A 1 36  SER 36  36  36  SER SER A . n 
A 1 37  SER 37  37  37  SER SER A . n 
A 1 38  TYR 38  38  38  TYR TYR A . n 
A 1 39  ASN 39  39  39  ASN ASN A . n 
A 1 40  THR 40  40  40  THR THR A . n 
A 1 41  GLN 41  41  41  GLN GLN A . n 
A 1 42  ALA 42  42  42  ALA ALA A . n 
A 1 43  THR 43  43  43  THR THR A . n 
A 1 44  ASN 44  44  44  ASN ASN A . n 
A 1 45  ARG 45  45  45  ARG ARG A . n 
A 1 46  ASN 46  46  46  ASN ASN A . n 
A 1 47  THR 47  47  47  THR THR A . n 
A 1 48  ASP 48  48  48  ASP ASP A . n 
A 1 49  GLY 49  49  49  GLY GLY A . n 
A 1 50  SER 50  50  50  SER SER A . n 
A 1 51  THR 51  51  51  THR THR A . n 
A 1 52  ASP 52  52  52  ASP ASP A . n 
A 1 53  TYR 53  53  53  TYR TYR A . n 
A 1 54  GLY 54  54  54  GLY GLY A . n 
A 1 55  ILE 55  55  55  ILE ILE A . n 
A 1 56  PHE 56  56  56  PHE PHE A . n 
A 1 57  GLN 57  57  57  GLN GLN A . n 
A 1 58  ILE 58  58  58  ILE ILE A . n 
A 1 59  ASN 59  59  59  ASN ASN A . n 
A 1 60  SER 60  60  60  SER SER A . n 
A 1 61  ARG 61  61  61  ARG ARG A . n 
A 1 62  TYR 62  62  62  TYR TYR A . n 
A 1 63  TRP 63  63  63  TRP TRP A . n 
A 1 64  CYS 64  64  64  CYS CYS A . n 
A 1 65  ASP 65  65  65  ASP ASP A . n 
A 1 66  ASP 66  66  66  ASP ASP A . n 
A 1 67  GLY 67  67  67  GLY GLY A . n 
A 1 68  ARG 68  68  68  ARG ARG A . n 
A 1 69  THR 69  69  69  THR THR A . n 
A 1 70  PRO 70  70  70  PRO PRO A . n 
A 1 71  GLY 71  71  71  GLY GLY A . n 
A 1 72  ALA 72  72  72  ALA ALA A . n 
A 1 73  LYS 73  73  73  LYS LYS A . n 
A 1 74  ASN 74  74  74  ASN ASN A . n 
A 1 75  VAL 75  75  75  VAL VAL A . n 
A 1 76  CYS 76  76  76  CYS CYS A . n 
A 1 77  GLY 77  77  77  GLY GLY A . n 
A 1 78  ILE 78  78  78  ILE ILE A . n 
A 1 79  ARG 79  79  79  ARG ARG A . n 
A 1 80  CYS 80  80  80  CYS CYS A . n 
A 1 81  SER 81  81  81  SER SER A . n 
A 1 82  GLN 82  82  82  GLN GLN A . n 
A 1 83  LEU 83  83  83  LEU LEU A . n 
A 1 84  LEU 84  84  84  LEU LEU A . n 
A 1 85  THR 85  85  85  THR THR A . n 
A 1 86  ASP 86  86  86  ASP ASP A . n 
A 1 87  ASP 87  87  87  ASP ASP A . n 
A 1 88  LEU 88  88  88  LEU LEU A . n 
A 1 89  THR 89  89  89  THR THR A . n 
A 1 90  VAL 90  90  90  VAL VAL A . n 
A 1 91  ALA 91  91  91  ALA ALA A . n 
A 1 92  ILE 92  92  92  ILE ILE A . n 
A 1 93  ARG 93  93  93  ARG ARG A . n 
A 1 94  CYS 94  94  94  CYS CYS A . n 
A 1 95  ALA 95  95  95  ALA ALA A . n 
A 1 96  LYS 96  96  96  LYS LYS A . n 
A 1 97  ARG 97  97  97  ARG ARG A . n 
A 1 98  VAL 98  98  98  VAL VAL A . n 
A 1 99  VAL 99  99  99  VAL VAL A . n 
A 1 100 LEU 100 100 100 LEU LEU A . n 
A 1 101 ASP 101 101 101 ASP ASP A . n 
A 1 102 PRO 102 102 102 PRO PRO A . n 
A 1 103 ASN 103 103 103 ASN ASN A . n 
A 1 104 GLY 104 104 104 GLY GLY A . n 
A 1 105 ILE 105 105 105 ILE ILE A . n 
A 1 106 GLY 106 106 106 GLY GLY A . n 
A 1 107 ALA 107 107 107 ALA ALA A . n 
A 1 108 TRP 108 108 108 TRP TRP A . n 
A 1 109 VAL 109 109 109 VAL VAL A . n 
A 1 110 ALA 110 110 110 ALA ALA A . n 
A 1 111 TRP 111 111 111 TRP TRP A . n 
A 1 112 ARG 112 112 112 ARG ARG A . n 
A 1 113 LEU 113 113 113 LEU LEU A . n 
A 1 114 HIS 114 114 114 HIS HIS A . n 
A 1 115 CYS 115 115 115 CYS CYS A . n 
A 1 116 GLN 116 116 116 GLN GLN A . n 
A 1 117 ASN 117 117 117 ASN ASN A . n 
A 1 118 GLN 118 118 118 GLN GLN A . n 
A 1 119 ASP 119 119 119 ASP ASP A . n 
A 1 120 LEU 120 120 120 LEU LEU A . n 
A 1 121 ARG 121 121 121 ARG ARG A . n 
A 1 122 SER 122 122 122 SER SER A . n 
A 1 123 TYR 123 123 123 TYR TYR A . n 
A 1 124 VAL 124 124 124 VAL VAL A . n 
A 1 125 ALA 125 125 125 ALA ALA A . n 
A 1 126 GLY 126 126 126 GLY GLY A . n 
A 1 127 CYS 127 127 127 CYS CYS A . n 
A 1 128 GLY 128 128 128 GLY GLY A . n 
A 1 129 VAL 129 129 129 VAL VAL A . n 
# 
loop_
_pdbx_branch_scheme.asym_id 
_pdbx_branch_scheme.entity_id 
_pdbx_branch_scheme.mon_id 
_pdbx_branch_scheme.num 
_pdbx_branch_scheme.pdb_asym_id 
_pdbx_branch_scheme.pdb_mon_id 
_pdbx_branch_scheme.pdb_seq_num 
_pdbx_branch_scheme.auth_asym_id 
_pdbx_branch_scheme.auth_mon_id 
_pdbx_branch_scheme.auth_seq_num 
_pdbx_branch_scheme.hetero 
B 2 NAG 1 B NAG 1 ? NAG 131 n 
B 2 NAG 2 B NAG 2 ? NAG 130 n 
# 
loop_
_pdbx_nonpoly_scheme.asym_id 
_pdbx_nonpoly_scheme.entity_id 
_pdbx_nonpoly_scheme.mon_id 
_pdbx_nonpoly_scheme.ndb_seq_num 
_pdbx_nonpoly_scheme.pdb_seq_num 
_pdbx_nonpoly_scheme.auth_seq_num 
_pdbx_nonpoly_scheme.pdb_mon_id 
_pdbx_nonpoly_scheme.auth_mon_id 
_pdbx_nonpoly_scheme.pdb_strand_id 
_pdbx_nonpoly_scheme.pdb_ins_code 
C 3 HOH 1   134 134 HOH HOH A . 
C 3 HOH 2   135 135 HOH HOH A . 
C 3 HOH 3   136 136 HOH HOH A . 
C 3 HOH 4   137 137 HOH HOH A . 
C 3 HOH 5   138 138 HOH HOH A . 
C 3 HOH 6   139 139 HOH HOH A . 
C 3 HOH 7   140 140 HOH HOH A . 
C 3 HOH 8   141 141 HOH HOH A . 
C 3 HOH 9   142 142 HOH HOH A . 
C 3 HOH 10  143 143 HOH HOH A . 
C 3 HOH 11  144 144 HOH HOH A . 
C 3 HOH 12  145 145 HOH HOH A . 
C 3 HOH 13  146 146 HOH HOH A . 
C 3 HOH 14  147 147 HOH HOH A . 
C 3 HOH 15  148 148 HOH HOH A . 
C 3 HOH 16  149 149 HOH HOH A . 
C 3 HOH 17  150 150 HOH HOH A . 
C 3 HOH 18  151 151 HOH HOH A . 
C 3 HOH 19  152 152 HOH HOH A . 
C 3 HOH 20  153 153 HOH HOH A . 
C 3 HOH 21  154 154 HOH HOH A . 
C 3 HOH 22  155 155 HOH HOH A . 
C 3 HOH 23  156 156 HOH HOH A . 
C 3 HOH 24  157 157 HOH HOH A . 
C 3 HOH 25  158 158 HOH HOH A . 
C 3 HOH 26  159 159 HOH HOH A . 
C 3 HOH 27  160 160 HOH HOH A . 
C 3 HOH 28  161 161 HOH HOH A . 
C 3 HOH 29  162 162 HOH HOH A . 
C 3 HOH 30  163 163 HOH HOH A . 
C 3 HOH 31  164 164 HOH HOH A . 
C 3 HOH 32  165 165 HOH HOH A . 
C 3 HOH 33  166 166 HOH HOH A . 
C 3 HOH 34  167 167 HOH HOH A . 
C 3 HOH 35  168 168 HOH HOH A . 
C 3 HOH 36  169 169 HOH HOH A . 
C 3 HOH 37  170 170 HOH HOH A . 
C 3 HOH 38  171 171 HOH HOH A . 
C 3 HOH 39  172 172 HOH HOH A . 
C 3 HOH 40  173 173 HOH HOH A . 
C 3 HOH 41  174 174 HOH HOH A . 
C 3 HOH 42  175 175 HOH HOH A . 
C 3 HOH 43  176 176 HOH HOH A . 
C 3 HOH 44  177 177 HOH HOH A . 
C 3 HOH 45  178 178 HOH HOH A . 
C 3 HOH 46  179 179 HOH HOH A . 
C 3 HOH 47  180 180 HOH HOH A . 
C 3 HOH 48  181 181 HOH HOH A . 
C 3 HOH 49  182 182 HOH HOH A . 
C 3 HOH 50  183 183 HOH HOH A . 
C 3 HOH 51  184 184 HOH HOH A . 
C 3 HOH 52  185 185 HOH HOH A . 
C 3 HOH 53  186 186 HOH HOH A . 
C 3 HOH 54  187 187 HOH HOH A . 
C 3 HOH 55  188 188 HOH HOH A . 
C 3 HOH 56  189 189 HOH HOH A . 
C 3 HOH 57  190 190 HOH HOH A . 
C 3 HOH 58  191 191 HOH HOH A . 
C 3 HOH 59  192 192 HOH HOH A . 
C 3 HOH 60  193 193 HOH HOH A . 
C 3 HOH 61  194 194 HOH HOH A . 
C 3 HOH 62  195 195 HOH HOH A . 
C 3 HOH 63  196 196 HOH HOH A . 
C 3 HOH 64  197 197 HOH HOH A . 
C 3 HOH 65  198 198 HOH HOH A . 
C 3 HOH 66  199 199 HOH HOH A . 
C 3 HOH 67  200 200 HOH HOH A . 
C 3 HOH 68  201 201 HOH HOH A . 
C 3 HOH 69  202 202 HOH HOH A . 
C 3 HOH 70  203 203 HOH HOH A . 
C 3 HOH 71  204 204 HOH HOH A . 
C 3 HOH 72  205 205 HOH HOH A . 
C 3 HOH 73  206 206 HOH HOH A . 
C 3 HOH 74  207 207 HOH HOH A . 
C 3 HOH 75  208 208 HOH HOH A . 
C 3 HOH 76  209 209 HOH HOH A . 
C 3 HOH 77  210 210 HOH HOH A . 
C 3 HOH 78  211 211 HOH HOH A . 
C 3 HOH 79  212 212 HOH HOH A . 
C 3 HOH 80  213 213 HOH HOH A . 
C 3 HOH 81  214 214 HOH HOH A . 
C 3 HOH 82  215 215 HOH HOH A . 
C 3 HOH 83  216 216 HOH HOH A . 
C 3 HOH 84  217 217 HOH HOH A . 
C 3 HOH 85  218 218 HOH HOH A . 
C 3 HOH 86  219 219 HOH HOH A . 
C 3 HOH 87  220 220 HOH HOH A . 
C 3 HOH 88  221 221 HOH HOH A . 
C 3 HOH 89  222 222 HOH HOH A . 
C 3 HOH 90  223 223 HOH HOH A . 
C 3 HOH 91  224 224 HOH HOH A . 
C 3 HOH 92  225 225 HOH HOH A . 
C 3 HOH 93  226 226 HOH HOH A . 
C 3 HOH 94  227 227 HOH HOH A . 
C 3 HOH 95  228 228 HOH HOH A . 
C 3 HOH 96  229 229 HOH HOH A . 
C 3 HOH 97  230 230 HOH HOH A . 
C 3 HOH 98  231 231 HOH HOH A . 
C 3 HOH 99  232 232 HOH HOH A . 
C 3 HOH 100 233 233 HOH HOH A . 
C 3 HOH 101 234 234 HOH HOH A . 
C 3 HOH 102 235 235 HOH HOH A . 
C 3 HOH 103 236 236 HOH HOH A . 
C 3 HOH 104 237 237 HOH HOH A . 
C 3 HOH 105 238 238 HOH HOH A . 
C 3 HOH 106 239 239 HOH HOH A . 
C 3 HOH 107 240 240 HOH HOH A . 
C 3 HOH 108 241 241 HOH HOH A . 
C 3 HOH 109 242 242 HOH HOH A . 
C 3 HOH 110 243 243 HOH HOH A . 
C 3 HOH 111 244 244 HOH HOH A . 
C 3 HOH 112 245 245 HOH HOH A . 
C 3 HOH 113 246 246 HOH HOH A . 
# 
loop_
_software.name 
_software.classification 
_software.version 
_software.citation_id 
_software.pdbx_ordinal 
MADNES 'data collection' . ? 1 
PROLSQ refinement        . ? 2 
MADNES 'data reduction'  . ? 3 
# 
_cell.entry_id           1LMO 
_cell.length_a           76.460 
_cell.length_b           76.460 
_cell.length_c           54.220 
_cell.angle_alpha        90.00 
_cell.angle_beta         90.00 
_cell.angle_gamma        120.00 
_cell.Z_PDB              6 
_cell.pdbx_unique_axis   ? 
# 
_symmetry.entry_id                         1LMO 
_symmetry.space_group_name_H-M             'P 31 2 1' 
_symmetry.pdbx_full_space_group_name_H-M   ? 
_symmetry.cell_setting                     ? 
_symmetry.Int_Tables_number                152 
# 
_exptl.entry_id          1LMO 
_exptl.method            'X-RAY DIFFRACTION' 
_exptl.crystals_number   1 
# 
_exptl_crystal.id                    1 
_exptl_crystal.density_meas          ? 
_exptl_crystal.density_Matthews      3.20 
_exptl_crystal.density_percent_sol   61.54 
_exptl_crystal.description           ? 
# 
_diffrn.id                     1 
_diffrn.ambient_temp           ? 
_diffrn.ambient_temp_details   ? 
_diffrn.crystal_id             1 
# 
_diffrn_detector.diffrn_id              1 
_diffrn_detector.detector               DIFFRACTOMETER 
_diffrn_detector.type                   'ENRAF-NONIUS FAST' 
_diffrn_detector.pdbx_collection_date   1993-10 
_diffrn_detector.details                ? 
# 
_diffrn_radiation.diffrn_id                        1 
_diffrn_radiation.wavelength_id                    1 
_diffrn_radiation.pdbx_monochromatic_or_laue_m_l   M 
_diffrn_radiation.monochromator                    ? 
_diffrn_radiation.pdbx_diffrn_protocol             ? 
_diffrn_radiation.pdbx_scattering_type             x-ray 
# 
_diffrn_radiation_wavelength.id           1 
_diffrn_radiation_wavelength.wavelength   1.5418 
_diffrn_radiation_wavelength.wt           1.0 
# 
_diffrn_source.diffrn_id                   1 
_diffrn_source.source                      ? 
_diffrn_source.type                        ? 
_diffrn_source.pdbx_synchrotron_site       ? 
_diffrn_source.pdbx_synchrotron_beamline   ? 
_diffrn_source.pdbx_wavelength             ? 
_diffrn_source.pdbx_wavelength_list        1.5418 
# 
_reflns.entry_id                     1LMO 
_reflns.observed_criterion_sigma_I   3. 
_reflns.observed_criterion_sigma_F   ? 
_reflns.d_resolution_low             ? 
_reflns.d_resolution_high            ? 
_reflns.number_obs                   15737 
_reflns.number_all                   ? 
_reflns.percent_possible_obs         91.3 
_reflns.pdbx_Rmerge_I_obs            0.033 
_reflns.pdbx_Rsym_value              ? 
_reflns.pdbx_netI_over_sigmaI        ? 
_reflns.B_iso_Wilson_estimate        ? 
_reflns.pdbx_redundancy              ? 
_reflns.pdbx_ordinal                 1 
_reflns.pdbx_diffrn_id               1 
# 
_refine.entry_id                                 1LMO 
_refine.ls_number_reflns_obs                     15737 
_refine.ls_number_reflns_all                     ? 
_refine.pdbx_ls_sigma_I                          ? 
_refine.pdbx_ls_sigma_F                          3.0 
_refine.pdbx_data_cutoff_high_absF               ? 
_refine.pdbx_data_cutoff_low_absF                ? 
_refine.pdbx_data_cutoff_high_rms_absF           ? 
_refine.ls_d_res_low                             8.0 
_refine.ls_d_res_high                            1.8 
_refine.ls_percent_reflns_obs                    ? 
_refine.ls_R_factor_obs                          0.166 
_refine.ls_R_factor_all                          ? 
_refine.ls_R_factor_R_work                       ? 
_refine.ls_R_factor_R_free                       ? 
_refine.ls_R_factor_R_free_error                 ? 
_refine.ls_R_factor_R_free_error_details         ? 
_refine.ls_percent_reflns_R_free                 ? 
_refine.ls_number_reflns_R_free                  ? 
_refine.ls_number_parameters                     ? 
_refine.ls_number_restraints                     ? 
_refine.occupancy_min                            ? 
_refine.occupancy_max                            ? 
_refine.B_iso_mean                               ? 
_refine.aniso_B[1][1]                            ? 
_refine.aniso_B[2][2]                            ? 
_refine.aniso_B[3][3]                            ? 
_refine.aniso_B[1][2]                            ? 
_refine.aniso_B[1][3]                            ? 
_refine.aniso_B[2][3]                            ? 
_refine.solvent_model_details                    ? 
_refine.solvent_model_param_ksol                 ? 
_refine.solvent_model_param_bsol                 ? 
_refine.pdbx_ls_cross_valid_method               ? 
_refine.details                                  ? 
_refine.pdbx_starting_model                      ? 
_refine.pdbx_method_to_determine_struct          ? 
_refine.pdbx_isotropic_thermal_model             ? 
_refine.pdbx_stereochemistry_target_values       ? 
_refine.pdbx_stereochem_target_val_spec_case     ? 
_refine.pdbx_R_Free_selection_details            ? 
_refine.pdbx_overall_ESU_R                       ? 
_refine.pdbx_overall_ESU_R_Free                  ? 
_refine.overall_SU_ML                            ? 
_refine.overall_SU_B                             ? 
_refine.pdbx_refine_id                           'X-RAY DIFFRACTION' 
_refine.pdbx_diffrn_id                           1 
_refine.pdbx_TLS_residual_ADP_flag               ? 
_refine.correlation_coeff_Fo_to_Fc               ? 
_refine.correlation_coeff_Fo_to_Fc_free          ? 
_refine.pdbx_solvent_vdw_probe_radii             ? 
_refine.pdbx_solvent_ion_probe_radii             ? 
_refine.pdbx_solvent_shrinkage_radii             ? 
_refine.pdbx_overall_phase_error                 ? 
_refine.overall_SU_R_Cruickshank_DPI             ? 
_refine.pdbx_overall_SU_R_free_Cruickshank_DPI   ? 
_refine.pdbx_overall_SU_R_Blow_DPI               ? 
_refine.pdbx_overall_SU_R_free_Blow_DPI          ? 
# 
_refine_hist.pdbx_refine_id                   'X-RAY DIFFRACTION' 
_refine_hist.cycle_id                         LAST 
_refine_hist.pdbx_number_atoms_protein        999 
_refine_hist.pdbx_number_atoms_nucleic_acid   0 
_refine_hist.pdbx_number_atoms_ligand         29 
_refine_hist.number_atoms_solvent             113 
_refine_hist.number_atoms_total               1141 
_refine_hist.d_res_high                       1.8 
_refine_hist.d_res_low                        8.0 
# 
loop_
_refine_ls_restr.type 
_refine_ls_restr.dev_ideal 
_refine_ls_restr.dev_ideal_target 
_refine_ls_restr.weight 
_refine_ls_restr.number 
_refine_ls_restr.pdbx_refine_id 
_refine_ls_restr.pdbx_restraint_function 
p_bond_d            0.013 0.020 ? ? 'X-RAY DIFFRACTION' ? 
p_angle_d           0.045 0.040 ? ? 'X-RAY DIFFRACTION' ? 
p_angle_deg         ?     ?     ? ? 'X-RAY DIFFRACTION' ? 
p_planar_d          0.074 0.050 ? ? 'X-RAY DIFFRACTION' ? 
p_hb_or_metal_coord ?     ?     ? ? 'X-RAY DIFFRACTION' ? 
p_mcbond_it         ?     ?     ? ? 'X-RAY DIFFRACTION' ? 
p_mcangle_it        ?     ?     ? ? 'X-RAY DIFFRACTION' ? 
p_scbond_it         ?     ?     ? ? 'X-RAY DIFFRACTION' ? 
p_scangle_it        ?     ?     ? ? 'X-RAY DIFFRACTION' ? 
p_plane_restr       0.013 0.020 ? ? 'X-RAY DIFFRACTION' ? 
p_chiral_restr      0.039 0.060 ? ? 'X-RAY DIFFRACTION' ? 
p_singtor_nbd       0.181 0.030 ? ? 'X-RAY DIFFRACTION' ? 
p_multtor_nbd       0.189 0.300 ? ? 'X-RAY DIFFRACTION' ? 
p_xhyhbond_nbd      0.232 0.300 ? ? 'X-RAY DIFFRACTION' ? 
p_xyhbond_nbd       ?     ?     ? ? 'X-RAY DIFFRACTION' ? 
p_planar_tor        4.5   3.0   ? ? 'X-RAY DIFFRACTION' ? 
p_staggered_tor     16.6  15.0  ? ? 'X-RAY DIFFRACTION' ? 
p_orthonormal_tor   16.8  20.0  ? ? 'X-RAY DIFFRACTION' ? 
p_transverse_tor    ?     ?     ? ? 'X-RAY DIFFRACTION' ? 
p_special_tor       ?     ?     ? ? 'X-RAY DIFFRACTION' ? 
# 
_struct.entry_id                  1LMO 
_struct.title                     
'THE CRYSTAL STRUCTURES OF THREE COMPLEXES BETWEEN CHITOOLIGOSACCHARIDES AND LYSOZYME FROM THE RAINBOW TROUT' 
_struct.pdbx_model_details        ? 
_struct.pdbx_CASP_flag            ? 
_struct.pdbx_model_type_details   ? 
# 
_struct_keywords.entry_id        1LMO 
_struct_keywords.pdbx_keywords   'HYDROLASE (O-GLYCOSYL)' 
_struct_keywords.text            'HYDROLASE (O-GLYCOSYL)' 
# 
loop_
_struct_asym.id 
_struct_asym.pdbx_blank_PDB_chainid_flag 
_struct_asym.pdbx_modified 
_struct_asym.entity_id 
_struct_asym.details 
A N N 1 ? 
B N N 2 ? 
C N N 3 ? 
# 
_struct_ref.id                         1 
_struct_ref.db_name                    UNP 
_struct_ref.db_code                    LYC2_ONCMY 
_struct_ref.entity_id                  1 
_struct_ref.pdbx_db_accession          P11941 
_struct_ref.pdbx_align_begin           1 
_struct_ref.pdbx_seq_one_letter_code   
;MRAVVVLLLVAVASAKVYDRCELARALKASGMDGYAGNSLPNWVCLSKWESSYNTQATNRNTDGSTDYGIFQINSRYWCD
DGRTPGAKNVCGIRCSQLLTADLTVAIRCAKRVVLDPNGIGAWVAWRLHCQNQDLRSYVAGCGV
;
_struct_ref.pdbx_db_isoform            ? 
# 
_struct_ref_seq.align_id                      1 
_struct_ref_seq.ref_id                        1 
_struct_ref_seq.pdbx_PDB_id_code              1LMO 
_struct_ref_seq.pdbx_strand_id                A 
_struct_ref_seq.seq_align_beg                 1 
_struct_ref_seq.pdbx_seq_align_beg_ins_code   ? 
_struct_ref_seq.seq_align_end                 129 
_struct_ref_seq.pdbx_seq_align_end_ins_code   ? 
_struct_ref_seq.pdbx_db_accession             P11941 
_struct_ref_seq.db_align_beg                  16 
_struct_ref_seq.pdbx_db_align_beg_ins_code    ? 
_struct_ref_seq.db_align_end                  144 
_struct_ref_seq.pdbx_db_align_end_ins_code    ? 
_struct_ref_seq.pdbx_auth_seq_align_beg       1 
_struct_ref_seq.pdbx_auth_seq_align_end       129 
# 
_struct_ref_seq_dif.align_id                     1 
_struct_ref_seq_dif.pdbx_pdb_id_code             1LMO 
_struct_ref_seq_dif.mon_id                       ASP 
_struct_ref_seq_dif.pdbx_pdb_strand_id           A 
_struct_ref_seq_dif.seq_num                      86 
_struct_ref_seq_dif.pdbx_pdb_ins_code            ? 
_struct_ref_seq_dif.pdbx_seq_db_name             UNP 
_struct_ref_seq_dif.pdbx_seq_db_accession_code   P11941 
_struct_ref_seq_dif.db_mon_id                    ALA 
_struct_ref_seq_dif.pdbx_seq_db_seq_num          101 
_struct_ref_seq_dif.details                      conflict 
_struct_ref_seq_dif.pdbx_auth_seq_num            86 
_struct_ref_seq_dif.pdbx_ordinal                 1 
# 
_pdbx_struct_assembly.id                   1 
_pdbx_struct_assembly.details              author_defined_assembly 
_pdbx_struct_assembly.method_details       ? 
_pdbx_struct_assembly.oligomeric_details   monomeric 
_pdbx_struct_assembly.oligomeric_count     1 
# 
_pdbx_struct_assembly_gen.assembly_id       1 
_pdbx_struct_assembly_gen.oper_expression   1 
_pdbx_struct_assembly_gen.asym_id_list      A,B,C 
# 
_pdbx_struct_oper_list.id                   1 
_pdbx_struct_oper_list.type                 'identity operation' 
_pdbx_struct_oper_list.name                 1_555 
_pdbx_struct_oper_list.symmetry_operation   x,y,z 
_pdbx_struct_oper_list.matrix[1][1]         1.0000000000 
_pdbx_struct_oper_list.matrix[1][2]         0.0000000000 
_pdbx_struct_oper_list.matrix[1][3]         0.0000000000 
_pdbx_struct_oper_list.vector[1]            0.0000000000 
_pdbx_struct_oper_list.matrix[2][1]         0.0000000000 
_pdbx_struct_oper_list.matrix[2][2]         1.0000000000 
_pdbx_struct_oper_list.matrix[2][3]         0.0000000000 
_pdbx_struct_oper_list.vector[2]            0.0000000000 
_pdbx_struct_oper_list.matrix[3][1]         0.0000000000 
_pdbx_struct_oper_list.matrix[3][2]         0.0000000000 
_pdbx_struct_oper_list.matrix[3][3]         1.0000000000 
_pdbx_struct_oper_list.vector[3]            0.0000000000 
# 
_struct_biol.id   1 
# 
loop_
_struct_conf.conf_type_id 
_struct_conf.id 
_struct_conf.pdbx_PDB_helix_id 
_struct_conf.beg_label_comp_id 
_struct_conf.beg_label_asym_id 
_struct_conf.beg_label_seq_id 
_struct_conf.pdbx_beg_PDB_ins_code 
_struct_conf.end_label_comp_id 
_struct_conf.end_label_asym_id 
_struct_conf.end_label_seq_id 
_struct_conf.pdbx_end_PDB_ins_code 
_struct_conf.beg_auth_comp_id 
_struct_conf.beg_auth_asym_id 
_struct_conf.beg_auth_seq_id 
_struct_conf.end_auth_comp_id 
_struct_conf.end_auth_asym_id 
_struct_conf.end_auth_seq_id 
_struct_conf.pdbx_PDB_helix_class 
_struct_conf.details 
_struct_conf.pdbx_PDB_helix_length 
HELX_P HELX_P1 1 ARG A 5   ? ALA A 14  ? ARG A 5   ALA A 14  1 ? 10 
HELX_P HELX_P2 2 TYR A 20  ? GLY A 22  ? TYR A 20  GLY A 22  5 ? 3  
HELX_P HELX_P3 3 LEU A 25  ? SER A 36  ? LEU A 25  SER A 36  1 ? 12 
HELX_P HELX_P4 4 CYS A 80  ? LEU A 83  ? CYS A 80  LEU A 83  5 ? 4  
HELX_P HELX_P5 5 THR A 89  ? LEU A 100 ? THR A 89  LEU A 100 1 ? 12 
HELX_P HELX_P6 6 GLY A 104 ? ALA A 107 ? GLY A 104 ALA A 107 5 ? 4  
HELX_P HELX_P7 7 VAL A 109 ? HIS A 114 ? VAL A 109 HIS A 114 1 ? 6  
HELX_P HELX_P8 8 ARG A 121 ? TYR A 123 ? ARG A 121 TYR A 123 5 ? 3  
# 
_struct_conf_type.id          HELX_P 
_struct_conf_type.criteria    ? 
_struct_conf_type.reference   ? 
# 
loop_
_struct_conn.id 
_struct_conn.conn_type_id 
_struct_conn.pdbx_leaving_atom_flag 
_struct_conn.pdbx_PDB_id 
_struct_conn.ptnr1_label_asym_id 
_struct_conn.ptnr1_label_comp_id 
_struct_conn.ptnr1_label_seq_id 
_struct_conn.ptnr1_label_atom_id 
_struct_conn.pdbx_ptnr1_label_alt_id 
_struct_conn.pdbx_ptnr1_PDB_ins_code 
_struct_conn.pdbx_ptnr1_standard_comp_id 
_struct_conn.ptnr1_symmetry 
_struct_conn.ptnr2_label_asym_id 
_struct_conn.ptnr2_label_comp_id 
_struct_conn.ptnr2_label_seq_id 
_struct_conn.ptnr2_label_atom_id 
_struct_conn.pdbx_ptnr2_label_alt_id 
_struct_conn.pdbx_ptnr2_PDB_ins_code 
_struct_conn.ptnr1_auth_asym_id 
_struct_conn.ptnr1_auth_comp_id 
_struct_conn.ptnr1_auth_seq_id 
_struct_conn.ptnr2_auth_asym_id 
_struct_conn.ptnr2_auth_comp_id 
_struct_conn.ptnr2_auth_seq_id 
_struct_conn.ptnr2_symmetry 
_struct_conn.pdbx_ptnr3_label_atom_id 
_struct_conn.pdbx_ptnr3_label_seq_id 
_struct_conn.pdbx_ptnr3_label_comp_id 
_struct_conn.pdbx_ptnr3_label_asym_id 
_struct_conn.pdbx_ptnr3_label_alt_id 
_struct_conn.pdbx_ptnr3_PDB_ins_code 
_struct_conn.details 
_struct_conn.pdbx_dist_value 
_struct_conn.pdbx_value_order 
_struct_conn.pdbx_role 
disulf1 disulf ?    ? A CYS 6  SG ? ? ? 1_555 A CYS 127 SG ? ? A CYS 6  A CYS 127 1_555 ? ? ? ? ? ? ? 2.002 ? ? 
disulf2 disulf ?    ? A CYS 30 SG ? ? ? 1_555 A CYS 115 SG ? ? A CYS 30 A CYS 115 1_555 ? ? ? ? ? ? ? 2.029 ? ? 
disulf3 disulf ?    ? A CYS 64 SG ? ? ? 1_555 A CYS 80  SG ? ? A CYS 64 A CYS 80  1_555 ? ? ? ? ? ? ? 2.038 ? ? 
disulf4 disulf ?    ? A CYS 76 SG ? ? ? 1_555 A CYS 94  SG ? ? A CYS 76 A CYS 94  1_555 ? ? ? ? ? ? ? 2.026 ? ? 
covale1 covale both ? B NAG .  O4 ? ? ? 1_555 B NAG .   C1 ? ? B NAG 1  B NAG 2   1_555 ? ? ? ? ? ? ? 1.390 ? ? 
# 
loop_
_struct_conn_type.id 
_struct_conn_type.criteria 
_struct_conn_type.reference 
disulf ? ? 
covale ? ? 
# 
loop_
_pdbx_modification_feature.ordinal 
_pdbx_modification_feature.label_comp_id 
_pdbx_modification_feature.label_asym_id 
_pdbx_modification_feature.label_seq_id 
_pdbx_modification_feature.label_alt_id 
_pdbx_modification_feature.modified_residue_label_comp_id 
_pdbx_modification_feature.modified_residue_label_asym_id 
_pdbx_modification_feature.modified_residue_label_seq_id 
_pdbx_modification_feature.modified_residue_label_alt_id 
_pdbx_modification_feature.auth_comp_id 
_pdbx_modification_feature.auth_asym_id 
_pdbx_modification_feature.auth_seq_id 
_pdbx_modification_feature.PDB_ins_code 
_pdbx_modification_feature.symmetry 
_pdbx_modification_feature.modified_residue_auth_comp_id 
_pdbx_modification_feature.modified_residue_auth_asym_id 
_pdbx_modification_feature.modified_residue_auth_seq_id 
_pdbx_modification_feature.modified_residue_PDB_ins_code 
_pdbx_modification_feature.modified_residue_symmetry 
_pdbx_modification_feature.comp_id_linking_atom 
_pdbx_modification_feature.modified_residue_id_linking_atom 
_pdbx_modification_feature.modified_residue_id 
_pdbx_modification_feature.ref_pcm_id 
_pdbx_modification_feature.ref_comp_id 
_pdbx_modification_feature.type 
_pdbx_modification_feature.category 
1 CYS A 6  ? CYS A 127 ? CYS A 6  ? 1_555 CYS A 127 ? 1_555 SG SG . . . None 'Disulfide bridge' 
2 CYS A 30 ? CYS A 115 ? CYS A 30 ? 1_555 CYS A 115 ? 1_555 SG SG . . . None 'Disulfide bridge' 
3 CYS A 64 ? CYS A 80  ? CYS A 64 ? 1_555 CYS A 80  ? 1_555 SG SG . . . None 'Disulfide bridge' 
4 CYS A 76 ? CYS A 94  ? CYS A 76 ? 1_555 CYS A 94  ? 1_555 SG SG . . . None 'Disulfide bridge' 
# 
_struct_sheet.id               A 
_struct_sheet.type             ? 
_struct_sheet.number_strands   2 
_struct_sheet.details          ? 
# 
_struct_sheet_order.sheet_id     A 
_struct_sheet_order.range_id_1   1 
_struct_sheet_order.range_id_2   2 
_struct_sheet_order.offset       ? 
_struct_sheet_order.sense        anti-parallel 
# 
loop_
_struct_sheet_range.sheet_id 
_struct_sheet_range.id 
_struct_sheet_range.beg_label_comp_id 
_struct_sheet_range.beg_label_asym_id 
_struct_sheet_range.beg_label_seq_id 
_struct_sheet_range.pdbx_beg_PDB_ins_code 
_struct_sheet_range.end_label_comp_id 
_struct_sheet_range.end_label_asym_id 
_struct_sheet_range.end_label_seq_id 
_struct_sheet_range.pdbx_end_PDB_ins_code 
_struct_sheet_range.beg_auth_comp_id 
_struct_sheet_range.beg_auth_asym_id 
_struct_sheet_range.beg_auth_seq_id 
_struct_sheet_range.end_auth_comp_id 
_struct_sheet_range.end_auth_asym_id 
_struct_sheet_range.end_auth_seq_id 
A 1 THR A 43 ? ARG A 45 ? THR A 43 ARG A 45 
A 2 THR A 51 ? TYR A 53 ? THR A 51 TYR A 53 
# 
_pdbx_struct_sheet_hbond.sheet_id                A 
_pdbx_struct_sheet_hbond.range_id_1              1 
_pdbx_struct_sheet_hbond.range_id_2              2 
_pdbx_struct_sheet_hbond.range_1_label_atom_id   O 
_pdbx_struct_sheet_hbond.range_1_label_comp_id   ASN 
_pdbx_struct_sheet_hbond.range_1_label_asym_id   A 
_pdbx_struct_sheet_hbond.range_1_label_seq_id    44 
_pdbx_struct_sheet_hbond.range_1_PDB_ins_code    ? 
_pdbx_struct_sheet_hbond.range_1_auth_atom_id    O 
_pdbx_struct_sheet_hbond.range_1_auth_comp_id    ASN 
_pdbx_struct_sheet_hbond.range_1_auth_asym_id    A 
_pdbx_struct_sheet_hbond.range_1_auth_seq_id     44 
_pdbx_struct_sheet_hbond.range_2_label_atom_id   N 
_pdbx_struct_sheet_hbond.range_2_label_comp_id   ASP 
_pdbx_struct_sheet_hbond.range_2_label_asym_id   A 
_pdbx_struct_sheet_hbond.range_2_label_seq_id    52 
_pdbx_struct_sheet_hbond.range_2_PDB_ins_code    ? 
_pdbx_struct_sheet_hbond.range_2_auth_atom_id    N 
_pdbx_struct_sheet_hbond.range_2_auth_comp_id    ASP 
_pdbx_struct_sheet_hbond.range_2_auth_asym_id    A 
_pdbx_struct_sheet_hbond.range_2_auth_seq_id     52 
# 
_pdbx_entry_details.entry_id                   1LMO 
_pdbx_entry_details.compound_details           ? 
_pdbx_entry_details.source_details             ? 
_pdbx_entry_details.nonpolymer_details         ? 
_pdbx_entry_details.sequence_details           ? 
_pdbx_entry_details.has_ligand_of_interest     ? 
_pdbx_entry_details.has_protein_modification   Y 
# 
loop_
_pdbx_validate_close_contact.id 
_pdbx_validate_close_contact.PDB_model_num 
_pdbx_validate_close_contact.auth_atom_id_1 
_pdbx_validate_close_contact.auth_asym_id_1 
_pdbx_validate_close_contact.auth_comp_id_1 
_pdbx_validate_close_contact.auth_seq_id_1 
_pdbx_validate_close_contact.PDB_ins_code_1 
_pdbx_validate_close_contact.label_alt_id_1 
_pdbx_validate_close_contact.auth_atom_id_2 
_pdbx_validate_close_contact.auth_asym_id_2 
_pdbx_validate_close_contact.auth_comp_id_2 
_pdbx_validate_close_contact.auth_seq_id_2 
_pdbx_validate_close_contact.PDB_ins_code_2 
_pdbx_validate_close_contact.label_alt_id_2 
_pdbx_validate_close_contact.dist 
1 1 O  A HOH 236 ? ? O  A HOH 237 ? ? 2.11 
2 1 O4 B NAG 1   ? ? O5 B NAG 2   ? ? 2.11 
# 
loop_
_pdbx_validate_symm_contact.id 
_pdbx_validate_symm_contact.PDB_model_num 
_pdbx_validate_symm_contact.auth_atom_id_1 
_pdbx_validate_symm_contact.auth_asym_id_1 
_pdbx_validate_symm_contact.auth_comp_id_1 
_pdbx_validate_symm_contact.auth_seq_id_1 
_pdbx_validate_symm_contact.PDB_ins_code_1 
_pdbx_validate_symm_contact.label_alt_id_1 
_pdbx_validate_symm_contact.site_symmetry_1 
_pdbx_validate_symm_contact.auth_atom_id_2 
_pdbx_validate_symm_contact.auth_asym_id_2 
_pdbx_validate_symm_contact.auth_comp_id_2 
_pdbx_validate_symm_contact.auth_seq_id_2 
_pdbx_validate_symm_contact.PDB_ins_code_2 
_pdbx_validate_symm_contact.label_alt_id_2 
_pdbx_validate_symm_contact.site_symmetry_2 
_pdbx_validate_symm_contact.dist 
1 1 O A HOH 170 ? ? 1_555 O A HOH 170 ? ? 4_556 1.18 
2 1 O A HOH 144 ? ? 1_555 O A HOH 144 ? ? 4_556 1.60 
# 
loop_
_pdbx_validate_rmsd_angle.id 
_pdbx_validate_rmsd_angle.PDB_model_num 
_pdbx_validate_rmsd_angle.auth_atom_id_1 
_pdbx_validate_rmsd_angle.auth_asym_id_1 
_pdbx_validate_rmsd_angle.auth_comp_id_1 
_pdbx_validate_rmsd_angle.auth_seq_id_1 
_pdbx_validate_rmsd_angle.PDB_ins_code_1 
_pdbx_validate_rmsd_angle.label_alt_id_1 
_pdbx_validate_rmsd_angle.auth_atom_id_2 
_pdbx_validate_rmsd_angle.auth_asym_id_2 
_pdbx_validate_rmsd_angle.auth_comp_id_2 
_pdbx_validate_rmsd_angle.auth_seq_id_2 
_pdbx_validate_rmsd_angle.PDB_ins_code_2 
_pdbx_validate_rmsd_angle.label_alt_id_2 
_pdbx_validate_rmsd_angle.auth_atom_id_3 
_pdbx_validate_rmsd_angle.auth_asym_id_3 
_pdbx_validate_rmsd_angle.auth_comp_id_3 
_pdbx_validate_rmsd_angle.auth_seq_id_3 
_pdbx_validate_rmsd_angle.PDB_ins_code_3 
_pdbx_validate_rmsd_angle.label_alt_id_3 
_pdbx_validate_rmsd_angle.angle_value 
_pdbx_validate_rmsd_angle.angle_target_value 
_pdbx_validate_rmsd_angle.angle_deviation 
_pdbx_validate_rmsd_angle.angle_standard_deviation 
_pdbx_validate_rmsd_angle.linker_flag 
1  1 CB  A ASP 4   ? ? CG A ASP 4   ? ? OD1 A ASP 4   ? ? 111.22 118.30 -7.08 0.90 N 
2  1 NE  A ARG 5   ? ? CZ A ARG 5   ? ? NH1 A ARG 5   ? ? 123.66 120.30 3.36  0.50 N 
3  1 NE  A ARG 5   ? ? CZ A ARG 5   ? ? NH2 A ARG 5   ? ? 116.69 120.30 -3.61 0.50 N 
4  1 CB  A ASP 18  ? ? CG A ASP 18  ? ? OD1 A ASP 18  ? ? 124.66 118.30 6.36  0.90 N 
5  1 CB  A ASP 48  ? ? CG A ASP 48  ? ? OD1 A ASP 48  ? ? 124.42 118.30 6.12  0.90 N 
6  1 CB  A ASP 48  ? ? CG A ASP 48  ? ? OD2 A ASP 48  ? ? 112.29 118.30 -6.01 0.90 N 
7  1 CB  A ASP 52  ? ? CG A ASP 52  ? ? OD1 A ASP 52  ? ? 125.17 118.30 6.87  0.90 N 
8  1 NE  A ARG 61  ? ? CZ A ARG 61  ? ? NH1 A ARG 61  ? ? 125.11 120.30 4.81  0.50 N 
9  1 NE  A ARG 61  ? ? CZ A ARG 61  ? ? NH2 A ARG 61  ? ? 115.38 120.30 -4.92 0.50 N 
10 1 NE  A ARG 79  ? ? CZ A ARG 79  ? ? NH1 A ARG 79  ? ? 123.64 120.30 3.34  0.50 N 
11 1 NE  A ARG 93  ? ? CZ A ARG 93  ? ? NH1 A ARG 93  ? ? 125.14 120.30 4.84  0.50 N 
12 1 NE  A ARG 93  ? ? CZ A ARG 93  ? ? NH2 A ARG 93  ? ? 114.51 120.30 -5.79 0.50 N 
13 1 NE  A ARG 97  ? ? CZ A ARG 97  ? ? NH1 A ARG 97  ? ? 128.63 120.30 8.33  0.50 N 
14 1 NE  A ARG 97  ? ? CZ A ARG 97  ? ? NH2 A ARG 97  ? ? 115.11 120.30 -5.19 0.50 N 
15 1 CG1 A VAL 99  ? ? CB A VAL 99  ? ? CG2 A VAL 99  ? ? 122.60 110.90 11.70 1.60 N 
16 1 CB  A ASP 119 ? ? CG A ASP 119 ? ? OD2 A ASP 119 ? ? 111.68 118.30 -6.62 0.90 N 
17 1 NE  A ARG 121 ? ? CZ A ARG 121 ? ? NH1 A ARG 121 ? ? 125.56 120.30 5.26  0.50 N 
18 1 NE  A ARG 121 ? ? CZ A ARG 121 ? ? NH2 A ARG 121 ? ? 117.03 120.30 -3.27 0.50 N 
# 
_pdbx_validate_chiral.id              1 
_pdbx_validate_chiral.PDB_model_num   1 
_pdbx_validate_chiral.auth_atom_id    C2 
_pdbx_validate_chiral.label_alt_id    ? 
_pdbx_validate_chiral.auth_asym_id    B 
_pdbx_validate_chiral.auth_comp_id    NAG 
_pdbx_validate_chiral.auth_seq_id     2 
_pdbx_validate_chiral.PDB_ins_code    ? 
_pdbx_validate_chiral.details         PLANAR 
_pdbx_validate_chiral.omega           . 
# 
loop_
_pdbx_validate_planes.id 
_pdbx_validate_planes.PDB_model_num 
_pdbx_validate_planes.auth_comp_id 
_pdbx_validate_planes.auth_asym_id 
_pdbx_validate_planes.auth_seq_id 
_pdbx_validate_planes.PDB_ins_code 
_pdbx_validate_planes.label_alt_id 
_pdbx_validate_planes.rmsd 
_pdbx_validate_planes.type 
1 1 ARG A 61 ? ? 0.100 'SIDE CHAIN' 
2 1 ARG A 79 ? ? 0.110 'SIDE CHAIN' 
3 1 ARG A 93 ? ? 0.142 'SIDE CHAIN' 
# 
loop_
_chem_comp_atom.comp_id 
_chem_comp_atom.atom_id 
_chem_comp_atom.type_symbol 
_chem_comp_atom.pdbx_aromatic_flag 
_chem_comp_atom.pdbx_stereo_config 
_chem_comp_atom.pdbx_ordinal 
ALA N    N N N 1   
ALA CA   C N S 2   
ALA C    C N N 3   
ALA O    O N N 4   
ALA CB   C N N 5   
ALA OXT  O N N 6   
ALA H    H N N 7   
ALA H2   H N N 8   
ALA HA   H N N 9   
ALA HB1  H N N 10  
ALA HB2  H N N 11  
ALA HB3  H N N 12  
ALA HXT  H N N 13  
ARG N    N N N 14  
ARG CA   C N S 15  
ARG C    C N N 16  
ARG O    O N N 17  
ARG CB   C N N 18  
ARG CG   C N N 19  
ARG CD   C N N 20  
ARG NE   N N N 21  
ARG CZ   C N N 22  
ARG NH1  N N N 23  
ARG NH2  N N N 24  
ARG OXT  O N N 25  
ARG H    H N N 26  
ARG H2   H N N 27  
ARG HA   H N N 28  
ARG HB2  H N N 29  
ARG HB3  H N N 30  
ARG HG2  H N N 31  
ARG HG3  H N N 32  
ARG HD2  H N N 33  
ARG HD3  H N N 34  
ARG HE   H N N 35  
ARG HH11 H N N 36  
ARG HH12 H N N 37  
ARG HH21 H N N 38  
ARG HH22 H N N 39  
ARG HXT  H N N 40  
ASN N    N N N 41  
ASN CA   C N S 42  
ASN C    C N N 43  
ASN O    O N N 44  
ASN CB   C N N 45  
ASN CG   C N N 46  
ASN OD1  O N N 47  
ASN ND2  N N N 48  
ASN OXT  O N N 49  
ASN H    H N N 50  
ASN H2   H N N 51  
ASN HA   H N N 52  
ASN HB2  H N N 53  
ASN HB3  H N N 54  
ASN HD21 H N N 55  
ASN HD22 H N N 56  
ASN HXT  H N N 57  
ASP N    N N N 58  
ASP CA   C N S 59  
ASP C    C N N 60  
ASP O    O N N 61  
ASP CB   C N N 62  
ASP CG   C N N 63  
ASP OD1  O N N 64  
ASP OD2  O N N 65  
ASP OXT  O N N 66  
ASP H    H N N 67  
ASP H2   H N N 68  
ASP HA   H N N 69  
ASP HB2  H N N 70  
ASP HB3  H N N 71  
ASP HD2  H N N 72  
ASP HXT  H N N 73  
CYS N    N N N 74  
CYS CA   C N R 75  
CYS C    C N N 76  
CYS O    O N N 77  
CYS CB   C N N 78  
CYS SG   S N N 79  
CYS OXT  O N N 80  
CYS H    H N N 81  
CYS H2   H N N 82  
CYS HA   H N N 83  
CYS HB2  H N N 84  
CYS HB3  H N N 85  
CYS HG   H N N 86  
CYS HXT  H N N 87  
GLN N    N N N 88  
GLN CA   C N S 89  
GLN C    C N N 90  
GLN O    O N N 91  
GLN CB   C N N 92  
GLN CG   C N N 93  
GLN CD   C N N 94  
GLN OE1  O N N 95  
GLN NE2  N N N 96  
GLN OXT  O N N 97  
GLN H    H N N 98  
GLN H2   H N N 99  
GLN HA   H N N 100 
GLN HB2  H N N 101 
GLN HB3  H N N 102 
GLN HG2  H N N 103 
GLN HG3  H N N 104 
GLN HE21 H N N 105 
GLN HE22 H N N 106 
GLN HXT  H N N 107 
GLU N    N N N 108 
GLU CA   C N S 109 
GLU C    C N N 110 
GLU O    O N N 111 
GLU CB   C N N 112 
GLU CG   C N N 113 
GLU CD   C N N 114 
GLU OE1  O N N 115 
GLU OE2  O N N 116 
GLU OXT  O N N 117 
GLU H    H N N 118 
GLU H2   H N N 119 
GLU HA   H N N 120 
GLU HB2  H N N 121 
GLU HB3  H N N 122 
GLU HG2  H N N 123 
GLU HG3  H N N 124 
GLU HE2  H N N 125 
GLU HXT  H N N 126 
GLY N    N N N 127 
GLY CA   C N N 128 
GLY C    C N N 129 
GLY O    O N N 130 
GLY OXT  O N N 131 
GLY H    H N N 132 
GLY H2   H N N 133 
GLY HA2  H N N 134 
GLY HA3  H N N 135 
GLY HXT  H N N 136 
HIS N    N N N 137 
HIS CA   C N S 138 
HIS C    C N N 139 
HIS O    O N N 140 
HIS CB   C N N 141 
HIS CG   C Y N 142 
HIS ND1  N Y N 143 
HIS CD2  C Y N 144 
HIS CE1  C Y N 145 
HIS NE2  N Y N 146 
HIS OXT  O N N 147 
HIS H    H N N 148 
HIS H2   H N N 149 
HIS HA   H N N 150 
HIS HB2  H N N 151 
HIS HB3  H N N 152 
HIS HD1  H N N 153 
HIS HD2  H N N 154 
HIS HE1  H N N 155 
HIS HE2  H N N 156 
HIS HXT  H N N 157 
HOH O    O N N 158 
HOH H1   H N N 159 
HOH H2   H N N 160 
ILE N    N N N 161 
ILE CA   C N S 162 
ILE C    C N N 163 
ILE O    O N N 164 
ILE CB   C N S 165 
ILE CG1  C N N 166 
ILE CG2  C N N 167 
ILE CD1  C N N 168 
ILE OXT  O N N 169 
ILE H    H N N 170 
ILE H2   H N N 171 
ILE HA   H N N 172 
ILE HB   H N N 173 
ILE HG12 H N N 174 
ILE HG13 H N N 175 
ILE HG21 H N N 176 
ILE HG22 H N N 177 
ILE HG23 H N N 178 
ILE HD11 H N N 179 
ILE HD12 H N N 180 
ILE HD13 H N N 181 
ILE HXT  H N N 182 
LEU N    N N N 183 
LEU CA   C N S 184 
LEU C    C N N 185 
LEU O    O N N 186 
LEU CB   C N N 187 
LEU CG   C N N 188 
LEU CD1  C N N 189 
LEU CD2  C N N 190 
LEU OXT  O N N 191 
LEU H    H N N 192 
LEU H2   H N N 193 
LEU HA   H N N 194 
LEU HB2  H N N 195 
LEU HB3  H N N 196 
LEU HG   H N N 197 
LEU HD11 H N N 198 
LEU HD12 H N N 199 
LEU HD13 H N N 200 
LEU HD21 H N N 201 
LEU HD22 H N N 202 
LEU HD23 H N N 203 
LEU HXT  H N N 204 
LYS N    N N N 205 
LYS CA   C N S 206 
LYS C    C N N 207 
LYS O    O N N 208 
LYS CB   C N N 209 
LYS CG   C N N 210 
LYS CD   C N N 211 
LYS CE   C N N 212 
LYS NZ   N N N 213 
LYS OXT  O N N 214 
LYS H    H N N 215 
LYS H2   H N N 216 
LYS HA   H N N 217 
LYS HB2  H N N 218 
LYS HB3  H N N 219 
LYS HG2  H N N 220 
LYS HG3  H N N 221 
LYS HD2  H N N 222 
LYS HD3  H N N 223 
LYS HE2  H N N 224 
LYS HE3  H N N 225 
LYS HZ1  H N N 226 
LYS HZ2  H N N 227 
LYS HZ3  H N N 228 
LYS HXT  H N N 229 
MET N    N N N 230 
MET CA   C N S 231 
MET C    C N N 232 
MET O    O N N 233 
MET CB   C N N 234 
MET CG   C N N 235 
MET SD   S N N 236 
MET CE   C N N 237 
MET OXT  O N N 238 
MET H    H N N 239 
MET H2   H N N 240 
MET HA   H N N 241 
MET HB2  H N N 242 
MET HB3  H N N 243 
MET HG2  H N N 244 
MET HG3  H N N 245 
MET HE1  H N N 246 
MET HE2  H N N 247 
MET HE3  H N N 248 
MET HXT  H N N 249 
NAG C1   C N R 250 
NAG C2   C N R 251 
NAG C3   C N R 252 
NAG C4   C N S 253 
NAG C5   C N R 254 
NAG C6   C N N 255 
NAG C7   C N N 256 
NAG C8   C N N 257 
NAG N2   N N N 258 
NAG O1   O N N 259 
NAG O3   O N N 260 
NAG O4   O N N 261 
NAG O5   O N N 262 
NAG O6   O N N 263 
NAG O7   O N N 264 
NAG H1   H N N 265 
NAG H2   H N N 266 
NAG H3   H N N 267 
NAG H4   H N N 268 
NAG H5   H N N 269 
NAG H61  H N N 270 
NAG H62  H N N 271 
NAG H81  H N N 272 
NAG H82  H N N 273 
NAG H83  H N N 274 
NAG HN2  H N N 275 
NAG HO1  H N N 276 
NAG HO3  H N N 277 
NAG HO4  H N N 278 
NAG HO6  H N N 279 
PHE N    N N N 280 
PHE CA   C N S 281 
PHE C    C N N 282 
PHE O    O N N 283 
PHE CB   C N N 284 
PHE CG   C Y N 285 
PHE CD1  C Y N 286 
PHE CD2  C Y N 287 
PHE CE1  C Y N 288 
PHE CE2  C Y N 289 
PHE CZ   C Y N 290 
PHE OXT  O N N 291 
PHE H    H N N 292 
PHE H2   H N N 293 
PHE HA   H N N 294 
PHE HB2  H N N 295 
PHE HB3  H N N 296 
PHE HD1  H N N 297 
PHE HD2  H N N 298 
PHE HE1  H N N 299 
PHE HE2  H N N 300 
PHE HZ   H N N 301 
PHE HXT  H N N 302 
PRO N    N N N 303 
PRO CA   C N S 304 
PRO C    C N N 305 
PRO O    O N N 306 
PRO CB   C N N 307 
PRO CG   C N N 308 
PRO CD   C N N 309 
PRO OXT  O N N 310 
PRO H    H N N 311 
PRO HA   H N N 312 
PRO HB2  H N N 313 
PRO HB3  H N N 314 
PRO HG2  H N N 315 
PRO HG3  H N N 316 
PRO HD2  H N N 317 
PRO HD3  H N N 318 
PRO HXT  H N N 319 
SER N    N N N 320 
SER CA   C N S 321 
SER C    C N N 322 
SER O    O N N 323 
SER CB   C N N 324 
SER OG   O N N 325 
SER OXT  O N N 326 
SER H    H N N 327 
SER H2   H N N 328 
SER HA   H N N 329 
SER HB2  H N N 330 
SER HB3  H N N 331 
SER HG   H N N 332 
SER HXT  H N N 333 
THR N    N N N 334 
THR CA   C N S 335 
THR C    C N N 336 
THR O    O N N 337 
THR CB   C N R 338 
THR OG1  O N N 339 
THR CG2  C N N 340 
THR OXT  O N N 341 
THR H    H N N 342 
THR H2   H N N 343 
THR HA   H N N 344 
THR HB   H N N 345 
THR HG1  H N N 346 
THR HG21 H N N 347 
THR HG22 H N N 348 
THR HG23 H N N 349 
THR HXT  H N N 350 
TRP N    N N N 351 
TRP CA   C N S 352 
TRP C    C N N 353 
TRP O    O N N 354 
TRP CB   C N N 355 
TRP CG   C Y N 356 
TRP CD1  C Y N 357 
TRP CD2  C Y N 358 
TRP NE1  N Y N 359 
TRP CE2  C Y N 360 
TRP CE3  C Y N 361 
TRP CZ2  C Y N 362 
TRP CZ3  C Y N 363 
TRP CH2  C Y N 364 
TRP OXT  O N N 365 
TRP H    H N N 366 
TRP H2   H N N 367 
TRP HA   H N N 368 
TRP HB2  H N N 369 
TRP HB3  H N N 370 
TRP HD1  H N N 371 
TRP HE1  H N N 372 
TRP HE3  H N N 373 
TRP HZ2  H N N 374 
TRP HZ3  H N N 375 
TRP HH2  H N N 376 
TRP HXT  H N N 377 
TYR N    N N N 378 
TYR CA   C N S 379 
TYR C    C N N 380 
TYR O    O N N 381 
TYR CB   C N N 382 
TYR CG   C Y N 383 
TYR CD1  C Y N 384 
TYR CD2  C Y N 385 
TYR CE1  C Y N 386 
TYR CE2  C Y N 387 
TYR CZ   C Y N 388 
TYR OH   O N N 389 
TYR OXT  O N N 390 
TYR H    H N N 391 
TYR H2   H N N 392 
TYR HA   H N N 393 
TYR HB2  H N N 394 
TYR HB3  H N N 395 
TYR HD1  H N N 396 
TYR HD2  H N N 397 
TYR HE1  H N N 398 
TYR HE2  H N N 399 
TYR HH   H N N 400 
TYR HXT  H N N 401 
VAL N    N N N 402 
VAL CA   C N S 403 
VAL C    C N N 404 
VAL O    O N N 405 
VAL CB   C N N 406 
VAL CG1  C N N 407 
VAL CG2  C N N 408 
VAL OXT  O N N 409 
VAL H    H N N 410 
VAL H2   H N N 411 
VAL HA   H N N 412 
VAL HB   H N N 413 
VAL HG11 H N N 414 
VAL HG12 H N N 415 
VAL HG13 H N N 416 
VAL HG21 H N N 417 
VAL HG22 H N N 418 
VAL HG23 H N N 419 
VAL HXT  H N N 420 
# 
loop_
_chem_comp_bond.comp_id 
_chem_comp_bond.atom_id_1 
_chem_comp_bond.atom_id_2 
_chem_comp_bond.value_order 
_chem_comp_bond.pdbx_aromatic_flag 
_chem_comp_bond.pdbx_stereo_config 
_chem_comp_bond.pdbx_ordinal 
ALA N   CA   sing N N 1   
ALA N   H    sing N N 2   
ALA N   H2   sing N N 3   
ALA CA  C    sing N N 4   
ALA CA  CB   sing N N 5   
ALA CA  HA   sing N N 6   
ALA C   O    doub N N 7   
ALA C   OXT  sing N N 8   
ALA CB  HB1  sing N N 9   
ALA CB  HB2  sing N N 10  
ALA CB  HB3  sing N N 11  
ALA OXT HXT  sing N N 12  
ARG N   CA   sing N N 13  
ARG N   H    sing N N 14  
ARG N   H2   sing N N 15  
ARG CA  C    sing N N 16  
ARG CA  CB   sing N N 17  
ARG CA  HA   sing N N 18  
ARG C   O    doub N N 19  
ARG C   OXT  sing N N 20  
ARG CB  CG   sing N N 21  
ARG CB  HB2  sing N N 22  
ARG CB  HB3  sing N N 23  
ARG CG  CD   sing N N 24  
ARG CG  HG2  sing N N 25  
ARG CG  HG3  sing N N 26  
ARG CD  NE   sing N N 27  
ARG CD  HD2  sing N N 28  
ARG CD  HD3  sing N N 29  
ARG NE  CZ   sing N N 30  
ARG NE  HE   sing N N 31  
ARG CZ  NH1  sing N N 32  
ARG CZ  NH2  doub N N 33  
ARG NH1 HH11 sing N N 34  
ARG NH1 HH12 sing N N 35  
ARG NH2 HH21 sing N N 36  
ARG NH2 HH22 sing N N 37  
ARG OXT HXT  sing N N 38  
ASN N   CA   sing N N 39  
ASN N   H    sing N N 40  
ASN N   H2   sing N N 41  
ASN CA  C    sing N N 42  
ASN CA  CB   sing N N 43  
ASN CA  HA   sing N N 44  
ASN C   O    doub N N 45  
ASN C   OXT  sing N N 46  
ASN CB  CG   sing N N 47  
ASN CB  HB2  sing N N 48  
ASN CB  HB3  sing N N 49  
ASN CG  OD1  doub N N 50  
ASN CG  ND2  sing N N 51  
ASN ND2 HD21 sing N N 52  
ASN ND2 HD22 sing N N 53  
ASN OXT HXT  sing N N 54  
ASP N   CA   sing N N 55  
ASP N   H    sing N N 56  
ASP N   H2   sing N N 57  
ASP CA  C    sing N N 58  
ASP CA  CB   sing N N 59  
ASP CA  HA   sing N N 60  
ASP C   O    doub N N 61  
ASP C   OXT  sing N N 62  
ASP CB  CG   sing N N 63  
ASP CB  HB2  sing N N 64  
ASP CB  HB3  sing N N 65  
ASP CG  OD1  doub N N 66  
ASP CG  OD2  sing N N 67  
ASP OD2 HD2  sing N N 68  
ASP OXT HXT  sing N N 69  
CYS N   CA   sing N N 70  
CYS N   H    sing N N 71  
CYS N   H2   sing N N 72  
CYS CA  C    sing N N 73  
CYS CA  CB   sing N N 74  
CYS CA  HA   sing N N 75  
CYS C   O    doub N N 76  
CYS C   OXT  sing N N 77  
CYS CB  SG   sing N N 78  
CYS CB  HB2  sing N N 79  
CYS CB  HB3  sing N N 80  
CYS SG  HG   sing N N 81  
CYS OXT HXT  sing N N 82  
GLN N   CA   sing N N 83  
GLN N   H    sing N N 84  
GLN N   H2   sing N N 85  
GLN CA  C    sing N N 86  
GLN CA  CB   sing N N 87  
GLN CA  HA   sing N N 88  
GLN C   O    doub N N 89  
GLN C   OXT  sing N N 90  
GLN CB  CG   sing N N 91  
GLN CB  HB2  sing N N 92  
GLN CB  HB3  sing N N 93  
GLN CG  CD   sing N N 94  
GLN CG  HG2  sing N N 95  
GLN CG  HG3  sing N N 96  
GLN CD  OE1  doub N N 97  
GLN CD  NE2  sing N N 98  
GLN NE2 HE21 sing N N 99  
GLN NE2 HE22 sing N N 100 
GLN OXT HXT  sing N N 101 
GLU N   CA   sing N N 102 
GLU N   H    sing N N 103 
GLU N   H2   sing N N 104 
GLU CA  C    sing N N 105 
GLU CA  CB   sing N N 106 
GLU CA  HA   sing N N 107 
GLU C   O    doub N N 108 
GLU C   OXT  sing N N 109 
GLU CB  CG   sing N N 110 
GLU CB  HB2  sing N N 111 
GLU CB  HB3  sing N N 112 
GLU CG  CD   sing N N 113 
GLU CG  HG2  sing N N 114 
GLU CG  HG3  sing N N 115 
GLU CD  OE1  doub N N 116 
GLU CD  OE2  sing N N 117 
GLU OE2 HE2  sing N N 118 
GLU OXT HXT  sing N N 119 
GLY N   CA   sing N N 120 
GLY N   H    sing N N 121 
GLY N   H2   sing N N 122 
GLY CA  C    sing N N 123 
GLY CA  HA2  sing N N 124 
GLY CA  HA3  sing N N 125 
GLY C   O    doub N N 126 
GLY C   OXT  sing N N 127 
GLY OXT HXT  sing N N 128 
HIS N   CA   sing N N 129 
HIS N   H    sing N N 130 
HIS N   H2   sing N N 131 
HIS CA  C    sing N N 132 
HIS CA  CB   sing N N 133 
HIS CA  HA   sing N N 134 
HIS C   O    doub N N 135 
HIS C   OXT  sing N N 136 
HIS CB  CG   sing N N 137 
HIS CB  HB2  sing N N 138 
HIS CB  HB3  sing N N 139 
HIS CG  ND1  sing Y N 140 
HIS CG  CD2  doub Y N 141 
HIS ND1 CE1  doub Y N 142 
HIS ND1 HD1  sing N N 143 
HIS CD2 NE2  sing Y N 144 
HIS CD2 HD2  sing N N 145 
HIS CE1 NE2  sing Y N 146 
HIS CE1 HE1  sing N N 147 
HIS NE2 HE2  sing N N 148 
HIS OXT HXT  sing N N 149 
HOH O   H1   sing N N 150 
HOH O   H2   sing N N 151 
ILE N   CA   sing N N 152 
ILE N   H    sing N N 153 
ILE N   H2   sing N N 154 
ILE CA  C    sing N N 155 
ILE CA  CB   sing N N 156 
ILE CA  HA   sing N N 157 
ILE C   O    doub N N 158 
ILE C   OXT  sing N N 159 
ILE CB  CG1  sing N N 160 
ILE CB  CG2  sing N N 161 
ILE CB  HB   sing N N 162 
ILE CG1 CD1  sing N N 163 
ILE CG1 HG12 sing N N 164 
ILE CG1 HG13 sing N N 165 
ILE CG2 HG21 sing N N 166 
ILE CG2 HG22 sing N N 167 
ILE CG2 HG23 sing N N 168 
ILE CD1 HD11 sing N N 169 
ILE CD1 HD12 sing N N 170 
ILE CD1 HD13 sing N N 171 
ILE OXT HXT  sing N N 172 
LEU N   CA   sing N N 173 
LEU N   H    sing N N 174 
LEU N   H2   sing N N 175 
LEU CA  C    sing N N 176 
LEU CA  CB   sing N N 177 
LEU CA  HA   sing N N 178 
LEU C   O    doub N N 179 
LEU C   OXT  sing N N 180 
LEU CB  CG   sing N N 181 
LEU CB  HB2  sing N N 182 
LEU CB  HB3  sing N N 183 
LEU CG  CD1  sing N N 184 
LEU CG  CD2  sing N N 185 
LEU CG  HG   sing N N 186 
LEU CD1 HD11 sing N N 187 
LEU CD1 HD12 sing N N 188 
LEU CD1 HD13 sing N N 189 
LEU CD2 HD21 sing N N 190 
LEU CD2 HD22 sing N N 191 
LEU CD2 HD23 sing N N 192 
LEU OXT HXT  sing N N 193 
LYS N   CA   sing N N 194 
LYS N   H    sing N N 195 
LYS N   H2   sing N N 196 
LYS CA  C    sing N N 197 
LYS CA  CB   sing N N 198 
LYS CA  HA   sing N N 199 
LYS C   O    doub N N 200 
LYS C   OXT  sing N N 201 
LYS CB  CG   sing N N 202 
LYS CB  HB2  sing N N 203 
LYS CB  HB3  sing N N 204 
LYS CG  CD   sing N N 205 
LYS CG  HG2  sing N N 206 
LYS CG  HG3  sing N N 207 
LYS CD  CE   sing N N 208 
LYS CD  HD2  sing N N 209 
LYS CD  HD3  sing N N 210 
LYS CE  NZ   sing N N 211 
LYS CE  HE2  sing N N 212 
LYS CE  HE3  sing N N 213 
LYS NZ  HZ1  sing N N 214 
LYS NZ  HZ2  sing N N 215 
LYS NZ  HZ3  sing N N 216 
LYS OXT HXT  sing N N 217 
MET N   CA   sing N N 218 
MET N   H    sing N N 219 
MET N   H2   sing N N 220 
MET CA  C    sing N N 221 
MET CA  CB   sing N N 222 
MET CA  HA   sing N N 223 
MET C   O    doub N N 224 
MET C   OXT  sing N N 225 
MET CB  CG   sing N N 226 
MET CB  HB2  sing N N 227 
MET CB  HB3  sing N N 228 
MET CG  SD   sing N N 229 
MET CG  HG2  sing N N 230 
MET CG  HG3  sing N N 231 
MET SD  CE   sing N N 232 
MET CE  HE1  sing N N 233 
MET CE  HE2  sing N N 234 
MET CE  HE3  sing N N 235 
MET OXT HXT  sing N N 236 
NAG C1  C2   sing N N 237 
NAG C1  O1   sing N N 238 
NAG C1  O5   sing N N 239 
NAG C1  H1   sing N N 240 
NAG C2  C3   sing N N 241 
NAG C2  N2   sing N N 242 
NAG C2  H2   sing N N 243 
NAG C3  C4   sing N N 244 
NAG C3  O3   sing N N 245 
NAG C3  H3   sing N N 246 
NAG C4  C5   sing N N 247 
NAG C4  O4   sing N N 248 
NAG C4  H4   sing N N 249 
NAG C5  C6   sing N N 250 
NAG C5  O5   sing N N 251 
NAG C5  H5   sing N N 252 
NAG C6  O6   sing N N 253 
NAG C6  H61  sing N N 254 
NAG C6  H62  sing N N 255 
NAG C7  C8   sing N N 256 
NAG C7  N2   sing N N 257 
NAG C7  O7   doub N N 258 
NAG C8  H81  sing N N 259 
NAG C8  H82  sing N N 260 
NAG C8  H83  sing N N 261 
NAG N2  HN2  sing N N 262 
NAG O1  HO1  sing N N 263 
NAG O3  HO3  sing N N 264 
NAG O4  HO4  sing N N 265 
NAG O6  HO6  sing N N 266 
PHE N   CA   sing N N 267 
PHE N   H    sing N N 268 
PHE N   H2   sing N N 269 
PHE CA  C    sing N N 270 
PHE CA  CB   sing N N 271 
PHE CA  HA   sing N N 272 
PHE C   O    doub N N 273 
PHE C   OXT  sing N N 274 
PHE CB  CG   sing N N 275 
PHE CB  HB2  sing N N 276 
PHE CB  HB3  sing N N 277 
PHE CG  CD1  doub Y N 278 
PHE CG  CD2  sing Y N 279 
PHE CD1 CE1  sing Y N 280 
PHE CD1 HD1  sing N N 281 
PHE CD2 CE2  doub Y N 282 
PHE CD2 HD2  sing N N 283 
PHE CE1 CZ   doub Y N 284 
PHE CE1 HE1  sing N N 285 
PHE CE2 CZ   sing Y N 286 
PHE CE2 HE2  sing N N 287 
PHE CZ  HZ   sing N N 288 
PHE OXT HXT  sing N N 289 
PRO N   CA   sing N N 290 
PRO N   CD   sing N N 291 
PRO N   H    sing N N 292 
PRO CA  C    sing N N 293 
PRO CA  CB   sing N N 294 
PRO CA  HA   sing N N 295 
PRO C   O    doub N N 296 
PRO C   OXT  sing N N 297 
PRO CB  CG   sing N N 298 
PRO CB  HB2  sing N N 299 
PRO CB  HB3  sing N N 300 
PRO CG  CD   sing N N 301 
PRO CG  HG2  sing N N 302 
PRO CG  HG3  sing N N 303 
PRO CD  HD2  sing N N 304 
PRO CD  HD3  sing N N 305 
PRO OXT HXT  sing N N 306 
SER N   CA   sing N N 307 
SER N   H    sing N N 308 
SER N   H2   sing N N 309 
SER CA  C    sing N N 310 
SER CA  CB   sing N N 311 
SER CA  HA   sing N N 312 
SER C   O    doub N N 313 
SER C   OXT  sing N N 314 
SER CB  OG   sing N N 315 
SER CB  HB2  sing N N 316 
SER CB  HB3  sing N N 317 
SER OG  HG   sing N N 318 
SER OXT HXT  sing N N 319 
THR N   CA   sing N N 320 
THR N   H    sing N N 321 
THR N   H2   sing N N 322 
THR CA  C    sing N N 323 
THR CA  CB   sing N N 324 
THR CA  HA   sing N N 325 
THR C   O    doub N N 326 
THR C   OXT  sing N N 327 
THR CB  OG1  sing N N 328 
THR CB  CG2  sing N N 329 
THR CB  HB   sing N N 330 
THR OG1 HG1  sing N N 331 
THR CG2 HG21 sing N N 332 
THR CG2 HG22 sing N N 333 
THR CG2 HG23 sing N N 334 
THR OXT HXT  sing N N 335 
TRP N   CA   sing N N 336 
TRP N   H    sing N N 337 
TRP N   H2   sing N N 338 
TRP CA  C    sing N N 339 
TRP CA  CB   sing N N 340 
TRP CA  HA   sing N N 341 
TRP C   O    doub N N 342 
TRP C   OXT  sing N N 343 
TRP CB  CG   sing N N 344 
TRP CB  HB2  sing N N 345 
TRP CB  HB3  sing N N 346 
TRP CG  CD1  doub Y N 347 
TRP CG  CD2  sing Y N 348 
TRP CD1 NE1  sing Y N 349 
TRP CD1 HD1  sing N N 350 
TRP CD2 CE2  doub Y N 351 
TRP CD2 CE3  sing Y N 352 
TRP NE1 CE2  sing Y N 353 
TRP NE1 HE1  sing N N 354 
TRP CE2 CZ2  sing Y N 355 
TRP CE3 CZ3  doub Y N 356 
TRP CE3 HE3  sing N N 357 
TRP CZ2 CH2  doub Y N 358 
TRP CZ2 HZ2  sing N N 359 
TRP CZ3 CH2  sing Y N 360 
TRP CZ3 HZ3  sing N N 361 
TRP CH2 HH2  sing N N 362 
TRP OXT HXT  sing N N 363 
TYR N   CA   sing N N 364 
TYR N   H    sing N N 365 
TYR N   H2   sing N N 366 
TYR CA  C    sing N N 367 
TYR CA  CB   sing N N 368 
TYR CA  HA   sing N N 369 
TYR C   O    doub N N 370 
TYR C   OXT  sing N N 371 
TYR CB  CG   sing N N 372 
TYR CB  HB2  sing N N 373 
TYR CB  HB3  sing N N 374 
TYR CG  CD1  doub Y N 375 
TYR CG  CD2  sing Y N 376 
TYR CD1 CE1  sing Y N 377 
TYR CD1 HD1  sing N N 378 
TYR CD2 CE2  doub Y N 379 
TYR CD2 HD2  sing N N 380 
TYR CE1 CZ   doub Y N 381 
TYR CE1 HE1  sing N N 382 
TYR CE2 CZ   sing Y N 383 
TYR CE2 HE2  sing N N 384 
TYR CZ  OH   sing N N 385 
TYR OH  HH   sing N N 386 
TYR OXT HXT  sing N N 387 
VAL N   CA   sing N N 388 
VAL N   H    sing N N 389 
VAL N   H2   sing N N 390 
VAL CA  C    sing N N 391 
VAL CA  CB   sing N N 392 
VAL CA  HA   sing N N 393 
VAL C   O    doub N N 394 
VAL C   OXT  sing N N 395 
VAL CB  CG1  sing N N 396 
VAL CB  CG2  sing N N 397 
VAL CB  HB   sing N N 398 
VAL CG1 HG11 sing N N 399 
VAL CG1 HG12 sing N N 400 
VAL CG1 HG13 sing N N 401 
VAL CG2 HG21 sing N N 402 
VAL CG2 HG22 sing N N 403 
VAL CG2 HG23 sing N N 404 
VAL OXT HXT  sing N N 405 
# 
loop_
_pdbx_entity_branch_list.entity_id 
_pdbx_entity_branch_list.comp_id 
_pdbx_entity_branch_list.num 
_pdbx_entity_branch_list.hetero 
2 NAG 1 n 
2 NAG 2 n 
# 
_atom_sites.entry_id                    1LMO 
_atom_sites.fract_transf_matrix[1][1]   0.00493910 
_atom_sites.fract_transf_matrix[1][2]   0.00594489 
_atom_sites.fract_transf_matrix[1][3]   0.01297464 
_atom_sites.fract_transf_vector[1]      0.566102 
_atom_sites.fract_transf_matrix[2][1]   -0.00143626 
_atom_sites.fract_transf_matrix[2][2]   0.01481619 
_atom_sites.fract_transf_matrix[2][3]   0.00254715 
_atom_sites.fract_transf_vector[2]      0.763625 
_atom_sites.fract_transf_matrix[3][1]   -0.01653568 
_atom_sites.fract_transf_matrix[3][2]   -0.00291471 
_atom_sites.fract_transf_matrix[3][3]   0.00763020 
_atom_sites.fract_transf_vector[3]      0.375977 
# 
loop_
_atom_type.symbol 
C 
N 
O 
S 
# 
loop_
_atom_site.group_PDB 
_atom_site.id 
_atom_site.type_symbol 
_atom_site.label_atom_id 
_atom_site.label_alt_id 
_atom_site.label_comp_id 
_atom_site.label_asym_id 
_atom_site.label_entity_id 
_atom_site.label_seq_id 
_atom_site.pdbx_PDB_ins_code 
_atom_site.Cartn_x 
_atom_site.Cartn_y 
_atom_site.Cartn_z 
_atom_site.occupancy 
_atom_site.B_iso_or_equiv 
_atom_site.pdbx_formal_charge 
_atom_site.auth_seq_id 
_atom_site.auth_comp_id 
_atom_site.auth_asym_id 
_atom_site.auth_atom_id 
_atom_site.pdbx_PDB_model_num 
ATOM   1    N N   . LYS A 1 1   ? 7.832   -10.430 5.349   1.00 22.78 ? 1   LYS A N   1 
ATOM   2    C CA  . LYS A 1 1   ? 8.965   -10.288 4.433   1.00 16.36 ? 1   LYS A CA  1 
ATOM   3    C C   . LYS A 1 1   ? 9.362   -8.847  4.221   1.00 16.57 ? 1   LYS A C   1 
ATOM   4    O O   . LYS A 1 1   ? 8.501   -7.967  4.009   1.00 15.91 ? 1   LYS A O   1 
ATOM   5    C CB  . LYS A 1 1   ? 8.588   -10.887 3.078   1.00 15.97 ? 1   LYS A CB  1 
ATOM   6    C CG  . LYS A 1 1   ? 9.617   -10.645 1.953   1.00 19.73 ? 1   LYS A CG  1 
ATOM   7    C CD  . LYS A 1 1   ? 9.177   -11.556 0.823   1.00 24.84 ? 1   LYS A CD  1 
ATOM   8    C CE  . LYS A 1 1   ? 9.854   -11.431 -0.501  1.00 27.18 ? 1   LYS A CE  1 
ATOM   9    N NZ  . LYS A 1 1   ? 11.295  -11.681 -0.396  1.00 26.29 ? 1   LYS A NZ  1 
ATOM   10   N N   . VAL A 1 2   ? 10.647  -8.576  4.226   1.00 15.17 ? 2   VAL A N   1 
ATOM   11   C CA  . VAL A 1 2   ? 11.083  -7.186  3.934   1.00 18.26 ? 2   VAL A CA  1 
ATOM   12   C C   . VAL A 1 2   ? 11.564  -7.220  2.477   1.00 23.18 ? 2   VAL A C   1 
ATOM   13   O O   . VAL A 1 2   ? 12.611  -7.853  2.242   1.00 25.30 ? 2   VAL A O   1 
ATOM   14   C CB  . VAL A 1 2   ? 12.146  -6.618  4.859   1.00 20.48 ? 2   VAL A CB  1 
ATOM   15   C CG1 . VAL A 1 2   ? 12.519  -5.212  4.411   1.00 19.32 ? 2   VAL A CG1 1 
ATOM   16   C CG2 . VAL A 1 2   ? 11.680  -6.748  6.311   1.00 17.67 ? 2   VAL A CG2 1 
ATOM   17   N N   . TYR A 1 3   ? 10.827  -6.614  1.566   1.00 22.91 ? 3   TYR A N   1 
ATOM   18   C CA  . TYR A 1 3   ? 11.192  -6.574  0.142   1.00 15.51 ? 3   TYR A CA  1 
ATOM   19   C C   . TYR A 1 3   ? 12.354  -5.623  -0.123  1.00 19.98 ? 3   TYR A C   1 
ATOM   20   O O   . TYR A 1 3   ? 12.577  -4.573  0.509   1.00 19.86 ? 3   TYR A O   1 
ATOM   21   C CB  . TYR A 1 3   ? 10.038  -6.125  -0.792  1.00 13.95 ? 3   TYR A CB  1 
ATOM   22   C CG  . TYR A 1 3   ? 9.088   -7.260  -1.048  1.00 18.40 ? 3   TYR A CG  1 
ATOM   23   C CD1 . TYR A 1 3   ? 8.225   -7.773  -0.074  1.00 17.91 ? 3   TYR A CD1 1 
ATOM   24   C CD2 . TYR A 1 3   ? 9.050   -7.846  -2.326  1.00 23.68 ? 3   TYR A CD2 1 
ATOM   25   C CE1 . TYR A 1 3   ? 7.372   -8.844  -0.343  1.00 21.55 ? 3   TYR A CE1 1 
ATOM   26   C CE2 . TYR A 1 3   ? 8.208   -8.935  -2.623  1.00 17.03 ? 3   TYR A CE2 1 
ATOM   27   C CZ  . TYR A 1 3   ? 7.351   -9.424  -1.623  1.00 20.88 ? 3   TYR A CZ  1 
ATOM   28   O OH  . TYR A 1 3   ? 6.494   -10.472 -1.834  1.00 23.44 ? 3   TYR A OH  1 
ATOM   29   N N   . ASP A 1 4   ? 13.058  -6.054  -1.150  1.00 23.20 ? 4   ASP A N   1 
ATOM   30   C CA  . ASP A 1 4   ? 14.171  -5.294  -1.742  1.00 26.31 ? 4   ASP A CA  1 
ATOM   31   C C   . ASP A 1 4   ? 13.396  -4.320  -2.644  1.00 16.51 ? 4   ASP A C   1 
ATOM   32   O O   . ASP A 1 4   ? 12.346  -4.748  -3.163  1.00 15.44 ? 4   ASP A O   1 
ATOM   33   C CB  . ASP A 1 4   ? 15.173  -6.235  -2.392  1.00 25.73 ? 4   ASP A CB  1 
ATOM   34   C CG  . ASP A 1 4   ? 15.816  -5.612  -3.611  1.00 32.09 ? 4   ASP A CG  1 
ATOM   35   O OD1 . ASP A 1 4   ? 16.842  -4.955  -3.298  1.00 40.20 ? 4   ASP A OD1 1 
ATOM   36   O OD2 . ASP A 1 4   ? 15.342  -5.709  -4.760  1.00 44.59 ? 4   ASP A OD2 1 
ATOM   37   N N   . ARG A 1 5   ? 13.885  -3.134  -2.852  1.00 15.83 ? 5   ARG A N   1 
ATOM   38   C CA  . ARG A 1 5   ? 13.232  -2.111  -3.693  1.00 24.04 ? 5   ARG A CA  1 
ATOM   39   C C   . ARG A 1 5   ? 12.922  -2.592  -5.109  1.00 23.26 ? 5   ARG A C   1 
ATOM   40   O O   . ARG A 1 5   ? 11.761  -2.481  -5.529  1.00 20.01 ? 5   ARG A O   1 
ATOM   41   C CB  . ARG A 1 5   ? 14.084  -0.831  -3.732  1.00 16.07 ? 5   ARG A CB  1 
ATOM   42   C CG  . ARG A 1 5   ? 13.556  0.152   -4.783  1.00 25.61 ? 5   ARG A CG  1 
ATOM   43   C CD  . ARG A 1 5   ? 14.404  1.381   -4.709  1.00 23.20 ? 5   ARG A CD  1 
ATOM   44   N NE  . ARG A 1 5   ? 15.782  1.142   -5.138  1.00 28.78 ? 5   ARG A NE  1 
ATOM   45   C CZ  . ARG A 1 5   ? 16.210  1.160   -6.406  1.00 26.79 ? 5   ARG A CZ  1 
ATOM   46   N NH1 . ARG A 1 5   ? 15.422  1.411   -7.445  1.00 21.83 ? 5   ARG A NH1 1 
ATOM   47   N NH2 . ARG A 1 5   ? 17.502  0.891   -6.607  1.00 25.07 ? 5   ARG A NH2 1 
ATOM   48   N N   . CYS A 1 6   ? 13.882  -3.148  -5.845  1.00 19.39 ? 6   CYS A N   1 
ATOM   49   C CA  . CYS A 1 6   ? 13.684  -3.666  -7.206  1.00 16.55 ? 6   CYS A CA  1 
ATOM   50   C C   . CYS A 1 6   ? 12.851  -4.942  -7.174  1.00 17.77 ? 6   CYS A C   1 
ATOM   51   O O   . CYS A 1 6   ? 12.047  -5.097  -8.094  1.00 20.86 ? 6   CYS A O   1 
ATOM   52   C CB  . CYS A 1 6   ? 15.028  -3.863  -7.929  1.00 16.97 ? 6   CYS A CB  1 
ATOM   53   S SG  . CYS A 1 6   ? 15.744  -2.288  -8.372  1.00 19.30 ? 6   CYS A SG  1 
ATOM   54   N N   . GLU A 1 7   ? 13.024  -5.784  -6.175  1.00 14.60 ? 7   GLU A N   1 
ATOM   55   C CA  . GLU A 1 7   ? 12.193  -6.980  -6.044  1.00 16.68 ? 7   GLU A CA  1 
ATOM   56   C C   . GLU A 1 7   ? 10.717  -6.612  -5.949  1.00 15.01 ? 7   GLU A C   1 
ATOM   57   O O   . GLU A 1 7   ? 9.830   -7.240  -6.585  1.00 13.35 ? 7   GLU A O   1 
ATOM   58   C CB  . GLU A 1 7   ? 12.616  -7.768  -4.824  1.00 14.41 ? 7   GLU A CB  1 
ATOM   59   C CG  . GLU A 1 7   ? 11.814  -9.001  -4.508  1.00 16.50 ? 7   GLU A CG  1 
ATOM   60   C CD  . GLU A 1 7   ? 12.229  -9.584  -3.177  1.00 28.68 ? 7   GLU A CD  1 
ATOM   61   O OE1 . GLU A 1 7   ? 12.784  -8.904  -2.325  1.00 22.39 ? 7   GLU A OE1 1 
ATOM   62   O OE2 . GLU A 1 7   ? 11.953  -10.787 -3.082  1.00 22.00 ? 7   GLU A OE2 1 
ATOM   63   N N   . LEU A 1 8   ? 10.465  -5.587  -5.153  1.00 15.42 ? 8   LEU A N   1 
ATOM   64   C CA  . LEU A 1 8   ? 9.106   -5.051  -4.986  1.00 12.62 ? 8   LEU A CA  1 
ATOM   65   C C   . LEU A 1 8   ? 8.677   -4.438  -6.324  1.00 17.40 ? 8   LEU A C   1 
ATOM   66   O O   . LEU A 1 8   ? 7.536   -4.677  -6.730  1.00 18.78 ? 8   LEU A O   1 
ATOM   67   C CB  . LEU A 1 8   ? 9.011   -4.053  -3.832  1.00 18.51 ? 8   LEU A CB  1 
ATOM   68   C CG  . LEU A 1 8   ? 7.637   -3.372  -3.693  1.00 20.22 ? 8   LEU A CG  1 
ATOM   69   C CD1 . LEU A 1 8   ? 6.582   -4.405  -3.298  1.00 15.59 ? 8   LEU A CD1 1 
ATOM   70   C CD2 . LEU A 1 8   ? 7.800   -2.203  -2.689  1.00 20.19 ? 8   LEU A CD2 1 
ATOM   71   N N   . ALA A 1 9   ? 9.519   -3.634  -6.972  1.00 18.07 ? 9   ALA A N   1 
ATOM   72   C CA  . ALA A 1 9   ? 9.127   -3.027  -8.271  1.00 19.12 ? 9   ALA A CA  1 
ATOM   73   C C   . ALA A 1 9   ? 8.696   -4.087  -9.294  1.00 20.61 ? 9   ALA A C   1 
ATOM   74   O O   . ALA A 1 9   ? 7.691   -3.891  -10.046 1.00 22.90 ? 9   ALA A O   1 
ATOM   75   C CB  . ALA A 1 9   ? 10.270  -2.126  -8.754  1.00 18.33 ? 9   ALA A CB  1 
ATOM   76   N N   . ARG A 1 10  ? 9.411   -5.220  -9.408  1.00 14.08 ? 10  ARG A N   1 
ATOM   77   C CA  . ARG A 1 10  ? 9.091   -6.311  -10.300 1.00 10.99 ? 10  ARG A CA  1 
ATOM   78   C C   . ARG A 1 10  ? 7.750   -6.945  -9.960  1.00 13.75 ? 10  ARG A C   1 
ATOM   79   O O   . ARG A 1 10  ? 6.966   -7.189  -10.904 1.00 16.88 ? 10  ARG A O   1 
ATOM   80   C CB  . ARG A 1 10  ? 10.236  -7.339  -10.252 1.00 13.24 ? 10  ARG A CB  1 
ATOM   81   C CG  . ARG A 1 10  ? 11.451  -6.603  -10.862 1.00 23.93 ? 10  ARG A CG  1 
ATOM   82   C CD  . ARG A 1 10  ? 12.616  -7.486  -11.122 1.00 34.43 ? 10  ARG A CD  1 
ATOM   83   N NE  . ARG A 1 10  ? 12.751  -8.569  -10.141 1.00 39.91 ? 10  ARG A NE  1 
ATOM   84   C CZ  . ARG A 1 10  ? 13.699  -8.566  -9.182  1.00 48.06 ? 10  ARG A CZ  1 
ATOM   85   N NH1 . ARG A 1 10  ? 14.688  -7.664  -9.262  1.00 28.97 ? 10  ARG A NH1 1 
ATOM   86   N NH2 . ARG A 1 10  ? 13.693  -9.446  -8.161  1.00 29.49 ? 10  ARG A NH2 1 
ATOM   87   N N   . ALA A 1 11  ? 7.497   -7.233  -8.688  1.00 19.05 ? 11  ALA A N   1 
ATOM   88   C CA  . ALA A 1 11  ? 6.218   -7.841  -8.242  1.00 17.89 ? 11  ALA A CA  1 
ATOM   89   C C   . ALA A 1 11  ? 5.056   -6.887  -8.547  1.00 22.03 ? 11  ALA A C   1 
ATOM   90   O O   . ALA A 1 11  ? 4.009   -7.348  -9.035  1.00 17.56 ? 11  ALA A O   1 
ATOM   91   C CB  . ALA A 1 11  ? 6.307   -8.255  -6.769  1.00 12.04 ? 11  ALA A CB  1 
ATOM   92   N N   . LEU A 1 12  ? 5.202   -5.585  -8.336  1.00 15.34 ? 12  LEU A N   1 
ATOM   93   C CA  . LEU A 1 12  ? 4.144   -4.607  -8.628  1.00 16.28 ? 12  LEU A CA  1 
ATOM   94   C C   . LEU A 1 12  ? 3.878   -4.524  -10.134 1.00 15.18 ? 12  LEU A C   1 
ATOM   95   O O   . LEU A 1 12  ? 2.720   -4.509  -10.549 1.00 16.70 ? 12  LEU A O   1 
ATOM   96   C CB  . LEU A 1 12  ? 4.501   -3.233  -8.003  1.00 10.31 ? 12  LEU A CB  1 
ATOM   97   C CG  . LEU A 1 12  ? 4.563   -3.176  -6.467  1.00 14.16 ? 12  LEU A CG  1 
ATOM   98   C CD1 . LEU A 1 12  ? 4.820   -1.750  -6.020  1.00 24.85 ? 12  LEU A CD1 1 
ATOM   99   C CD2 . LEU A 1 12  ? 3.254   -3.790  -5.938  1.00 19.88 ? 12  LEU A CD2 1 
ATOM   100  N N   . LYS A 1 13  ? 4.971   -4.427  -10.860 1.00 13.19 ? 13  LYS A N   1 
ATOM   101  C CA  . LYS A 1 13  ? 4.877   -4.385  -12.325 1.00 17.69 ? 13  LYS A CA  1 
ATOM   102  C C   . LYS A 1 13  ? 4.193   -5.666  -12.822 1.00 22.14 ? 13  LYS A C   1 
ATOM   103  O O   . LYS A 1 13  ? 3.272   -5.567  -13.651 1.00 20.83 ? 13  LYS A O   1 
ATOM   104  C CB  . LYS A 1 13  ? 6.249   -4.189  -12.919 1.00 23.17 ? 13  LYS A CB  1 
ATOM   105  C CG  . LYS A 1 13  ? 6.343   -4.116  -14.430 1.00 21.70 ? 13  LYS A CG  1 
ATOM   106  C CD  . LYS A 1 13  ? 5.667   -2.874  -14.973 1.00 44.35 ? 13  LYS A CD  1 
ATOM   107  C CE  . LYS A 1 13  ? 6.038   -2.482  -16.382 1.00 35.99 ? 13  LYS A CE  1 
ATOM   108  N NZ  . LYS A 1 13  ? 7.493   -2.677  -16.659 1.00 54.52 ? 13  LYS A NZ  1 
ATOM   109  N N   . ALA A 1 14  ? 4.516   -6.870  -12.389 1.00 18.49 ? 14  ALA A N   1 
ATOM   110  C CA  . ALA A 1 14  ? 3.950   -8.162  -12.781 1.00 20.22 ? 14  ALA A CA  1 
ATOM   111  C C   . ALA A 1 14  ? 2.472   -8.222  -12.436 1.00 25.28 ? 14  ALA A C   1 
ATOM   112  O O   . ALA A 1 14  ? 1.722   -8.914  -13.144 1.00 26.65 ? 14  ALA A O   1 
ATOM   113  C CB  . ALA A 1 14  ? 4.653   -9.374  -12.138 1.00 13.18 ? 14  ALA A CB  1 
ATOM   114  N N   . SER A 1 15  ? 2.032   -7.539  -11.398 1.00 19.87 ? 15  SER A N   1 
ATOM   115  C CA  . SER A 1 15  ? 0.631   -7.510  -10.927 1.00 16.86 ? 15  SER A CA  1 
ATOM   116  C C   . SER A 1 15  ? -0.288  -6.423  -11.474 1.00 17.86 ? 15  SER A C   1 
ATOM   117  O O   . SER A 1 15  ? -1.415  -6.314  -10.962 1.00 25.38 ? 15  SER A O   1 
ATOM   118  C CB  . SER A 1 15  ? 0.599   -7.328  -9.398  1.00 32.63 ? 15  SER A CB  1 
ATOM   119  O OG  . SER A 1 15  ? 1.162   -8.494  -8.841  1.00 38.38 ? 15  SER A OG  1 
ATOM   120  N N   . GLY A 1 16  ? 0.163   -5.670  -12.436 1.00 19.23 ? 16  GLY A N   1 
ATOM   121  C CA  . GLY A 1 16  ? -0.592  -4.640  -13.112 1.00 23.65 ? 16  GLY A CA  1 
ATOM   122  C C   . GLY A 1 16  ? -0.719  -3.304  -12.416 1.00 18.45 ? 16  GLY A C   1 
ATOM   123  O O   . GLY A 1 16  ? -1.644  -2.566  -12.817 1.00 22.85 ? 16  GLY A O   1 
ATOM   124  N N   . MET A 1 17  ? 0.180   -3.037  -11.480 1.00 19.00 ? 17  MET A N   1 
ATOM   125  C CA  . MET A 1 17  ? 0.175   -1.738  -10.751 1.00 14.84 ? 17  MET A CA  1 
ATOM   126  C C   . MET A 1 17  ? 0.730   -0.587  -11.579 1.00 19.88 ? 17  MET A C   1 
ATOM   127  O O   . MET A 1 17  ? 0.397   0.570   -11.268 1.00 20.08 ? 17  MET A O   1 
ATOM   128  C CB  . MET A 1 17  ? 0.937   -1.751  -9.408  1.00 14.49 ? 17  MET A CB  1 
ATOM   129  C CG  . MET A 1 17  ? 0.307   -2.824  -8.528  1.00 25.55 ? 17  MET A CG  1 
ATOM   130  S SD  . MET A 1 17  ? -1.339  -2.182  -8.024  1.00 31.08 ? 17  MET A SD  1 
ATOM   131  C CE  . MET A 1 17  ? -0.837  -1.536  -6.418  1.00 35.71 ? 17  MET A CE  1 
ATOM   132  N N   . ASP A 1 18  ? 1.528   -0.848  -12.603 1.00 21.54 ? 18  ASP A N   1 
ATOM   133  C CA  . ASP A 1 18  ? 2.095   0.260   -13.407 1.00 21.58 ? 18  ASP A CA  1 
ATOM   134  C C   . ASP A 1 18  ? 0.994   0.933   -14.252 1.00 24.59 ? 18  ASP A C   1 
ATOM   135  O O   . ASP A 1 18  ? 0.583   0.444   -15.321 1.00 28.27 ? 18  ASP A O   1 
ATOM   136  C CB  . ASP A 1 18  ? 3.305   -0.231  -14.206 1.00 22.02 ? 18  ASP A CB  1 
ATOM   137  C CG  . ASP A 1 18  ? 4.027   0.960   -14.815 1.00 33.81 ? 18  ASP A CG  1 
ATOM   138  O OD1 . ASP A 1 18  ? 3.870   2.135   -14.461 1.00 21.97 ? 18  ASP A OD1 1 
ATOM   139  O OD2 . ASP A 1 18  ? 4.817   0.743   -15.748 1.00 29.81 ? 18  ASP A OD2 1 
ATOM   140  N N   . GLY A 1 19  ? 0.520   2.079   -13.745 1.00 23.77 ? 19  GLY A N   1 
ATOM   141  C CA  . GLY A 1 19  ? -0.530  2.838   -14.448 1.00 22.18 ? 19  GLY A CA  1 
ATOM   142  C C   . GLY A 1 19  ? -1.937  2.503   -13.963 1.00 18.09 ? 19  GLY A C   1 
ATOM   143  O O   . GLY A 1 19  ? -2.917  3.002   -14.567 1.00 24.07 ? 19  GLY A O   1 
ATOM   144  N N   . TYR A 1 20  ? -2.054  1.684   -12.919 1.00 20.36 ? 20  TYR A N   1 
ATOM   145  C CA  . TYR A 1 20  ? -3.382  1.332   -12.371 1.00 17.18 ? 20  TYR A CA  1 
ATOM   146  C C   . TYR A 1 20  ? -4.087  2.607   -11.956 1.00 22.84 ? 20  TYR A C   1 
ATOM   147  O O   . TYR A 1 20  ? -3.506  3.337   -11.106 1.00 17.58 ? 20  TYR A O   1 
ATOM   148  C CB  . TYR A 1 20  ? -3.259  0.333   -11.201 1.00 14.80 ? 20  TYR A CB  1 
ATOM   149  C CG  . TYR A 1 20  ? -4.668  -0.199  -10.974 1.00 16.19 ? 20  TYR A CG  1 
ATOM   150  C CD1 . TYR A 1 20  ? -5.138  -1.233  -11.765 1.00 16.33 ? 20  TYR A CD1 1 
ATOM   151  C CD2 . TYR A 1 20  ? -5.496  0.359   -9.991  1.00 18.85 ? 20  TYR A CD2 1 
ATOM   152  C CE1 . TYR A 1 20  ? -6.441  -1.711  -11.603 1.00 19.55 ? 20  TYR A CE1 1 
ATOM   153  C CE2 . TYR A 1 20  ? -6.799  -0.112  -9.810  1.00 20.23 ? 20  TYR A CE2 1 
ATOM   154  C CZ  . TYR A 1 20  ? -7.257  -1.150  -10.623 1.00 27.70 ? 20  TYR A CZ  1 
ATOM   155  O OH  . TYR A 1 20  ? -8.508  -1.638  -10.451 1.00 27.18 ? 20  TYR A OH  1 
ATOM   156  N N   . ALA A 1 21  ? -5.256  2.936   -12.482 1.00 24.20 ? 21  ALA A N   1 
ATOM   157  C CA  . ALA A 1 21  ? -6.032  4.151   -12.203 1.00 22.18 ? 21  ALA A CA  1 
ATOM   158  C C   . ALA A 1 21  ? -5.170  5.417   -12.430 1.00 19.40 ? 21  ALA A C   1 
ATOM   159  O O   . ALA A 1 21  ? -5.308  6.439   -11.733 1.00 22.90 ? 21  ALA A O   1 
ATOM   160  C CB  . ALA A 1 21  ? -6.626  4.080   -10.796 1.00 23.67 ? 21  ALA A CB  1 
ATOM   161  N N   . GLY A 1 22  ? -4.279  5.336   -13.420 1.00 17.23 ? 22  GLY A N   1 
ATOM   162  C CA  . GLY A 1 22  ? -3.363  6.394   -13.820 1.00 21.63 ? 22  GLY A CA  1 
ATOM   163  C C   . GLY A 1 22  ? -2.153  6.672   -12.947 1.00 31.68 ? 22  GLY A C   1 
ATOM   164  O O   . GLY A 1 22  ? -1.531  7.754   -13.056 1.00 28.84 ? 22  GLY A O   1 
ATOM   165  N N   . ASN A 1 23  ? -1.772  5.759   -12.064 1.00 20.69 ? 23  ASN A N   1 
ATOM   166  C CA  . ASN A 1 23  ? -0.657  5.848   -11.114 1.00 17.13 ? 23  ASN A CA  1 
ATOM   167  C C   . ASN A 1 23  ? 0.519   4.995   -11.598 1.00 22.61 ? 23  ASN A C   1 
ATOM   168  O O   . ASN A 1 23  ? 0.403   3.742   -11.527 1.00 20.30 ? 23  ASN A O   1 
ATOM   169  C CB  . ASN A 1 23  ? -1.085  5.411   -9.695  1.00 15.36 ? 23  ASN A CB  1 
ATOM   170  C CG  . ASN A 1 23  ? -2.226  6.328   -9.248  1.00 22.91 ? 23  ASN A CG  1 
ATOM   171  O OD1 . ASN A 1 23  ? -3.386  5.902   -9.120  1.00 26.54 ? 23  ASN A OD1 1 
ATOM   172  N ND2 . ASN A 1 23  ? -1.827  7.573   -9.089  1.00 19.51 ? 23  ASN A ND2 1 
ATOM   173  N N   . SER A 1 24  ? 1.547   5.657   -12.083 1.00 19.91 ? 24  SER A N   1 
ATOM   174  C CA  . SER A 1 24  ? 2.719   4.923   -12.599 1.00 18.40 ? 24  SER A CA  1 
ATOM   175  C C   . SER A 1 24  ? 3.423   4.203   -11.444 1.00 19.21 ? 24  SER A C   1 
ATOM   176  O O   . SER A 1 24  ? 3.307   4.609   -10.300 1.00 17.13 ? 24  SER A O   1 
ATOM   177  C CB  . SER A 1 24  ? 3.651   5.842   -13.379 1.00 19.94 ? 24  SER A CB  1 
ATOM   178  O OG  . SER A 1 24  ? 4.205   6.798   -12.481 1.00 23.37 ? 24  SER A OG  1 
ATOM   179  N N   . LEU A 1 25  ? 4.145   3.159   -11.816 1.00 17.32 ? 25  LEU A N   1 
ATOM   180  C CA  . LEU A 1 25  ? 4.906   2.336   -10.879 1.00 18.41 ? 25  LEU A CA  1 
ATOM   181  C C   . LEU A 1 25  ? 5.713   3.071   -9.825  1.00 16.00 ? 25  LEU A C   1 
ATOM   182  O O   . LEU A 1 25  ? 5.599   2.655   -8.647  1.00 18.53 ? 25  LEU A O   1 
ATOM   183  C CB  . LEU A 1 25  ? 5.828   1.390   -11.710 1.00 19.65 ? 25  LEU A CB  1 
ATOM   184  C CG  . LEU A 1 25  ? 6.452   0.241   -10.902 1.00 24.06 ? 25  LEU A CG  1 
ATOM   185  C CD1 . LEU A 1 25  ? 5.383   -0.731  -10.428 1.00 24.51 ? 25  LEU A CD1 1 
ATOM   186  C CD2 . LEU A 1 25  ? 7.491   -0.484  -11.759 1.00 20.03 ? 25  LEU A CD2 1 
ATOM   187  N N   . PRO A 1 26  ? 6.528   4.057   -10.164 1.00 21.15 ? 26  PRO A N   1 
ATOM   188  C CA  . PRO A 1 26  ? 7.328   4.783   -9.178  1.00 17.85 ? 26  PRO A CA  1 
ATOM   189  C C   . PRO A 1 26  ? 6.501   5.353   -7.999  1.00 17.71 ? 26  PRO A C   1 
ATOM   190  O O   . PRO A 1 26  ? 7.014   5.486   -6.865  1.00 18.13 ? 26  PRO A O   1 
ATOM   191  C CB  . PRO A 1 26  ? 8.104   5.838   -9.974  1.00 22.68 ? 26  PRO A CB  1 
ATOM   192  C CG  . PRO A 1 26  ? 8.024   5.397   -11.393 1.00 18.88 ? 26  PRO A CG  1 
ATOM   193  C CD  . PRO A 1 26  ? 6.735   4.595   -11.521 1.00 19.82 ? 26  PRO A CD  1 
ATOM   194  N N   . ASN A 1 27  ? 5.239   5.700   -8.221  1.00 18.81 ? 27  ASN A N   1 
ATOM   195  C CA  . ASN A 1 27  ? 4.284   6.183   -7.221  1.00 17.78 ? 27  ASN A CA  1 
ATOM   196  C C   . ASN A 1 27  ? 4.114   5.147   -6.115  1.00 12.58 ? 27  ASN A C   1 
ATOM   197  O O   . ASN A 1 27  ? 4.190   5.465   -4.938  1.00 14.06 ? 27  ASN A O   1 
ATOM   198  C CB  . ASN A 1 27  ? 2.904   6.527   -7.807  1.00 13.11 ? 27  ASN A CB  1 
ATOM   199  C CG  . ASN A 1 27  ? 3.084   7.842   -8.546  1.00 26.41 ? 27  ASN A CG  1 
ATOM   200  O OD1 . ASN A 1 27  ? 3.171   8.872   -7.870  1.00 20.15 ? 27  ASN A OD1 1 
ATOM   201  N ND2 . ASN A 1 27  ? 3.222   7.840   -9.854  1.00 24.73 ? 27  ASN A ND2 1 
ATOM   202  N N   . TRP A 1 28  ? 3.881   3.934   -6.585  1.00 15.20 ? 28  TRP A N   1 
ATOM   203  C CA  . TRP A 1 28  ? 3.661   2.758   -5.711  1.00 13.88 ? 28  TRP A CA  1 
ATOM   204  C C   . TRP A 1 28  ? 4.929   2.347   -4.973  1.00 16.20 ? 28  TRP A C   1 
ATOM   205  O O   . TRP A 1 28  ? 4.752   1.961   -3.821  1.00 15.58 ? 28  TRP A O   1 
ATOM   206  C CB  . TRP A 1 28  ? 3.116   1.608   -6.506  1.00 15.69 ? 28  TRP A CB  1 
ATOM   207  C CG  . TRP A 1 28  ? 1.856   1.888   -7.241  1.00 15.83 ? 28  TRP A CG  1 
ATOM   208  C CD1 . TRP A 1 28  ? 1.669   2.088   -8.577  1.00 15.30 ? 28  TRP A CD1 1 
ATOM   209  C CD2 . TRP A 1 28  ? 0.566   1.990   -6.627  1.00 15.45 ? 28  TRP A CD2 1 
ATOM   210  N NE1 . TRP A 1 28  ? 0.336   2.304   -8.837  1.00 17.51 ? 28  TRP A NE1 1 
ATOM   211  C CE2 . TRP A 1 28  ? -0.360  2.243   -7.663  1.00 20.14 ? 28  TRP A CE2 1 
ATOM   212  C CE3 . TRP A 1 28  ? 0.137   1.897   -5.295  1.00 18.16 ? 28  TRP A CE3 1 
ATOM   213  C CZ2 . TRP A 1 28  ? -1.721  2.399   -7.401  1.00 24.71 ? 28  TRP A CZ2 1 
ATOM   214  C CZ3 . TRP A 1 28  ? -1.236  2.034   -5.041  1.00 21.64 ? 28  TRP A CZ3 1 
ATOM   215  C CH2 . TRP A 1 28  ? -2.136  2.284   -6.071  1.00 19.01 ? 28  TRP A CH2 1 
ATOM   216  N N   . VAL A 1 29  ? 6.101   2.430   -5.567  1.00 17.08 ? 29  VAL A N   1 
ATOM   217  C CA  . VAL A 1 29  ? 7.352   2.086   -4.872  1.00 13.15 ? 29  VAL A CA  1 
ATOM   218  C C   . VAL A 1 29  ? 7.639   3.177   -3.811  1.00 16.07 ? 29  VAL A C   1 
ATOM   219  O O   . VAL A 1 29  ? 7.983   2.860   -2.657  1.00 15.04 ? 29  VAL A O   1 
ATOM   220  C CB  . VAL A 1 29  ? 8.533   1.835   -5.841  1.00 13.18 ? 29  VAL A CB  1 
ATOM   221  C CG1 . VAL A 1 29  ? 9.778   1.521   -5.027  1.00 14.76 ? 29  VAL A CG1 1 
ATOM   222  C CG2 . VAL A 1 29  ? 8.182   0.800   -6.881  1.00 17.12 ? 29  VAL A CG2 1 
ATOM   223  N N   . CYS A 1 30  ? 7.465   4.433   -4.179  1.00 15.52 ? 30  CYS A N   1 
ATOM   224  C CA  . CYS A 1 30  ? 7.699   5.543   -3.250  1.00 13.06 ? 30  CYS A CA  1 
ATOM   225  C C   . CYS A 1 30  ? 6.801   5.406   -2.019  1.00 18.05 ? 30  CYS A C   1 
ATOM   226  O O   . CYS A 1 30  ? 7.322   5.526   -0.878  1.00 17.37 ? 30  CYS A O   1 
ATOM   227  C CB  . CYS A 1 30  ? 7.503   6.873   -3.993  1.00 15.29 ? 30  CYS A CB  1 
ATOM   228  S SG  . CYS A 1 30  ? 7.798   8.319   -2.895  1.00 19.47 ? 30  CYS A SG  1 
ATOM   229  N N   . LEU A 1 31  ? 5.489   5.224   -2.188  1.00 14.90 ? 31  LEU A N   1 
ATOM   230  C CA  . LEU A 1 31  ? 4.607   5.158   -0.980  1.00 18.33 ? 31  LEU A CA  1 
ATOM   231  C C   . LEU A 1 31  ? 4.900   3.907   -0.144  1.00 16.15 ? 31  LEU A C   1 
ATOM   232  O O   . LEU A 1 31  ? 4.776   4.055   1.060   1.00 18.32 ? 31  LEU A O   1 
ATOM   233  C CB  . LEU A 1 31  ? 3.163   5.322   -1.414  1.00 24.38 ? 31  LEU A CB  1 
ATOM   234  C CG  . LEU A 1 31  ? 2.246   4.206   -1.811  1.00 26.19 ? 31  LEU A CG  1 
ATOM   235  C CD1 . LEU A 1 31  ? 1.801   3.327   -0.650  1.00 23.14 ? 31  LEU A CD1 1 
ATOM   236  C CD2 . LEU A 1 31  ? 1.002   4.857   -2.477  1.00 30.48 ? 31  LEU A CD2 1 
ATOM   237  N N   . SER A 1 32  ? 5.250   2.769   -0.733  1.00 14.43 ? 32  SER A N   1 
ATOM   238  C CA  . SER A 1 32  ? 5.593   1.558   0.035   1.00 18.59 ? 32  SER A CA  1 
ATOM   239  C C   . SER A 1 32  ? 6.814   1.821   0.942   1.00 15.64 ? 32  SER A C   1 
ATOM   240  O O   . SER A 1 32  ? 6.904   1.491   2.125   1.00 19.96 ? 32  SER A O   1 
ATOM   241  C CB  . SER A 1 32  ? 5.865   0.349   -0.867  1.00 13.07 ? 32  SER A CB  1 
ATOM   242  O OG  . SER A 1 32  ? 4.756   -0.035  -1.633  1.00 19.47 ? 32  SER A OG  1 
ATOM   243  N N   . LYS A 1 33  ? 7.853   2.448   0.377   1.00 15.25 ? 33  LYS A N   1 
ATOM   244  C CA  . LYS A 1 33  ? 9.064   2.823   1.068   1.00 17.69 ? 33  LYS A CA  1 
ATOM   245  C C   . LYS A 1 33  ? 8.772   3.681   2.332   1.00 22.30 ? 33  LYS A C   1 
ATOM   246  O O   . LYS A 1 33  ? 9.224   3.340   3.445   1.00 19.81 ? 33  LYS A O   1 
ATOM   247  C CB  . LYS A 1 33  ? 10.062  3.627   0.196   1.00 16.35 ? 33  LYS A CB  1 
ATOM   248  C CG  . LYS A 1 33  ? 11.283  3.878   1.114   1.00 22.75 ? 33  LYS A CG  1 
ATOM   249  C CD  . LYS A 1 33  ? 12.223  4.865   0.485   1.00 47.60 ? 33  LYS A CD  1 
ATOM   250  C CE  . LYS A 1 33  ? 13.426  5.060   1.410   1.00 64.25 ? 33  LYS A CE  1 
ATOM   251  N NZ  . LYS A 1 33  ? 12.873  5.454   2.746   1.00 53.42 ? 33  LYS A NZ  1 
ATOM   252  N N   . TRP A 1 34  ? 8.038   4.791   2.174   1.00 18.52 ? 34  TRP A N   1 
ATOM   253  C CA  . TRP A 1 34  ? 7.709   5.732   3.239   1.00 16.12 ? 34  TRP A CA  1 
ATOM   254  C C   . TRP A 1 34  ? 6.685   5.176   4.210   1.00 23.85 ? 34  TRP A C   1 
ATOM   255  O O   . TRP A 1 34  ? 6.841   5.461   5.415   1.00 30.70 ? 34  TRP A O   1 
ATOM   256  C CB  . TRP A 1 34  ? 7.217   7.066   2.637   1.00 19.35 ? 34  TRP A CB  1 
ATOM   257  C CG  . TRP A 1 34  ? 8.373   7.636   1.893   1.00 13.22 ? 34  TRP A CG  1 
ATOM   258  C CD1 . TRP A 1 34  ? 8.639   7.672   0.545   1.00 20.58 ? 34  TRP A CD1 1 
ATOM   259  C CD2 . TRP A 1 34  ? 9.503   8.205   2.536   1.00 25.44 ? 34  TRP A CD2 1 
ATOM   260  N NE1 . TRP A 1 34  ? 9.854   8.271   0.329   1.00 23.47 ? 34  TRP A NE1 1 
ATOM   261  C CE2 . TRP A 1 34  ? 10.406  8.606   1.519   1.00 23.12 ? 34  TRP A CE2 1 
ATOM   262  C CE3 . TRP A 1 34  ? 9.803   8.445   3.883   1.00 26.10 ? 34  TRP A CE3 1 
ATOM   263  C CZ2 . TRP A 1 34  ? 11.592  9.243   1.856   1.00 29.16 ? 34  TRP A CZ2 1 
ATOM   264  C CZ3 . TRP A 1 34  ? 10.999  9.065   4.202   1.00 38.27 ? 34  TRP A CZ3 1 
ATOM   265  C CH2 . TRP A 1 34  ? 11.882  9.463   3.204   1.00 30.43 ? 34  TRP A CH2 1 
ATOM   266  N N   . GLU A 1 35  ? 5.715   4.438   3.709   1.00 16.77 ? 35  GLU A N   1 
ATOM   267  C CA  . GLU A 1 35  ? 4.684   3.848   4.576   1.00 19.30 ? 35  GLU A CA  1 
ATOM   268  C C   . GLU A 1 35  ? 5.207   2.684   5.417   1.00 25.59 ? 35  GLU A C   1 
ATOM   269  O O   . GLU A 1 35  ? 4.917   2.665   6.638   1.00 19.25 ? 35  GLU A O   1 
ATOM   270  C CB  . GLU A 1 35  ? 3.465   3.333   3.794   1.00 12.11 ? 35  GLU A CB  1 
ATOM   271  C CG  . GLU A 1 35  ? 2.465   4.280   3.158   1.00 23.10 ? 35  GLU A CG  1 
ATOM   272  C CD  . GLU A 1 35  ? 1.686   5.116   4.161   1.00 24.28 ? 35  GLU A CD  1 
ATOM   273  O OE1 . GLU A 1 35  ? 1.787   4.984   5.372   1.00 20.92 ? 35  GLU A OE1 1 
ATOM   274  O OE2 . GLU A 1 35  ? 0.939   5.917   3.574   1.00 22.15 ? 35  GLU A OE2 1 
ATOM   275  N N   . SER A 1 36  ? 5.941   1.730   4.873   1.00 18.73 ? 36  SER A N   1 
ATOM   276  C CA  . SER A 1 36  ? 6.372   0.578   5.668   1.00 17.29 ? 36  SER A CA  1 
ATOM   277  C C   . SER A 1 36  ? 7.815   0.164   5.610   1.00 18.94 ? 36  SER A C   1 
ATOM   278  O O   . SER A 1 36  ? 8.134   -0.882  6.241   1.00 18.84 ? 36  SER A O   1 
ATOM   279  C CB  . SER A 1 36  ? 5.509   -0.612  5.147   1.00 16.76 ? 36  SER A CB  1 
ATOM   280  O OG  . SER A 1 36  ? 5.998   -0.817  3.821   1.00 14.07 ? 36  SER A OG  1 
ATOM   281  N N   . SER A 1 37  ? 8.642   0.875   4.867   1.00 16.09 ? 37  SER A N   1 
ATOM   282  C CA  . SER A 1 37  ? 10.037  0.496   4.628   1.00 16.78 ? 37  SER A CA  1 
ATOM   283  C C   . SER A 1 37  ? 10.075  -0.876  3.961   1.00 19.94 ? 37  SER A C   1 
ATOM   284  O O   . SER A 1 37  ? 10.952  -1.697  4.281   1.00 19.71 ? 37  SER A O   1 
ATOM   285  C CB  . SER A 1 37  ? 10.928  0.373   5.856   1.00 25.00 ? 37  SER A CB  1 
ATOM   286  O OG  . SER A 1 37  ? 10.718  1.534   6.602   1.00 30.17 ? 37  SER A OG  1 
ATOM   287  N N   . TYR A 1 38  ? 9.101   -1.124  3.105   1.00 14.32 ? 38  TYR A N   1 
ATOM   288  C CA  . TYR A 1 38  ? 8.961   -2.369  2.364   1.00 21.71 ? 38  TYR A CA  1 
ATOM   289  C C   . TYR A 1 38  ? 8.696   -3.638  3.186   1.00 18.54 ? 38  TYR A C   1 
ATOM   290  O O   . TYR A 1 38  ? 8.936   -4.767  2.708   1.00 16.50 ? 38  TYR A O   1 
ATOM   291  C CB  . TYR A 1 38  ? 10.256  -2.594  1.562   1.00 15.88 ? 38  TYR A CB  1 
ATOM   292  C CG  . TYR A 1 38  ? 10.697  -1.452  0.711   1.00 16.81 ? 38  TYR A CG  1 
ATOM   293  C CD1 . TYR A 1 38  ? 9.830   -0.915  -0.239  1.00 21.14 ? 38  TYR A CD1 1 
ATOM   294  C CD2 . TYR A 1 38  ? 11.983  -0.902  0.831   1.00 20.83 ? 38  TYR A CD2 1 
ATOM   295  C CE1 . TYR A 1 38  ? 10.217  0.150   -1.058  1.00 20.88 ? 38  TYR A CE1 1 
ATOM   296  C CE2 . TYR A 1 38  ? 12.377  0.132   -0.008  1.00 28.37 ? 38  TYR A CE2 1 
ATOM   297  C CZ  . TYR A 1 38  ? 11.499  0.661   -0.944  1.00 23.87 ? 38  TYR A CZ  1 
ATOM   298  O OH  . TYR A 1 38  ? 11.883  1.668   -1.786  1.00 24.48 ? 38  TYR A OH  1 
ATOM   299  N N   . ASN A 1 39  ? 8.191   -3.432  4.397   1.00 16.20 ? 39  ASN A N   1 
ATOM   300  C CA  . ASN A 1 39  ? 7.950   -4.601  5.271   1.00 16.47 ? 39  ASN A CA  1 
ATOM   301  C C   . ASN A 1 39  ? 6.477   -4.985  5.237   1.00 13.82 ? 39  ASN A C   1 
ATOM   302  O O   . ASN A 1 39  ? 5.617   -4.186  5.682   1.00 15.62 ? 39  ASN A O   1 
ATOM   303  C CB  . ASN A 1 39  ? 8.535   -4.258  6.673   1.00 19.20 ? 39  ASN A CB  1 
ATOM   304  C CG  . ASN A 1 39  ? 8.394   -5.386  7.698   1.00 19.76 ? 39  ASN A CG  1 
ATOM   305  O OD1 . ASN A 1 39  ? 8.101   -6.544  7.416   1.00 17.01 ? 39  ASN A OD1 1 
ATOM   306  N ND2 . ASN A 1 39  ? 8.611   -5.066  8.981   1.00 21.82 ? 39  ASN A ND2 1 
ATOM   307  N N   . THR A 1 40  ? 6.213   -6.193  4.738   1.00 13.52 ? 40  THR A N   1 
ATOM   308  C CA  . THR A 1 40  ? 4.823   -6.686  4.689   1.00 18.34 ? 40  THR A CA  1 
ATOM   309  C C   . THR A 1 40  ? 4.212   -6.846  6.088   1.00 18.63 ? 40  THR A C   1 
ATOM   310  O O   . THR A 1 40  ? 2.978   -6.813  6.203   1.00 18.22 ? 40  THR A O   1 
ATOM   311  C CB  . THR A 1 40  ? 4.657   -8.028  3.848   1.00 20.56 ? 40  THR A CB  1 
ATOM   312  O OG1 . THR A 1 40  ? 5.243   -9.125  4.616   1.00 14.44 ? 40  THR A OG1 1 
ATOM   313  C CG2 . THR A 1 40  ? 5.232   -7.876  2.440   1.00 13.88 ? 40  THR A CG2 1 
ATOM   314  N N   . GLN A 1 41  ? 4.990   -7.007  7.146   1.00 17.74 ? 41  GLN A N   1 
ATOM   315  C CA  . GLN A 1 41  ? 4.505   -7.226  8.509   1.00 19.16 ? 41  GLN A CA  1 
ATOM   316  C C   . GLN A 1 41  ? 4.352   -5.952  9.333   1.00 21.80 ? 41  GLN A C   1 
ATOM   317  O O   . GLN A 1 41  ? 4.036   -6.087  10.539  1.00 23.30 ? 41  GLN A O   1 
ATOM   318  C CB  . GLN A 1 41  ? 5.446   -8.211  9.258   1.00 12.66 ? 41  GLN A CB  1 
ATOM   319  C CG  . GLN A 1 41  ? 5.509   -9.552  8.513   1.00 17.84 ? 41  GLN A CG  1 
ATOM   320  C CD  . GLN A 1 41  ? 6.094   -10.618 9.423   1.00 16.81 ? 41  GLN A CD  1 
ATOM   321  O OE1 . GLN A 1 41  ? 7.269   -10.976 9.289   1.00 22.27 ? 41  GLN A OE1 1 
ATOM   322  N NE2 . GLN A 1 41  ? 5.266   -11.105 10.342  1.00 15.66 ? 41  GLN A NE2 1 
ATOM   323  N N   . ALA A 1 42  ? 4.589   -4.818  8.708   1.00 17.86 ? 42  ALA A N   1 
ATOM   324  C CA  . ALA A 1 42  ? 4.451   -3.543  9.434   1.00 20.59 ? 42  ALA A CA  1 
ATOM   325  C C   . ALA A 1 42  ? 3.006   -3.303  9.912   1.00 20.55 ? 42  ALA A C   1 
ATOM   326  O O   . ALA A 1 42  ? 2.020   -3.515  9.185   1.00 14.67 ? 42  ALA A O   1 
ATOM   327  C CB  . ALA A 1 42  ? 4.894   -2.335  8.604   1.00 16.44 ? 42  ALA A CB  1 
ATOM   328  N N   . THR A 1 43  ? 2.934   -2.833  11.156  1.00 19.60 ? 43  THR A N   1 
ATOM   329  C CA  . THR A 1 43  ? 1.657   -2.479  11.803  1.00 21.37 ? 43  THR A CA  1 
ATOM   330  C C   . THR A 1 43  ? 1.876   -1.175  12.596  1.00 26.44 ? 43  THR A C   1 
ATOM   331  O O   . THR A 1 43  ? 2.923   -0.912  13.182  1.00 24.21 ? 43  THR A O   1 
ATOM   332  C CB  . THR A 1 43  ? 0.980   -3.608  12.672  1.00 21.93 ? 43  THR A CB  1 
ATOM   333  O OG1 . THR A 1 43  ? 1.894   -3.928  13.766  1.00 19.94 ? 43  THR A OG1 1 
ATOM   334  C CG2 . THR A 1 43  ? 0.596   -4.855  11.858  1.00 12.90 ? 43  THR A CG2 1 
ATOM   335  N N   . ASN A 1 44  ? 0.854   -0.350  12.544  1.00 19.26 ? 44  ASN A N   1 
ATOM   336  C CA  . ASN A 1 44  ? 0.884   0.948   13.257  1.00 22.61 ? 44  ASN A CA  1 
ATOM   337  C C   . ASN A 1 44  ? -0.524  1.243   13.793  1.00 25.73 ? 44  ASN A C   1 
ATOM   338  O O   . ASN A 1 44  ? -1.491  1.419   13.049  1.00 18.58 ? 44  ASN A O   1 
ATOM   339  C CB  . ASN A 1 44  ? 1.504   2.014   12.344  1.00 22.70 ? 44  ASN A CB  1 
ATOM   340  C CG  . ASN A 1 44  ? 1.430   3.390   13.003  1.00 57.60 ? 44  ASN A CG  1 
ATOM   341  O OD1 . ASN A 1 44  ? 2.236   3.719   13.917  1.00 54.53 ? 44  ASN A OD1 1 
ATOM   342  N ND2 . ASN A 1 44  ? 0.450   4.221   12.608  1.00 44.78 ? 44  ASN A ND2 1 
ATOM   343  N N   . ARG A 1 45  ? -0.644  1.291   15.113  1.00 21.16 ? 45  ARG A N   1 
ATOM   344  C CA  . ARG A 1 45  ? -1.931  1.583   15.755  1.00 20.16 ? 45  ARG A CA  1 
ATOM   345  C C   . ARG A 1 45  ? -2.202  3.081   15.743  1.00 28.81 ? 45  ARG A C   1 
ATOM   346  O O   . ARG A 1 45  ? -1.278  3.895   16.004  1.00 30.56 ? 45  ARG A O   1 
ATOM   347  C CB  . ARG A 1 45  ? -1.941  1.012   17.178  1.00 24.58 ? 45  ARG A CB  1 
ATOM   348  C CG  . ARG A 1 45  ? -3.254  1.174   17.895  1.00 33.46 ? 45  ARG A CG  1 
ATOM   349  C CD  . ARG A 1 45  ? -4.279  0.126   17.875  1.00 32.32 ? 45  ARG A CD  1 
ATOM   350  N NE  . ARG A 1 45  ? -4.509  -0.471  19.200  1.00 55.52 ? 45  ARG A NE  1 
ATOM   351  C CZ  . ARG A 1 45  ? -3.632  -1.335  19.752  1.00 66.16 ? 45  ARG A CZ  1 
ATOM   352  N NH1 . ARG A 1 45  ? -2.414  -1.546  19.237  1.00 50.14 ? 45  ARG A NH1 1 
ATOM   353  N NH2 . ARG A 1 45  ? -3.995  -2.019  20.846  1.00 62.36 ? 45  ARG A NH2 1 
ATOM   354  N N   . ASN A 1 46  ? -3.430  3.490   15.466  1.00 27.23 ? 46  ASN A N   1 
ATOM   355  C CA  . ASN A 1 46  ? -3.828  4.910   15.467  1.00 29.96 ? 46  ASN A CA  1 
ATOM   356  C C   . ASN A 1 46  ? -4.609  5.276   16.734  1.00 35.90 ? 46  ASN A C   1 
ATOM   357  O O   . ASN A 1 46  ? -5.134  4.406   17.445  1.00 31.87 ? 46  ASN A O   1 
ATOM   358  C CB  . ASN A 1 46  ? -4.656  5.274   14.240  1.00 21.46 ? 46  ASN A CB  1 
ATOM   359  C CG  . ASN A 1 46  ? -3.761  5.031   13.030  1.00 29.52 ? 46  ASN A CG  1 
ATOM   360  O OD1 . ASN A 1 46  ? -4.079  4.185   12.186  1.00 32.15 ? 46  ASN A OD1 1 
ATOM   361  N ND2 . ASN A 1 46  ? -2.642  5.742   13.028  1.00 29.58 ? 46  ASN A ND2 1 
ATOM   362  N N   . THR A 1 47  ? -4.669  6.586   16.924  1.00 33.59 ? 47  THR A N   1 
ATOM   363  C CA  . THR A 1 47  ? -5.344  7.226   18.056  1.00 39.37 ? 47  THR A CA  1 
ATOM   364  C C   . THR A 1 47  ? -6.839  6.959   18.150  1.00 38.08 ? 47  THR A C   1 
ATOM   365  O O   . THR A 1 47  ? -7.443  7.013   19.225  1.00 44.60 ? 47  THR A O   1 
ATOM   366  C CB  . THR A 1 47  ? -5.235  8.807   18.062  1.00 55.47 ? 47  THR A CB  1 
ATOM   367  O OG1 . THR A 1 47  ? -6.147  9.200   16.968  1.00 60.11 ? 47  THR A OG1 1 
ATOM   368  C CG2 . THR A 1 47  ? -3.808  9.323   17.938  1.00 44.23 ? 47  THR A CG2 1 
ATOM   369  N N   . ASP A 1 48  ? -7.391  6.730   16.980  1.00 35.58 ? 48  ASP A N   1 
ATOM   370  C CA  . ASP A 1 48  ? -8.814  6.434   16.781  1.00 31.97 ? 48  ASP A CA  1 
ATOM   371  C C   . ASP A 1 48  ? -9.156  4.948   16.983  1.00 32.91 ? 48  ASP A C   1 
ATOM   372  O O   . ASP A 1 48  ? -10.341 4.600   16.820  1.00 29.68 ? 48  ASP A O   1 
ATOM   373  C CB  . ASP A 1 48  ? -9.222  6.914   15.387  1.00 27.31 ? 48  ASP A CB  1 
ATOM   374  C CG  . ASP A 1 48  ? -8.561  6.089   14.282  1.00 48.30 ? 48  ASP A CG  1 
ATOM   375  O OD1 . ASP A 1 48  ? -7.732  5.187   14.481  1.00 34.49 ? 48  ASP A OD1 1 
ATOM   376  O OD2 . ASP A 1 48  ? -8.957  6.417   13.142  1.00 62.11 ? 48  ASP A OD2 1 
ATOM   377  N N   . GLY A 1 49  ? -8.156  4.120   17.276  1.00 22.89 ? 49  GLY A N   1 
ATOM   378  C CA  . GLY A 1 49  ? -8.485  2.710   17.541  1.00 27.65 ? 49  GLY A CA  1 
ATOM   379  C C   . GLY A 1 49  ? -8.285  1.860   16.297  1.00 29.11 ? 49  GLY A C   1 
ATOM   380  O O   . GLY A 1 49  ? -8.452  0.628   16.372  1.00 30.87 ? 49  GLY A O   1 
ATOM   381  N N   . SER A 1 50  ? -7.930  2.555   15.243  1.00 23.42 ? 50  SER A N   1 
ATOM   382  C CA  . SER A 1 50  ? -7.684  1.807   13.978  1.00 23.55 ? 50  SER A CA  1 
ATOM   383  C C   . SER A 1 50  ? -6.184  1.469   13.943  1.00 19.48 ? 50  SER A C   1 
ATOM   384  O O   . SER A 1 50  ? -5.382  2.005   14.729  1.00 18.77 ? 50  SER A O   1 
ATOM   385  C CB  . SER A 1 50  ? -8.178  2.582   12.777  1.00 16.37 ? 50  SER A CB  1 
ATOM   386  O OG  . SER A 1 50  ? -7.281  3.647   12.527  1.00 20.48 ? 50  SER A OG  1 
ATOM   387  N N   . THR A 1 51  ? -5.857  0.564   13.045  1.00 21.43 ? 51  THR A N   1 
ATOM   388  C CA  . THR A 1 51  ? -4.491  0.106   12.813  1.00 21.05 ? 51  THR A CA  1 
ATOM   389  C C   . THR A 1 51  ? -4.220  0.066   11.307  1.00 19.93 ? 51  THR A C   1 
ATOM   390  O O   . THR A 1 51  ? -5.163  -0.297  10.550  1.00 12.79 ? 51  THR A O   1 
ATOM   391  C CB  . THR A 1 51  ? -4.163  -1.293  13.496  1.00 18.92 ? 51  THR A CB  1 
ATOM   392  O OG1 . THR A 1 51  ? -4.500  -1.096  14.927  1.00 19.21 ? 51  THR A OG1 1 
ATOM   393  C CG2 . THR A 1 51  ? -2.725  -1.842  13.306  1.00 15.44 ? 51  THR A CG2 1 
ATOM   394  N N   . ASP A 1 52  ? -2.989  0.413   10.943  1.00 17.27 ? 52  ASP A N   1 
ATOM   395  C CA  . ASP A 1 52  ? -2.513  0.364   9.557   1.00 16.76 ? 52  ASP A CA  1 
ATOM   396  C C   . ASP A 1 52  ? -1.724  -0.958  9.393   1.00 18.42 ? 52  ASP A C   1 
ATOM   397  O O   . ASP A 1 52  ? -0.920  -1.278  10.257  1.00 20.07 ? 52  ASP A O   1 
ATOM   398  C CB  . ASP A 1 52  ? -1.688  1.560   9.137   1.00 16.83 ? 52  ASP A CB  1 
ATOM   399  C CG  . ASP A 1 52  ? -2.546  2.823   9.343   1.00 24.65 ? 52  ASP A CG  1 
ATOM   400  O OD1 . ASP A 1 52  ? -3.759  2.897   9.144   1.00 25.06 ? 52  ASP A OD1 1 
ATOM   401  O OD2 . ASP A 1 52  ? -1.904  3.811   9.704   1.00 31.53 ? 52  ASP A OD2 1 
ATOM   402  N N   . TYR A 1 53  ? -2.014  -1.653  8.293   1.00 16.03 ? 53  TYR A N   1 
ATOM   403  C CA  . TYR A 1 53  ? -1.479  -2.986  7.974   1.00 13.53 ? 53  TYR A CA  1 
ATOM   404  C C   . TYR A 1 53  ? -0.702  -3.179  6.686   1.00 21.47 ? 53  TYR A C   1 
ATOM   405  O O   . TYR A 1 53  ? -1.207  -2.804  5.617   1.00 15.04 ? 53  TYR A O   1 
ATOM   406  C CB  . TYR A 1 53  ? -2.683  -4.007  7.924   1.00 16.32 ? 53  TYR A CB  1 
ATOM   407  C CG  . TYR A 1 53  ? -3.311  -4.186  9.301   1.00 22.20 ? 53  TYR A CG  1 
ATOM   408  C CD1 . TYR A 1 53  ? -2.819  -5.182  10.170  1.00 26.20 ? 53  TYR A CD1 1 
ATOM   409  C CD2 . TYR A 1 53  ? -4.363  -3.378  9.756   1.00 12.74 ? 53  TYR A CD2 1 
ATOM   410  C CE1 . TYR A 1 53  ? -3.365  -5.402  11.442  1.00 16.83 ? 53  TYR A CE1 1 
ATOM   411  C CE2 . TYR A 1 53  ? -4.929  -3.564  11.028  1.00 15.46 ? 53  TYR A CE2 1 
ATOM   412  C CZ  . TYR A 1 53  ? -4.427  -4.566  11.864  1.00 19.29 ? 53  TYR A CZ  1 
ATOM   413  O OH  . TYR A 1 53  ? -5.005  -4.708  13.086  1.00 18.71 ? 53  TYR A OH  1 
ATOM   414  N N   . GLY A 1 54  ? 0.458   -3.802  6.828   1.00 14.95 ? 54  GLY A N   1 
ATOM   415  C CA  . GLY A 1 54  ? 1.274   -4.217  5.687   1.00 14.21 ? 54  GLY A CA  1 
ATOM   416  C C   . GLY A 1 54  ? 2.101   -3.185  4.978   1.00 14.33 ? 54  GLY A C   1 
ATOM   417  O O   . GLY A 1 54  ? 2.345   -2.076  5.467   1.00 13.37 ? 54  GLY A O   1 
ATOM   418  N N   . ILE A 1 55  ? 2.546   -3.626  3.810   1.00 20.47 ? 55  ILE A N   1 
ATOM   419  C CA  . ILE A 1 55  ? 3.440   -2.827  2.938   1.00 22.68 ? 55  ILE A CA  1 
ATOM   420  C C   . ILE A 1 55  ? 2.855   -1.456  2.542   1.00 19.53 ? 55  ILE A C   1 
ATOM   421  O O   . ILE A 1 55  ? 3.575   -0.464  2.389   1.00 19.37 ? 55  ILE A O   1 
ATOM   422  C CB  . ILE A 1 55  ? 3.912   -3.750  1.725   1.00 20.61 ? 55  ILE A CB  1 
ATOM   423  C CG1 . ILE A 1 55  ? 5.303   -3.223  1.286   1.00 17.29 ? 55  ILE A CG1 1 
ATOM   424  C CG2 . ILE A 1 55  ? 2.901   -3.865  0.554   1.00 12.72 ? 55  ILE A CG2 1 
ATOM   425  C CD1 . ILE A 1 55  ? 6.203   -4.221  0.526   1.00 19.13 ? 55  ILE A CD1 1 
ATOM   426  N N   . PHE A 1 56  ? 1.547   -1.432  2.299   1.00 11.95 ? 56  PHE A N   1 
ATOM   427  C CA  . PHE A 1 56  ? 0.790   -0.237  1.902   1.00 17.40 ? 56  PHE A CA  1 
ATOM   428  C C   . PHE A 1 56  ? 0.103   0.422   3.107   1.00 25.34 ? 56  PHE A C   1 
ATOM   429  O O   . PHE A 1 56  ? -0.607  1.426   2.933   1.00 21.28 ? 56  PHE A O   1 
ATOM   430  C CB  . PHE A 1 56  ? -0.268  -0.532  0.831   1.00 16.89 ? 56  PHE A CB  1 
ATOM   431  C CG  . PHE A 1 56  ? 0.245   -1.258  -0.385  1.00 20.31 ? 56  PHE A CG  1 
ATOM   432  C CD1 . PHE A 1 56  ? 1.339   -0.718  -1.088  1.00 24.49 ? 56  PHE A CD1 1 
ATOM   433  C CD2 . PHE A 1 56  ? -0.346  -2.464  -0.790  1.00 14.52 ? 56  PHE A CD2 1 
ATOM   434  C CE1 . PHE A 1 56  ? 1.819   -1.401  -2.218  1.00 20.47 ? 56  PHE A CE1 1 
ATOM   435  C CE2 . PHE A 1 56  ? 0.124   -3.161  -1.913  1.00 18.27 ? 56  PHE A CE2 1 
ATOM   436  C CZ  . PHE A 1 56  ? 1.191   -2.619  -2.615  1.00 18.26 ? 56  PHE A CZ  1 
ATOM   437  N N   . GLN A 1 57  ? 0.288   -0.127  4.285   1.00 16.59 ? 57  GLN A N   1 
ATOM   438  C CA  . GLN A 1 57  ? -0.303  0.433   5.523   1.00 21.38 ? 57  GLN A CA  1 
ATOM   439  C C   . GLN A 1 57  ? -1.787  0.757   5.329   1.00 22.96 ? 57  GLN A C   1 
ATOM   440  O O   . GLN A 1 57  ? -2.265  1.884   5.524   1.00 18.60 ? 57  GLN A O   1 
ATOM   441  C CB  . GLN A 1 57  ? 0.508   1.656   6.050   1.00 15.08 ? 57  GLN A CB  1 
ATOM   442  C CG  . GLN A 1 57  ? 1.933   1.209   6.477   1.00 13.69 ? 57  GLN A CG  1 
ATOM   443  C CD  . GLN A 1 57  ? 1.795   0.554   7.837   1.00 20.53 ? 57  GLN A CD  1 
ATOM   444  O OE1 . GLN A 1 57  ? 1.583   1.236   8.830   1.00 17.95 ? 57  GLN A OE1 1 
ATOM   445  N NE2 . GLN A 1 57  ? 1.848   -0.767  7.845   1.00 21.18 ? 57  GLN A NE2 1 
ATOM   446  N N   . ILE A 1 58  ? -2.583  -0.220  4.944   1.00 13.51 ? 58  ILE A N   1 
ATOM   447  C CA  . ILE A 1 58  ? -4.052  -0.097  4.749   1.00 17.27 ? 58  ILE A CA  1 
ATOM   448  C C   . ILE A 1 58  ? -4.743  -0.084  6.119   1.00 17.85 ? 58  ILE A C   1 
ATOM   449  O O   . ILE A 1 58  ? -4.512  -0.907  7.007   1.00 14.96 ? 58  ILE A O   1 
ATOM   450  C CB  . ILE A 1 58  ? -4.546  -1.184  3.735   1.00 18.44 ? 58  ILE A CB  1 
ATOM   451  C CG1 . ILE A 1 58  ? -3.950  -0.793  2.341   1.00 23.05 ? 58  ILE A CG1 1 
ATOM   452  C CG2 . ILE A 1 58  ? -6.086  -1.368  3.742   1.00 15.49 ? 58  ILE A CG2 1 
ATOM   453  C CD1 . ILE A 1 58  ? -4.044  -1.873  1.242   1.00 20.32 ? 58  ILE A CD1 1 
ATOM   454  N N   . ASN A 1 59  ? -5.658  0.864   6.260   1.00 16.41 ? 59  ASN A N   1 
ATOM   455  C CA  . ASN A 1 59  ? -6.370  1.144   7.508   1.00 16.88 ? 59  ASN A CA  1 
ATOM   456  C C   . ASN A 1 59  ? -7.587  0.289   7.797   1.00 16.35 ? 59  ASN A C   1 
ATOM   457  O O   . ASN A 1 59  ? -8.438  0.110   6.907   1.00 18.15 ? 59  ASN A O   1 
ATOM   458  C CB  . ASN A 1 59  ? -6.754  2.640   7.451   1.00 19.38 ? 59  ASN A CB  1 
ATOM   459  C CG  . ASN A 1 59  ? -7.276  3.084   8.822   1.00 23.56 ? 59  ASN A CG  1 
ATOM   460  O OD1 . ASN A 1 59  ? -8.504  3.174   9.040   1.00 23.06 ? 59  ASN A OD1 1 
ATOM   461  N ND2 . ASN A 1 59  ? -6.273  3.308   9.683   1.00 20.96 ? 59  ASN A ND2 1 
ATOM   462  N N   . SER A 1 60  ? -7.680  -0.172  9.027   1.00 17.26 ? 60  SER A N   1 
ATOM   463  C CA  . SER A 1 60  ? -8.752  -1.068  9.512   1.00 15.49 ? 60  SER A CA  1 
ATOM   464  C C   . SER A 1 60  ? -10.093 -0.385  9.760   1.00 21.29 ? 60  SER A C   1 
ATOM   465  O O   . SER A 1 60  ? -11.080 -1.086  10.056  1.00 18.44 ? 60  SER A O   1 
ATOM   466  C CB  . SER A 1 60  ? -8.346  -1.786  10.802  1.00 15.44 ? 60  SER A CB  1 
ATOM   467  O OG  . SER A 1 60  ? -8.131  -0.917  11.914  1.00 15.14 ? 60  SER A OG  1 
ATOM   468  N N   . ARG A 1 61  ? -10.147 0.933   9.665   1.00 21.59 ? 61  ARG A N   1 
ATOM   469  C CA  . ARG A 1 61  ? -11.470 1.581   9.850   1.00 22.39 ? 61  ARG A CA  1 
ATOM   470  C C   . ARG A 1 61  ? -12.363 1.446   8.625   1.00 23.74 ? 61  ARG A C   1 
ATOM   471  O O   . ARG A 1 61  ? -13.603 1.330   8.666   1.00 21.39 ? 61  ARG A O   1 
ATOM   472  C CB  . ARG A 1 61  ? -11.246 3.044   10.210  1.00 23.82 ? 61  ARG A CB  1 
ATOM   473  C CG  . ARG A 1 61  ? -12.656 3.635   10.437  1.00 25.44 ? 61  ARG A CG  1 
ATOM   474  C CD  . ARG A 1 61  ? -12.449 4.474   11.671  1.00 39.82 ? 61  ARG A CD  1 
ATOM   475  N NE  . ARG A 1 61  ? -13.202 5.715   11.584  1.00 61.85 ? 61  ARG A NE  1 
ATOM   476  C CZ  . ARG A 1 61  ? -14.505 5.729   11.233  1.00 66.16 ? 61  ARG A CZ  1 
ATOM   477  N NH1 . ARG A 1 61  ? -15.329 4.668   11.278  1.00 66.16 ? 61  ARG A NH1 1 
ATOM   478  N NH2 . ARG A 1 61  ? -14.967 6.904   10.783  1.00 66.16 ? 61  ARG A NH2 1 
ATOM   479  N N   . TYR A 1 62  ? -11.724 1.468   7.439   1.00 24.49 ? 62  TYR A N   1 
ATOM   480  C CA  . TYR A 1 62  ? -12.473 1.363   6.180   1.00 23.46 ? 62  TYR A CA  1 
ATOM   481  C C   . TYR A 1 62  ? -12.250 0.151   5.307   1.00 18.39 ? 62  TYR A C   1 
ATOM   482  O O   . TYR A 1 62  ? -13.197 -0.228  4.588   1.00 23.80 ? 62  TYR A O   1 
ATOM   483  C CB  . TYR A 1 62  ? -12.135 2.578   5.256   1.00 30.24 ? 62  TYR A CB  1 
ATOM   484  C CG  . TYR A 1 62  ? -12.312 3.924   5.954   1.00 34.87 ? 62  TYR A CG  1 
ATOM   485  C CD1 . TYR A 1 62  ? -13.560 4.542   6.012   1.00 43.05 ? 62  TYR A CD1 1 
ATOM   486  C CD2 . TYR A 1 62  ? -11.228 4.556   6.579   1.00 28.97 ? 62  TYR A CD2 1 
ATOM   487  C CE1 . TYR A 1 62  ? -13.749 5.764   6.670   1.00 37.85 ? 62  TYR A CE1 1 
ATOM   488  C CE2 . TYR A 1 62  ? -11.404 5.768   7.236   1.00 48.74 ? 62  TYR A CE2 1 
ATOM   489  C CZ  . TYR A 1 62  ? -12.661 6.374   7.272   1.00 36.39 ? 62  TYR A CZ  1 
ATOM   490  O OH  . TYR A 1 62  ? -12.845 7.588   7.903   1.00 59.14 ? 62  TYR A OH  1 
ATOM   491  N N   . TRP A 1 63  ? -11.021 -0.398  5.314   1.00 16.89 ? 63  TRP A N   1 
ATOM   492  C CA  . TRP A 1 63  ? -10.755 -1.446  4.304   1.00 17.33 ? 63  TRP A CA  1 
ATOM   493  C C   . TRP A 1 63  ? -10.729 -2.887  4.737   1.00 20.19 ? 63  TRP A C   1 
ATOM   494  O O   . TRP A 1 63  ? -10.984 -3.705  3.828   1.00 15.86 ? 63  TRP A O   1 
ATOM   495  C CB  . TRP A 1 63  ? -9.376  -1.039  3.616   1.00 16.08 ? 63  TRP A CB  1 
ATOM   496  C CG  . TRP A 1 63  ? -9.382  0.412   3.195   1.00 19.09 ? 63  TRP A CG  1 
ATOM   497  C CD1 . TRP A 1 63  ? -8.774  1.494   3.784   1.00 15.55 ? 63  TRP A CD1 1 
ATOM   498  C CD2 . TRP A 1 63  ? -10.143 0.907   2.069   1.00 20.92 ? 63  TRP A CD2 1 
ATOM   499  N NE1 . TRP A 1 63  ? -9.084  2.639   3.096   1.00 18.78 ? 63  TRP A NE1 1 
ATOM   500  C CE2 . TRP A 1 63  ? -9.914  2.311   2.054   1.00 19.90 ? 63  TRP A CE2 1 
ATOM   501  C CE3 . TRP A 1 63  ? -10.984 0.310   1.116   1.00 21.94 ? 63  TRP A CE3 1 
ATOM   502  C CZ2 . TRP A 1 63  ? -10.521 3.128   1.091   1.00 17.34 ? 63  TRP A CZ2 1 
ATOM   503  C CZ3 . TRP A 1 63  ? -11.569 1.133   0.153   1.00 27.11 ? 63  TRP A CZ3 1 
ATOM   504  C CH2 . TRP A 1 63  ? -11.335 2.518   0.133   1.00 16.04 ? 63  TRP A CH2 1 
ATOM   505  N N   . CYS A 1 64  ? -10.325 -3.190  5.964   1.00 18.38 ? 64  CYS A N   1 
ATOM   506  C CA  . CYS A 1 64  ? -10.178 -4.621  6.331   1.00 17.58 ? 64  CYS A CA  1 
ATOM   507  C C   . CYS A 1 64  ? -10.717 -4.835  7.744   1.00 19.86 ? 64  CYS A C   1 
ATOM   508  O O   . CYS A 1 64  ? -10.804 -3.851  8.478   1.00 19.02 ? 64  CYS A O   1 
ATOM   509  C CB  . CYS A 1 64  ? -8.716  -5.035  6.184   1.00 16.43 ? 64  CYS A CB  1 
ATOM   510  S SG  . CYS A 1 64  ? -7.535  -4.138  7.260   1.00 17.34 ? 64  CYS A SG  1 
ATOM   511  N N   . ASP A 1 65  ? -10.982 -6.014  8.106   1.00 14.82 ? 65  ASP A N   1 
ATOM   512  C CA  . ASP A 1 65  ? -11.526 -6.317  9.431   1.00 15.53 ? 65  ASP A CA  1 
ATOM   513  C C   . ASP A 1 65  ? -10.428 -6.872  10.355  1.00 21.73 ? 65  ASP A C   1 
ATOM   514  O O   . ASP A 1 65  ? -9.832  -7.918  10.083  1.00 16.84 ? 65  ASP A O   1 
ATOM   515  C CB  . ASP A 1 65  ? -12.638 -7.349  9.268   1.00 15.66 ? 65  ASP A CB  1 
ATOM   516  C CG  . ASP A 1 65  ? -13.168 -7.861  10.595  1.00 31.56 ? 65  ASP A CG  1 
ATOM   517  O OD1 . ASP A 1 65  ? -13.315 -7.047  11.582  1.00 20.00 ? 65  ASP A OD1 1 
ATOM   518  O OD2 . ASP A 1 65  ? -13.466 -9.104  10.723  1.00 33.98 ? 65  ASP A OD2 1 
ATOM   519  N N   . ASP A 1 66  ? -10.166 -6.134  11.478  1.00 17.20 ? 66  ASP A N   1 
ATOM   520  C CA  . ASP A 1 66  ? -9.147  -6.633  12.442  1.00 17.06 ? 66  ASP A CA  1 
ATOM   521  C C   . ASP A 1 66  ? -9.852  -6.982  13.775  1.00 26.28 ? 66  ASP A C   1 
ATOM   522  O O   . ASP A 1 66  ? -9.167  -7.336  14.743  1.00 22.13 ? 66  ASP A O   1 
ATOM   523  C CB  . ASP A 1 66  ? -7.988  -5.693  12.623  1.00 14.24 ? 66  ASP A CB  1 
ATOM   524  C CG  . ASP A 1 66  ? -8.322  -4.439  13.394  1.00 18.43 ? 66  ASP A CG  1 
ATOM   525  O OD1 . ASP A 1 66  ? -9.484  -4.208  13.775  1.00 19.75 ? 66  ASP A OD1 1 
ATOM   526  O OD2 . ASP A 1 66  ? -7.355  -3.668  13.621  1.00 19.87 ? 66  ASP A OD2 1 
ATOM   527  N N   . GLY A 1 67  ? -11.163 -6.907  13.814  1.00 19.65 ? 67  GLY A N   1 
ATOM   528  C CA  . GLY A 1 67  ? -11.976 -7.236  14.947  1.00 20.05 ? 67  GLY A CA  1 
ATOM   529  C C   . GLY A 1 67  ? -11.917 -6.406  16.189  1.00 24.46 ? 67  GLY A C   1 
ATOM   530  O O   . GLY A 1 67  ? -12.615 -6.732  17.183  1.00 26.07 ? 67  GLY A O   1 
ATOM   531  N N   . ARG A 1 68  ? -11.154 -5.328  16.181  1.00 19.62 ? 68  ARG A N   1 
ATOM   532  C CA  . ARG A 1 68  ? -11.034 -4.410  17.328  1.00 21.90 ? 68  ARG A CA  1 
ATOM   533  C C   . ARG A 1 68  ? -11.185 -2.944  16.921  1.00 21.75 ? 68  ARG A C   1 
ATOM   534  O O   . ARG A 1 68  ? -10.802 -2.036  17.704  1.00 28.21 ? 68  ARG A O   1 
ATOM   535  C CB  . ARG A 1 68  ? -9.694  -4.564  18.065  1.00 21.44 ? 68  ARG A CB  1 
ATOM   536  C CG  . ARG A 1 68  ? -8.492  -4.265  17.177  1.00 20.94 ? 68  ARG A CG  1 
ATOM   537  C CD  . ARG A 1 68  ? -7.284  -4.209  18.058  1.00 17.58 ? 68  ARG A CD  1 
ATOM   538  N NE  . ARG A 1 68  ? -6.160  -3.573  17.363  1.00 26.33 ? 68  ARG A NE  1 
ATOM   539  C CZ  . ARG A 1 68  ? -4.883  -3.756  17.756  1.00 59.04 ? 68  ARG A CZ  1 
ATOM   540  N NH1 . ARG A 1 68  ? -4.627  -4.634  18.744  1.00 26.50 ? 68  ARG A NH1 1 
ATOM   541  N NH2 . ARG A 1 68  ? -3.855  -3.079  17.205  1.00 22.08 ? 68  ARG A NH2 1 
ATOM   542  N N   . THR A 1 69  ? -11.677 -2.726  15.691  1.00 20.91 ? 69  THR A N   1 
ATOM   543  C CA  . THR A 1 69  ? -11.834 -1.345  15.238  1.00 24.51 ? 69  THR A CA  1 
ATOM   544  C C   . THR A 1 69  ? -13.332 -0.966  15.260  1.00 22.14 ? 69  THR A C   1 
ATOM   545  O O   . THR A 1 69  ? -14.178 -1.561  14.604  1.00 28.68 ? 69  THR A O   1 
ATOM   546  C CB  . THR A 1 69  ? -11.209 -0.965  13.832  1.00 18.02 ? 69  THR A CB  1 
ATOM   547  O OG1 . THR A 1 69  ? -9.863  -1.467  13.878  1.00 16.29 ? 69  THR A OG1 1 
ATOM   548  C CG2 . THR A 1 69  ? -11.216 0.544   13.533  1.00 18.33 ? 69  THR A CG2 1 
ATOM   549  N N   . PRO A 1 70  ? -13.567 0.077   16.040  1.00 26.15 ? 70  PRO A N   1 
ATOM   550  C CA  . PRO A 1 70  ? -14.882 0.710   16.167  1.00 35.37 ? 70  PRO A CA  1 
ATOM   551  C C   . PRO A 1 70  ? -15.243 1.442   14.882  1.00 22.85 ? 70  PRO A C   1 
ATOM   552  O O   . PRO A 1 70  ? -14.453 2.200   14.266  1.00 29.43 ? 70  PRO A O   1 
ATOM   553  C CB  . PRO A 1 70  ? -14.739 1.586   17.406  1.00 52.63 ? 70  PRO A CB  1 
ATOM   554  C CG  . PRO A 1 70  ? -13.308 2.076   17.321  1.00 51.12 ? 70  PRO A CG  1 
ATOM   555  C CD  . PRO A 1 70  ? -12.549 0.846   16.809  1.00 25.99 ? 70  PRO A CD  1 
ATOM   556  N N   . GLY A 1 71  ? -16.436 1.171   14.384  1.00 26.65 ? 71  GLY A N   1 
ATOM   557  C CA  . GLY A 1 71  ? -17.015 1.749   13.177  1.00 38.93 ? 71  GLY A CA  1 
ATOM   558  C C   . GLY A 1 71  ? -16.368 1.317   11.873  1.00 31.92 ? 71  GLY A C   1 
ATOM   559  O O   . GLY A 1 71  ? -16.383 2.124   10.929  1.00 37.85 ? 71  GLY A O   1 
ATOM   560  N N   . ALA A 1 72  ? -15.851 0.107   11.875  1.00 29.89 ? 72  ALA A N   1 
ATOM   561  C CA  . ALA A 1 72  ? -15.128 -0.452  10.740  1.00 25.13 ? 72  ALA A CA  1 
ATOM   562  C C   . ALA A 1 72  ? -16.107 -0.794  9.624   1.00 35.61 ? 72  ALA A C   1 
ATOM   563  O O   . ALA A 1 72  ? -17.207 -1.242  9.966   1.00 35.11 ? 72  ALA A O   1 
ATOM   564  C CB  . ALA A 1 72  ? -14.336 -1.691  11.146  1.00 29.83 ? 72  ALA A CB  1 
ATOM   565  N N   . LYS A 1 73  ? -15.655 -0.623  8.394   1.00 25.66 ? 73  LYS A N   1 
ATOM   566  C CA  . LYS A 1 73  ? -16.457 -0.910  7.206   1.00 30.19 ? 73  LYS A CA  1 
ATOM   567  C C   . LYS A 1 73  ? -15.963 -2.071  6.341   1.00 29.58 ? 73  LYS A C   1 
ATOM   568  O O   . LYS A 1 73  ? -16.807 -2.515  5.504   1.00 36.49 ? 73  LYS A O   1 
ATOM   569  C CB  . LYS A 1 73  ? -16.517 0.261   6.233   1.00 24.89 ? 73  LYS A CB  1 
ATOM   570  C CG  . LYS A 1 73  ? -17.568 1.318   6.394   1.00 42.28 ? 73  LYS A CG  1 
ATOM   571  C CD  . LYS A 1 73  ? -17.222 2.330   7.474   1.00 57.80 ? 73  LYS A CD  1 
ATOM   572  C CE  . LYS A 1 73  ? -18.503 2.930   8.063   1.00 60.87 ? 73  LYS A CE  1 
ATOM   573  N NZ  . LYS A 1 73  ? -19.668 1.995   7.898   1.00 64.51 ? 73  LYS A NZ  1 
ATOM   574  N N   . ASN A 1 74  ? -14.752 -2.519  6.452   1.00 20.82 ? 74  ASN A N   1 
ATOM   575  C CA  . ASN A 1 74  ? -14.279 -3.672  5.617   1.00 17.17 ? 74  ASN A CA  1 
ATOM   576  C C   . ASN A 1 74  ? -14.688 -3.706  4.138   1.00 16.15 ? 74  ASN A C   1 
ATOM   577  O O   . ASN A 1 74  ? -15.279 -4.683  3.596   1.00 16.96 ? 74  ASN A O   1 
ATOM   578  C CB  . ASN A 1 74  ? -14.708 -5.012  6.295   1.00 18.00 ? 74  ASN A CB  1 
ATOM   579  C CG  . ASN A 1 74  ? -13.836 -6.127  5.756   1.00 19.94 ? 74  ASN A CG  1 
ATOM   580  O OD1 . ASN A 1 74  ? -12.894 -5.874  4.972   1.00 18.91 ? 74  ASN A OD1 1 
ATOM   581  N ND2 . ASN A 1 74  ? -14.145 -7.373  6.121   1.00 20.97 ? 74  ASN A ND2 1 
ATOM   582  N N   . VAL A 1 75  ? -14.298 -2.623  3.459   1.00 20.42 ? 75  VAL A N   1 
ATOM   583  C CA  . VAL A 1 75  ? -14.605 -2.504  2.006   1.00 25.77 ? 75  VAL A CA  1 
ATOM   584  C C   . VAL A 1 75  ? -13.828 -3.534  1.175   1.00 22.12 ? 75  VAL A C   1 
ATOM   585  O O   . VAL A 1 75  ? -14.360 -4.079  0.176   1.00 21.14 ? 75  VAL A O   1 
ATOM   586  C CB  . VAL A 1 75  ? -14.424 -1.034  1.579   1.00 22.53 ? 75  VAL A CB  1 
ATOM   587  C CG1 . VAL A 1 75  ? -14.442 -0.831  0.082   1.00 23.22 ? 75  VAL A CG1 1 
ATOM   588  C CG2 . VAL A 1 75  ? -15.482 -0.147  2.232   1.00 20.67 ? 75  VAL A CG2 1 
ATOM   589  N N   . CYS A 1 76  ? -12.602 -3.897  1.519   1.00 18.67 ? 76  CYS A N   1 
ATOM   590  C CA  . CYS A 1 76  ? -11.904 -4.907  0.737   1.00 18.29 ? 76  CYS A CA  1 
ATOM   591  C C   . CYS A 1 76  ? -12.472 -6.271  1.070   1.00 18.06 ? 76  CYS A C   1 
ATOM   592  O O   . CYS A 1 76  ? -12.152 -7.204  0.307   1.00 17.82 ? 76  CYS A O   1 
ATOM   593  C CB  . CYS A 1 76  ? -10.400 -4.905  0.954   1.00 16.71 ? 76  CYS A CB  1 
ATOM   594  S SG  . CYS A 1 76  ? -9.677  -3.403  0.181   1.00 20.77 ? 76  CYS A SG  1 
ATOM   595  N N   . GLY A 1 77  ? -13.220 -6.407  2.119   1.00 17.55 ? 77  GLY A N   1 
ATOM   596  C CA  . GLY A 1 77  ? -13.834 -7.712  2.467   1.00 16.03 ? 77  GLY A CA  1 
ATOM   597  C C   . GLY A 1 77  ? -12.793 -8.729  2.881   1.00 21.51 ? 77  GLY A C   1 
ATOM   598  O O   . GLY A 1 77  ? -12.899 -9.902  2.435   1.00 22.69 ? 77  GLY A O   1 
ATOM   599  N N   . ILE A 1 78  ? -11.828 -8.318  3.685   1.00 25.79 ? 78  ILE A N   1 
ATOM   600  C CA  . ILE A 1 78  ? -10.784 -9.263  4.085   1.00 22.23 ? 78  ILE A CA  1 
ATOM   601  C C   . ILE A 1 78  ? -10.470 -9.066  5.562   1.00 18.64 ? 78  ILE A C   1 
ATOM   602  O O   . ILE A 1 78  ? -10.858 -8.024  6.118   1.00 19.08 ? 78  ILE A O   1 
ATOM   603  C CB  . ILE A 1 78  ? -9.497  -9.081  3.200   1.00 20.78 ? 78  ILE A CB  1 
ATOM   604  C CG1 . ILE A 1 78  ? -9.136  -7.564  3.311   1.00 17.01 ? 78  ILE A CG1 1 
ATOM   605  C CG2 . ILE A 1 78  ? -9.624  -9.601  1.743   1.00 16.07 ? 78  ILE A CG2 1 
ATOM   606  C CD1 . ILE A 1 78  ? -7.712  -7.206  2.821   1.00 18.42 ? 78  ILE A CD1 1 
ATOM   607  N N   . ARG A 1 79  ? -9.716  -10.046 6.049   1.00 20.23 ? 79  ARG A N   1 
ATOM   608  C CA  . ARG A 1 79  ? -9.174  -9.942  7.411   1.00 20.55 ? 79  ARG A CA  1 
ATOM   609  C C   . ARG A 1 79  ? -7.903  -9.076  7.258   1.00 22.21 ? 79  ARG A C   1 
ATOM   610  O O   . ARG A 1 79  ? -7.236  -9.364  6.222   1.00 15.09 ? 79  ARG A O   1 
ATOM   611  C CB  . ARG A 1 79  ? -8.775  -11.220 8.094   1.00 23.96 ? 79  ARG A CB  1 
ATOM   612  C CG  . ARG A 1 79  ? -9.881  -12.283 8.104   1.00 23.85 ? 79  ARG A CG  1 
ATOM   613  C CD  . ARG A 1 79  ? -10.730 -11.864 9.255   1.00 28.26 ? 79  ARG A CD  1 
ATOM   614  N NE  . ARG A 1 79  ? -11.255 -13.088 9.867   1.00 35.68 ? 79  ARG A NE  1 
ATOM   615  C CZ  . ARG A 1 79  ? -12.480 -13.079 10.434  1.00 48.83 ? 79  ARG A CZ  1 
ATOM   616  N NH1 . ARG A 1 79  ? -13.107 -11.960 10.833  1.00 44.58 ? 79  ARG A NH1 1 
ATOM   617  N NH2 . ARG A 1 79  ? -13.133 -14.244 10.599  1.00 40.98 ? 79  ARG A NH2 1 
ATOM   618  N N   . CYS A 1 80  ? -7.588  -8.144  8.159   1.00 15.94 ? 80  CYS A N   1 
ATOM   619  C CA  . CYS A 1 80  ? -6.374  -7.340  8.059   1.00 13.46 ? 80  CYS A CA  1 
ATOM   620  C C   . CYS A 1 80  ? -5.105  -8.219  8.090   1.00 22.35 ? 80  CYS A C   1 
ATOM   621  O O   . CYS A 1 80  ? -4.088  -7.847  7.475   1.00 18.54 ? 80  CYS A O   1 
ATOM   622  C CB  . CYS A 1 80  ? -6.338  -6.282  9.157   1.00 13.90 ? 80  CYS A CB  1 
ATOM   623  S SG  . CYS A 1 80  ? -7.646  -5.053  9.077   1.00 18.37 ? 80  CYS A SG  1 
ATOM   624  N N   . SER A 1 81  ? -5.172  -9.367  8.746   1.00 16.74 ? 81  SER A N   1 
ATOM   625  C CA  . SER A 1 81  ? -4.085  -10.366 8.826   1.00 22.12 ? 81  SER A CA  1 
ATOM   626  C C   . SER A 1 81  ? -3.564  -10.820 7.451   1.00 20.72 ? 81  SER A C   1 
ATOM   627  O O   . SER A 1 81  ? -2.355  -11.108 7.303   1.00 17.98 ? 81  SER A O   1 
ATOM   628  C CB  . SER A 1 81  ? -4.562  -11.549 9.681   1.00 17.63 ? 81  SER A CB  1 
ATOM   629  O OG  . SER A 1 81  ? -5.665  -12.219 9.084   1.00 18.59 ? 81  SER A OG  1 
ATOM   630  N N   . GLN A 1 82  ? -4.432  -10.838 6.432   1.00 15.18 ? 82  GLN A N   1 
ATOM   631  C CA  . GLN A 1 82  ? -4.111  -11.189 5.053   1.00 15.17 ? 82  GLN A CA  1 
ATOM   632  C C   . GLN A 1 82  ? -3.218  -10.143 4.350   1.00 18.85 ? 82  GLN A C   1 
ATOM   633  O O   . GLN A 1 82  ? -2.662  -10.491 3.292   1.00 18.79 ? 82  GLN A O   1 
ATOM   634  C CB  . GLN A 1 82  ? -5.365  -11.391 4.195   1.00 17.44 ? 82  GLN A CB  1 
ATOM   635  C CG  . GLN A 1 82  ? -6.231  -12.520 4.788   1.00 25.70 ? 82  GLN A CG  1 
ATOM   636  C CD  . GLN A 1 82  ? -7.551  -12.644 4.053   1.00 42.02 ? 82  GLN A CD  1 
ATOM   637  O OE1 . GLN A 1 82  ? -8.656  -12.387 4.550   1.00 36.36 ? 82  GLN A OE1 1 
ATOM   638  N NE2 . GLN A 1 82  ? -7.384  -13.073 2.800   1.00 34.49 ? 82  GLN A NE2 1 
ATOM   639  N N   . LEU A 1 83  ? -3.185  -8.970  4.966   1.00 13.87 ? 83  LEU A N   1 
ATOM   640  C CA  . LEU A 1 83  ? -2.365  -7.885  4.452   1.00 14.13 ? 83  LEU A CA  1 
ATOM   641  C C   . LEU A 1 83  ? -0.924  -7.987  4.944   1.00 24.02 ? 83  LEU A C   1 
ATOM   642  O O   . LEU A 1 83  ? -0.130  -7.094  4.582   1.00 20.50 ? 83  LEU A O   1 
ATOM   643  C CB  . LEU A 1 83  ? -2.964  -6.503  4.856   1.00 12.77 ? 83  LEU A CB  1 
ATOM   644  C CG  . LEU A 1 83  ? -4.347  -6.228  4.267   1.00 15.52 ? 83  LEU A CG  1 
ATOM   645  C CD1 . LEU A 1 83  ? -4.853  -4.880  4.728   1.00 16.38 ? 83  LEU A CD1 1 
ATOM   646  C CD2 . LEU A 1 83  ? -4.238  -6.300  2.741   1.00 13.95 ? 83  LEU A CD2 1 
ATOM   647  N N   . LEU A 1 84  ? -0.627  -8.987  5.764   1.00 19.17 ? 84  LEU A N   1 
ATOM   648  C CA  . LEU A 1 84  ? 0.723   -9.102  6.342   1.00 22.78 ? 84  LEU A CA  1 
ATOM   649  C C   . LEU A 1 84  ? 1.578   -10.231 5.781   1.00 22.51 ? 84  LEU A C   1 
ATOM   650  O O   . LEU A 1 84  ? 2.699   -10.421 6.291   1.00 22.25 ? 84  LEU A O   1 
ATOM   651  C CB  . LEU A 1 84  ? 0.584   -9.258  7.876   1.00 16.75 ? 84  LEU A CB  1 
ATOM   652  C CG  . LEU A 1 84  ? -0.102  -8.150  8.665   1.00 23.92 ? 84  LEU A CG  1 
ATOM   653  C CD1 . LEU A 1 84  ? -0.131  -8.463  10.164  1.00 29.58 ? 84  LEU A CD1 1 
ATOM   654  C CD2 . LEU A 1 84  ? 0.603   -6.787  8.550   1.00 18.89 ? 84  LEU A CD2 1 
ATOM   655  N N   . THR A 1 85  ? 1.064   -10.950 4.828   1.00 18.00 ? 85  THR A N   1 
ATOM   656  C CA  . THR A 1 85  ? 1.783   -12.102 4.224   1.00 17.72 ? 85  THR A CA  1 
ATOM   657  C C   . THR A 1 85  ? 2.914   -11.687 3.305   1.00 25.62 ? 85  THR A C   1 
ATOM   658  O O   . THR A 1 85  ? 2.938   -10.581 2.739   1.00 19.00 ? 85  THR A O   1 
ATOM   659  C CB  . THR A 1 85  ? 0.690   -13.010 3.546   1.00 21.19 ? 85  THR A CB  1 
ATOM   660  O OG1 . THR A 1 85  ? 0.102   -12.260 2.442   1.00 19.10 ? 85  THR A OG1 1 
ATOM   661  C CG2 . THR A 1 85  ? -0.368  -13.453 4.560   1.00 22.81 ? 85  THR A CG2 1 
ATOM   662  N N   . ASP A 1 86  ? 3.886   -12.573 3.100   1.00 21.49 ? 86  ASP A N   1 
ATOM   663  C CA  . ASP A 1 86  ? 5.035   -12.277 2.198   1.00 22.88 ? 86  ASP A CA  1 
ATOM   664  C C   . ASP A 1 86  ? 4.481   -12.134 0.780   1.00 19.26 ? 86  ASP A C   1 
ATOM   665  O O   . ASP A 1 86  ? 4.928   -11.368 -0.082  1.00 20.28 ? 86  ASP A O   1 
ATOM   666  C CB  . ASP A 1 86  ? 6.087   -13.330 2.442   1.00 22.90 ? 86  ASP A CB  1 
ATOM   667  C CG  . ASP A 1 86  ? 6.484   -13.674 3.878   1.00 63.48 ? 86  ASP A CG  1 
ATOM   668  O OD1 . ASP A 1 86  ? 6.482   -12.811 4.806   1.00 43.63 ? 86  ASP A OD1 1 
ATOM   669  O OD2 . ASP A 1 86  ? 6.867   -14.839 4.185   1.00 46.88 ? 86  ASP A OD2 1 
ATOM   670  N N   . ASP A 1 87  ? 3.454   -12.923 0.515   1.00 17.29 ? 87  ASP A N   1 
ATOM   671  C CA  . ASP A 1 87  ? 2.705   -12.929 -0.749  1.00 23.54 ? 87  ASP A CA  1 
ATOM   672  C C   . ASP A 1 87  ? 1.843   -11.649 -0.780  1.00 19.28 ? 87  ASP A C   1 
ATOM   673  O O   . ASP A 1 87  ? 0.975   -11.445 0.100   1.00 20.89 ? 87  ASP A O   1 
ATOM   674  C CB  . ASP A 1 87  ? 1.850   -14.179 -0.910  1.00 20.19 ? 87  ASP A CB  1 
ATOM   675  C CG  . ASP A 1 87  ? 1.160   -14.239 -2.272  1.00 26.66 ? 87  ASP A CG  1 
ATOM   676  O OD1 . ASP A 1 87  ? 1.787   -14.786 -3.185  1.00 40.46 ? 87  ASP A OD1 1 
ATOM   677  O OD2 . ASP A 1 87  ? 0.038   -13.733 -2.403  1.00 35.24 ? 87  ASP A OD2 1 
ATOM   678  N N   . LEU A 1 88  ? 2.054   -10.848 -1.801  1.00 18.04 ? 88  LEU A N   1 
ATOM   679  C CA  . LEU A 1 88  ? 1.398   -9.524  -1.954  1.00 23.00 ? 88  LEU A CA  1 
ATOM   680  C C   . LEU A 1 88  ? 0.011   -9.554  -2.644  1.00 25.65 ? 88  LEU A C   1 
ATOM   681  O O   . LEU A 1 88  ? -0.663  -8.527  -2.753  1.00 18.85 ? 88  LEU A O   1 
ATOM   682  C CB  . LEU A 1 88  ? 2.227   -8.607  -2.869  1.00 23.09 ? 88  LEU A CB  1 
ATOM   683  C CG  . LEU A 1 88  ? 3.430   -7.932  -2.197  1.00 36.35 ? 88  LEU A CG  1 
ATOM   684  C CD1 . LEU A 1 88  ? 4.489   -8.927  -1.726  1.00 20.00 ? 88  LEU A CD1 1 
ATOM   685  C CD2 . LEU A 1 88  ? 4.166   -6.963  -3.137  1.00 20.00 ? 88  LEU A CD2 1 
ATOM   686  N N   . THR A 1 89  ? -0.440  -10.758 -3.168  1.00 17.17 ? 89  THR A N   1 
ATOM   687  C CA  . THR A 1 89  ? -1.692  -10.816 -3.896  1.00 19.28 ? 89  THR A CA  1 
ATOM   688  C C   . THR A 1 89  ? -2.898  -10.110 -3.272  1.00 18.52 ? 89  THR A C   1 
ATOM   689  O O   . THR A 1 89  ? -3.537  -9.354  -4.026  1.00 18.79 ? 89  THR A O   1 
ATOM   690  C CB  . THR A 1 89  ? -2.083  -12.329 -4.150  1.00 19.24 ? 89  THR A CB  1 
ATOM   691  O OG1 . THR A 1 89  ? -0.958  -12.873 -4.892  1.00 20.87 ? 89  THR A OG1 1 
ATOM   692  C CG2 . THR A 1 89  ? -3.422  -12.472 -4.872  1.00 27.45 ? 89  THR A CG2 1 
ATOM   693  N N   . VAL A 1 90  ? -3.205  -10.427 -2.019  1.00 17.51 ? 90  VAL A N   1 
ATOM   694  C CA  . VAL A 1 90  ? -4.390  -9.819  -1.397  1.00 18.28 ? 90  VAL A CA  1 
ATOM   695  C C   . VAL A 1 90  ? -4.140  -8.322  -1.139  1.00 22.60 ? 90  VAL A C   1 
ATOM   696  O O   . VAL A 1 90  ? -5.071  -7.504  -1.336  1.00 19.03 ? 90  VAL A O   1 
ATOM   697  C CB  . VAL A 1 90  ? -4.806  -10.577 -0.132  1.00 16.97 ? 90  VAL A CB  1 
ATOM   698  C CG1 . VAL A 1 90  ? -5.822  -9.810  0.712   1.00 17.20 ? 90  VAL A CG1 1 
ATOM   699  C CG2 . VAL A 1 90  ? -5.287  -11.965 -0.532  1.00 22.38 ? 90  VAL A CG2 1 
ATOM   700  N N   . ALA A 1 91  ? -2.954  -7.935  -0.724  1.00 14.61 ? 91  ALA A N   1 
ATOM   701  C CA  . ALA A 1 91  ? -2.605  -6.529  -0.458  1.00 16.64 ? 91  ALA A CA  1 
ATOM   702  C C   . ALA A 1 91  ? -2.787  -5.673  -1.723  1.00 15.48 ? 91  ALA A C   1 
ATOM   703  O O   . ALA A 1 91  ? -3.328  -4.570  -1.666  1.00 15.70 ? 91  ALA A O   1 
ATOM   704  C CB  . ALA A 1 91  ? -1.179  -6.383  0.054   1.00 11.37 ? 91  ALA A CB  1 
ATOM   705  N N   . ILE A 1 92  ? -2.288  -6.255  -2.818  1.00 13.98 ? 92  ILE A N   1 
ATOM   706  C CA  . ILE A 1 92  ? -2.351  -5.577  -4.127  1.00 18.81 ? 92  ILE A CA  1 
ATOM   707  C C   . ILE A 1 92  ? -3.823  -5.413  -4.539  1.00 19.85 ? 92  ILE A C   1 
ATOM   708  O O   . ILE A 1 92  ? -4.216  -4.322  -4.990  1.00 15.77 ? 92  ILE A O   1 
ATOM   709  C CB  . ILE A 1 92  ? -1.456  -6.293  -5.195  1.00 17.71 ? 92  ILE A CB  1 
ATOM   710  C CG1 . ILE A 1 92  ? 0.038   -5.969  -4.849  1.00 16.24 ? 92  ILE A CG1 1 
ATOM   711  C CG2 . ILE A 1 92  ? -1.870  -5.938  -6.649  1.00 17.38 ? 92  ILE A CG2 1 
ATOM   712  C CD1 . ILE A 1 92  ? 0.977   -6.835  -5.735  1.00 20.61 ? 92  ILE A CD1 1 
ATOM   713  N N   . ARG A 1 93  ? -4.601  -6.472  -4.431  1.00 14.52 ? 93  ARG A N   1 
ATOM   714  C CA  . ARG A 1 93  ? -6.012  -6.406  -4.794  1.00 19.76 ? 93  ARG A CA  1 
ATOM   715  C C   . ARG A 1 93  ? -6.725  -5.346  -3.974  1.00 21.23 ? 93  ARG A C   1 
ATOM   716  O O   . ARG A 1 93  ? -7.579  -4.551  -4.445  1.00 12.06 ? 93  ARG A O   1 
ATOM   717  C CB  . ARG A 1 93  ? -6.578  -7.803  -4.608  1.00 18.60 ? 93  ARG A CB  1 
ATOM   718  C CG  . ARG A 1 93  ? -8.078  -7.854  -4.849  1.00 43.26 ? 93  ARG A CG  1 
ATOM   719  C CD  . ARG A 1 93  ? -8.479  -9.291  -4.731  1.00 49.06 ? 93  ARG A CD  1 
ATOM   720  N NE  . ARG A 1 93  ? -7.441  -10.079 -5.404  1.00 51.30 ? 93  ARG A NE  1 
ATOM   721  C CZ  . ARG A 1 93  ? -7.180  -11.363 -5.131  1.00 66.16 ? 93  ARG A CZ  1 
ATOM   722  N NH1 . ARG A 1 93  ? -7.364  -11.952 -3.941  1.00 45.61 ? 93  ARG A NH1 1 
ATOM   723  N NH2 . ARG A 1 93  ? -6.707  -12.070 -6.173  1.00 45.21 ? 93  ARG A NH2 1 
ATOM   724  N N   . CYS A 1 94  ? -6.408  -5.262  -2.684  1.00 14.07 ? 94  CYS A N   1 
ATOM   725  C CA  . CYS A 1 94  ? -7.070  -4.246  -1.807  1.00 16.50 ? 94  CYS A CA  1 
ATOM   726  C C   . CYS A 1 94  ? -6.532  -2.835  -2.133  1.00 21.75 ? 94  CYS A C   1 
ATOM   727  O O   . CYS A 1 94  ? -7.402  -1.916  -2.199  1.00 16.72 ? 94  CYS A O   1 
ATOM   728  C CB  . CYS A 1 94  ? -6.975  -4.707  -0.349  1.00 14.61 ? 94  CYS A CB  1 
ATOM   729  S SG  . CYS A 1 94  ? -7.748  -3.493  0.793   1.00 18.58 ? 94  CYS A SG  1 
ATOM   730  N N   . ALA A 1 95  ? -5.243  -2.621  -2.371  1.00 17.44 ? 95  ALA A N   1 
ATOM   731  C CA  . ALA A 1 95  ? -4.694  -1.304  -2.751  1.00 19.84 ? 95  ALA A CA  1 
ATOM   732  C C   . ALA A 1 95  ? -5.367  -0.825  -4.054  1.00 18.56 ? 95  ALA A C   1 
ATOM   733  O O   . ALA A 1 95  ? -5.661  0.368   -4.244  1.00 14.58 ? 95  ALA A O   1 
ATOM   734  C CB  . ALA A 1 95  ? -3.192  -1.342  -2.887  1.00 16.34 ? 95  ALA A CB  1 
ATOM   735  N N   . LYS A 1 96  ? -5.600  -1.724  -5.010  1.00 14.99 ? 96  LYS A N   1 
ATOM   736  C CA  . LYS A 1 96  ? -6.315  -1.450  -6.253  1.00 16.15 ? 96  LYS A CA  1 
ATOM   737  C C   . LYS A 1 96  ? -7.743  -0.952  -5.917  1.00 19.15 ? 96  LYS A C   1 
ATOM   738  O O   . LYS A 1 96  ? -8.240  -0.036  -6.597  1.00 22.32 ? 96  LYS A O   1 
ATOM   739  C CB  . LYS A 1 96  ? -6.417  -2.648  -7.211  1.00 9.49  ? 96  LYS A CB  1 
ATOM   740  C CG  . LYS A 1 96  ? -5.075  -2.840  -7.923  1.00 15.26 ? 96  LYS A CG  1 
ATOM   741  C CD  . LYS A 1 96  ? -5.146  -4.158  -8.713  1.00 20.44 ? 96  LYS A CD  1 
ATOM   742  C CE  . LYS A 1 96  ? -3.834  -4.344  -9.483  1.00 18.27 ? 96  LYS A CE  1 
ATOM   743  N NZ  . LYS A 1 96  ? -3.962  -5.601  -10.298 1.00 22.01 ? 96  LYS A NZ  1 
ATOM   744  N N   . ARG A 1 97  ? -8.406  -1.553  -4.934  1.00 17.66 ? 97  ARG A N   1 
ATOM   745  C CA  . ARG A 1 97  ? -9.767  -1.126  -4.564  1.00 16.25 ? 97  ARG A CA  1 
ATOM   746  C C   . ARG A 1 97  ? -9.673  0.263   -3.906  1.00 18.28 ? 97  ARG A C   1 
ATOM   747  O O   . ARG A 1 97  ? -10.454 1.176   -4.260  1.00 15.07 ? 97  ARG A O   1 
ATOM   748  C CB  . ARG A 1 97  ? -10.490 -2.162  -3.693  1.00 16.24 ? 97  ARG A CB  1 
ATOM   749  C CG  . ARG A 1 97  ? -11.767 -1.594  -3.058  1.00 16.76 ? 97  ARG A CG  1 
ATOM   750  C CD  . ARG A 1 97  ? -12.801 -1.308  -4.106  1.00 21.47 ? 97  ARG A CD  1 
ATOM   751  N NE  . ARG A 1 97  ? -13.951 -0.586  -3.550  1.00 19.56 ? 97  ARG A NE  1 
ATOM   752  C CZ  . ARG A 1 97  ? -14.034 0.717   -3.296  1.00 16.61 ? 97  ARG A CZ  1 
ATOM   753  N NH1 . ARG A 1 97  ? -13.109 1.649   -3.448  1.00 17.46 ? 97  ARG A NH1 1 
ATOM   754  N NH2 . ARG A 1 97  ? -15.228 1.135   -2.860  1.00 23.11 ? 97  ARG A NH2 1 
ATOM   755  N N   . VAL A 1 98  ? -8.727  0.454   -2.984  1.00 15.36 ? 98  VAL A N   1 
ATOM   756  C CA  . VAL A 1 98  ? -8.517  1.751   -2.328  1.00 22.45 ? 98  VAL A CA  1 
ATOM   757  C C   . VAL A 1 98  ? -8.350  2.909   -3.348  1.00 23.10 ? 98  VAL A C   1 
ATOM   758  O O   . VAL A 1 98  ? -9.037  3.949   -3.117  1.00 15.47 ? 98  VAL A O   1 
ATOM   759  C CB  . VAL A 1 98  ? -7.305  1.745   -1.351  1.00 16.91 ? 98  VAL A CB  1 
ATOM   760  C CG1 . VAL A 1 98  ? -7.076  3.145   -0.747  1.00 14.58 ? 98  VAL A CG1 1 
ATOM   761  C CG2 . VAL A 1 98  ? -7.365  0.705   -0.253  1.00 14.82 ? 98  VAL A CG2 1 
ATOM   762  N N   . VAL A 1 99  ? -7.502  2.795   -4.373  1.00 13.48 ? 99  VAL A N   1 
ATOM   763  C CA  . VAL A 1 99  ? -7.253  3.864   -5.323  1.00 16.84 ? 99  VAL A CA  1 
ATOM   764  C C   . VAL A 1 99  ? -8.437  4.218   -6.263  1.00 19.56 ? 99  VAL A C   1 
ATOM   765  O O   . VAL A 1 99  ? -8.303  5.296   -6.892  1.00 20.17 ? 99  VAL A O   1 
ATOM   766  C CB  . VAL A 1 99  ? -6.083  3.736   -6.364  1.00 21.43 ? 99  VAL A CB  1 
ATOM   767  C CG1 . VAL A 1 99  ? -4.912  4.400   -5.667  1.00 27.88 ? 99  VAL A CG1 1 
ATOM   768  C CG2 . VAL A 1 99  ? -6.009  2.337   -6.919  1.00 19.73 ? 99  VAL A CG2 1 
ATOM   769  N N   . LEU A 1 100 ? -9.428  3.355   -6.286  1.00 20.94 ? 100 LEU A N   1 
ATOM   770  C CA  . LEU A 1 100 ? -10.613 3.699   -7.094  1.00 24.15 ? 100 LEU A CA  1 
ATOM   771  C C   . LEU A 1 100 ? -11.491 4.718   -6.358  1.00 22.18 ? 100 LEU A C   1 
ATOM   772  O O   . LEU A 1 100 ? -12.315 5.241   -7.105  1.00 25.96 ? 100 LEU A O   1 
ATOM   773  C CB  . LEU A 1 100 ? -11.350 2.418   -7.437  1.00 19.30 ? 100 LEU A CB  1 
ATOM   774  C CG  . LEU A 1 100 ? -10.588 1.408   -8.243  1.00 19.26 ? 100 LEU A CG  1 
ATOM   775  C CD1 . LEU A 1 100 ? -11.557 0.222   -8.415  1.00 23.80 ? 100 LEU A CD1 1 
ATOM   776  C CD2 . LEU A 1 100 ? -10.135 2.004   -9.570  1.00 21.20 ? 100 LEU A CD2 1 
ATOM   777  N N   . ASP A 1 101 ? -11.367 4.932   -5.064  1.00 20.02 ? 101 ASP A N   1 
ATOM   778  C CA  . ASP A 1 101 ? -12.201 5.934   -4.386  1.00 23.71 ? 101 ASP A CA  1 
ATOM   779  C C   . ASP A 1 101 ? -11.753 7.310   -4.900  1.00 21.58 ? 101 ASP A C   1 
ATOM   780  O O   . ASP A 1 101 ? -10.669 7.531   -5.468  1.00 22.99 ? 101 ASP A O   1 
ATOM   781  C CB  . ASP A 1 101 ? -12.179 5.787   -2.871  1.00 21.20 ? 101 ASP A CB  1 
ATOM   782  C CG  . ASP A 1 101 ? -13.383 4.987   -2.365  1.00 24.88 ? 101 ASP A CG  1 
ATOM   783  O OD1 . ASP A 1 101 ? -14.014 4.242   -3.137  1.00 26.58 ? 101 ASP A OD1 1 
ATOM   784  O OD2 . ASP A 1 101 ? -13.654 5.133   -1.160  1.00 23.80 ? 101 ASP A OD2 1 
ATOM   785  N N   . PRO A 1 102 ? -12.658 8.249   -4.726  1.00 20.59 ? 102 PRO A N   1 
ATOM   786  C CA  . PRO A 1 102 ? -12.458 9.618   -5.203  1.00 29.10 ? 102 PRO A CA  1 
ATOM   787  C C   . PRO A 1 102 ? -11.107 10.242  -4.885  1.00 22.67 ? 102 PRO A C   1 
ATOM   788  O O   . PRO A 1 102 ? -10.557 10.933  -5.768  1.00 25.12 ? 102 PRO A O   1 
ATOM   789  C CB  . PRO A 1 102 ? -13.627 10.369  -4.564  1.00 27.86 ? 102 PRO A CB  1 
ATOM   790  C CG  . PRO A 1 102 ? -14.718 9.335   -4.475  1.00 28.13 ? 102 PRO A CG  1 
ATOM   791  C CD  . PRO A 1 102 ? -13.957 8.085   -4.054  1.00 24.47 ? 102 PRO A CD  1 
ATOM   792  N N   . ASN A 1 103 ? -10.591 9.946   -3.721  1.00 24.80 ? 103 ASN A N   1 
ATOM   793  C CA  . ASN A 1 103 ? -9.319  10.561  -3.304  1.00 23.50 ? 103 ASN A CA  1 
ATOM   794  C C   . ASN A 1 103 ? -8.097  9.940   -4.030  1.00 23.53 ? 103 ASN A C   1 
ATOM   795  O O   . ASN A 1 103 ? -6.968  10.428  -3.908  1.00 21.54 ? 103 ASN A O   1 
ATOM   796  C CB  . ASN A 1 103 ? -9.146  10.438  -1.790  1.00 25.06 ? 103 ASN A CB  1 
ATOM   797  C CG  . ASN A 1 103 ? -9.892  11.534  -1.006  1.00 30.22 ? 103 ASN A CG  1 
ATOM   798  O OD1 . ASN A 1 103 ? -10.587 12.363  -1.600  1.00 31.40 ? 103 ASN A OD1 1 
ATOM   799  N ND2 . ASN A 1 103 ? -9.795  11.590  0.311   1.00 20.00 ? 103 ASN A ND2 1 
ATOM   800  N N   . GLY A 1 104 ? -8.327  8.822   -4.812  1.00 17.88 ? 104 GLY A N   1 
ATOM   801  C CA  . GLY A 1 104 ? -7.201  8.201   -5.539  1.00 18.64 ? 104 GLY A CA  1 
ATOM   802  C C   . GLY A 1 104 ? -6.053  7.871   -4.584  1.00 23.69 ? 104 GLY A C   1 
ATOM   803  O O   . GLY A 1 104 ? -6.228  7.499   -3.400  1.00 19.39 ? 104 GLY A O   1 
ATOM   804  N N   . ILE A 1 105 ? -4.834  8.042   -5.074  1.00 18.09 ? 105 ILE A N   1 
ATOM   805  C CA  . ILE A 1 105 ? -3.618  7.717   -4.294  1.00 21.56 ? 105 ILE A CA  1 
ATOM   806  C C   . ILE A 1 105 ? -3.390  8.675   -3.135  1.00 18.65 ? 105 ILE A C   1 
ATOM   807  O O   . ILE A 1 105 ? -2.550  8.280   -2.280  1.00 17.39 ? 105 ILE A O   1 
ATOM   808  C CB  . ILE A 1 105 ? -2.442  7.565   -5.336  1.00 21.11 ? 105 ILE A CB  1 
ATOM   809  C CG1 . ILE A 1 105 ? -1.286  6.696   -4.780  1.00 16.19 ? 105 ILE A CG1 1 
ATOM   810  C CG2 . ILE A 1 105 ? -2.010  8.988   -5.810  1.00 16.73 ? 105 ILE A CG2 1 
ATOM   811  C CD1 . ILE A 1 105 ? -0.210  6.324   -5.810  1.00 16.45 ? 105 ILE A CD1 1 
ATOM   812  N N   . GLY A 1 106 ? -4.104  9.802   -3.050  1.00 13.68 ? 106 GLY A N   1 
ATOM   813  C CA  . GLY A 1 106 ? -3.978  10.763  -1.940  1.00 11.78 ? 106 GLY A CA  1 
ATOM   814  C C   . GLY A 1 106 ? -4.556  10.101  -0.690  1.00 18.42 ? 106 GLY A C   1 
ATOM   815  O O   . GLY A 1 106 ? -4.502  10.685  0.406   1.00 22.33 ? 106 GLY A O   1 
ATOM   816  N N   . ALA A 1 107 ? -5.077  8.870   -0.804  1.00 20.41 ? 107 ALA A N   1 
ATOM   817  C CA  . ALA A 1 107 ? -5.581  8.111   0.361   1.00 16.70 ? 107 ALA A CA  1 
ATOM   818  C C   . ALA A 1 107 ? -4.389  7.816   1.294   1.00 19.42 ? 107 ALA A C   1 
ATOM   819  O O   . ALA A 1 107 ? -4.538  7.605   2.504   1.00 17.15 ? 107 ALA A O   1 
ATOM   820  C CB  . ALA A 1 107 ? -6.312  6.809   0.032   1.00 17.68 ? 107 ALA A CB  1 
ATOM   821  N N   . TRP A 1 108 ? -3.185  7.775   0.712   1.00 15.57 ? 108 TRP A N   1 
ATOM   822  C CA  . TRP A 1 108 ? -1.977  7.468   1.480   1.00 15.34 ? 108 TRP A CA  1 
ATOM   823  C C   . TRP A 1 108 ? -1.275  8.739   1.942   1.00 20.08 ? 108 TRP A C   1 
ATOM   824  O O   . TRP A 1 108 ? -0.771  9.534   1.113   1.00 16.00 ? 108 TRP A O   1 
ATOM   825  C CB  . TRP A 1 108 ? -1.056  6.585   0.625   1.00 15.01 ? 108 TRP A CB  1 
ATOM   826  C CG  . TRP A 1 108 ? -1.457  5.139   0.547   1.00 16.52 ? 108 TRP A CG  1 
ATOM   827  C CD1 . TRP A 1 108 ? -1.106  4.134   1.423   1.00 15.69 ? 108 TRP A CD1 1 
ATOM   828  C CD2 . TRP A 1 108 ? -2.292  4.509   -0.451  1.00 16.83 ? 108 TRP A CD2 1 
ATOM   829  N NE1 . TRP A 1 108 ? -1.688  2.946   1.007   1.00 16.21 ? 108 TRP A NE1 1 
ATOM   830  C CE2 . TRP A 1 108 ? -2.404  3.116   -0.152  1.00 18.80 ? 108 TRP A CE2 1 
ATOM   831  C CE3 . TRP A 1 108 ? -2.933  4.991   -1.602  1.00 17.75 ? 108 TRP A CE3 1 
ATOM   832  C CZ2 . TRP A 1 108 ? -3.117  2.201   -0.927  1.00 13.64 ? 108 TRP A CZ2 1 
ATOM   833  C CZ3 . TRP A 1 108 ? -3.645  4.078   -2.379  1.00 20.23 ? 108 TRP A CZ3 1 
ATOM   834  C CH2 . TRP A 1 108 ? -3.753  2.713   -2.056  1.00 18.04 ? 108 TRP A CH2 1 
ATOM   835  N N   . VAL A 1 109 ? -1.200  8.900   3.252   1.00 15.19 ? 109 VAL A N   1 
ATOM   836  C CA  . VAL A 1 109 ? -0.521  10.095  3.808   1.00 18.22 ? 109 VAL A CA  1 
ATOM   837  C C   . VAL A 1 109 ? 0.935   10.150  3.332   1.00 24.96 ? 109 VAL A C   1 
ATOM   838  O O   . VAL A 1 109 ? 1.342   11.283  3.027   1.00 18.30 ? 109 VAL A O   1 
ATOM   839  C CB  . VAL A 1 109 ? -0.571  10.187  5.351   1.00 18.46 ? 109 VAL A CB  1 
ATOM   840  C CG1 . VAL A 1 109 ? 0.133   11.459  5.901   1.00 19.59 ? 109 VAL A CG1 1 
ATOM   841  C CG2 . VAL A 1 109 ? -1.986  10.071  5.862   1.00 34.60 ? 109 VAL A CG2 1 
ATOM   842  N N   . ALA A 1 110 ? 1.636   9.011   3.318   1.00 20.06 ? 110 ALA A N   1 
ATOM   843  C CA  . ALA A 1 110 ? 3.063   9.057   2.937   1.00 19.17 ? 110 ALA A CA  1 
ATOM   844  C C   . ALA A 1 110 ? 3.201   9.482   1.478   1.00 20.33 ? 110 ALA A C   1 
ATOM   845  O O   . ALA A 1 110 ? 4.235   10.147  1.232   1.00 19.97 ? 110 ALA A O   1 
ATOM   846  C CB  . ALA A 1 110 ? 3.782   7.747   3.234   1.00 20.77 ? 110 ALA A CB  1 
ATOM   847  N N   . TRP A 1 111 ? 2.268   9.103   0.610   1.00 19.37 ? 111 TRP A N   1 
ATOM   848  C CA  . TRP A 1 111 ? 2.345   9.525   -0.796  1.00 15.73 ? 111 TRP A CA  1 
ATOM   849  C C   . TRP A 1 111 ? 2.194   11.076  -0.816  1.00 22.12 ? 111 TRP A C   1 
ATOM   850  O O   . TRP A 1 111 ? 2.978   11.812  -1.460  1.00 20.06 ? 111 TRP A O   1 
ATOM   851  C CB  . TRP A 1 111 ? 1.347   8.802   -1.689  1.00 15.65 ? 111 TRP A CB  1 
ATOM   852  C CG  . TRP A 1 111 ? 1.462   9.265   -3.112  1.00 18.48 ? 111 TRP A CG  1 
ATOM   853  C CD1 . TRP A 1 111 ? 2.269   8.764   -4.106  1.00 20.04 ? 111 TRP A CD1 1 
ATOM   854  C CD2 . TRP A 1 111 ? 0.728   10.368  -3.686  1.00 26.04 ? 111 TRP A CD2 1 
ATOM   855  N NE1 . TRP A 1 111 ? 2.048   9.448   -5.274  1.00 19.80 ? 111 TRP A NE1 1 
ATOM   856  C CE2 . TRP A 1 111 ? 1.128   10.452  -5.039  1.00 25.56 ? 111 TRP A CE2 1 
ATOM   857  C CE3 . TRP A 1 111 ? -0.228  11.251  -3.170  1.00 19.22 ? 111 TRP A CE3 1 
ATOM   858  C CZ2 . TRP A 1 111 ? 0.606   11.423  -5.909  1.00 18.14 ? 111 TRP A CZ2 1 
ATOM   859  C CZ3 . TRP A 1 111 ? -0.749  12.201  -4.023  1.00 20.29 ? 111 TRP A CZ3 1 
ATOM   860  C CH2 . TRP A 1 111 ? -0.347  12.279  -5.366  1.00 20.83 ? 111 TRP A CH2 1 
ATOM   861  N N   . ARG A 1 112 ? 1.167   11.589  -0.147  1.00 20.21 ? 112 ARG A N   1 
ATOM   862  C CA  . ARG A 1 112 ? 0.926   13.065  -0.098  1.00 20.76 ? 112 ARG A CA  1 
ATOM   863  C C   . ARG A 1 112 ? 2.162   13.820  0.368   1.00 24.47 ? 112 ARG A C   1 
ATOM   864  O O   . ARG A 1 112 ? 2.536   14.851  -0.217  1.00 18.25 ? 112 ARG A O   1 
ATOM   865  C CB  . ARG A 1 112 ? -0.314  13.405  0.763   1.00 15.69 ? 112 ARG A CB  1 
ATOM   866  C CG  . ARG A 1 112 ? -1.574  12.973  0.000   1.00 19.09 ? 112 ARG A CG  1 
ATOM   867  C CD  . ARG A 1 112 ? -2.805  13.681  0.451   1.00 21.55 ? 112 ARG A CD  1 
ATOM   868  N NE  . ARG A 1 112 ? -2.849  14.000  1.858   1.00 23.88 ? 112 ARG A NE  1 
ATOM   869  C CZ  . ARG A 1 112 ? -3.225  13.222  2.859   1.00 32.44 ? 112 ARG A CZ  1 
ATOM   870  N NH1 . ARG A 1 112 ? -3.642  11.975  2.653   1.00 22.88 ? 112 ARG A NH1 1 
ATOM   871  N NH2 . ARG A 1 112 ? -3.212  13.630  4.120   1.00 20.72 ? 112 ARG A NH2 1 
ATOM   872  N N   . LEU A 1 113 ? 2.847   13.224  1.322   1.00 20.13 ? 113 LEU A N   1 
ATOM   873  C CA  . LEU A 1 113 ? 3.986   13.851  1.995   1.00 22.22 ? 113 LEU A CA  1 
ATOM   874  C C   . LEU A 1 113 ? 5.326   13.791  1.228   1.00 26.19 ? 113 LEU A C   1 
ATOM   875  O O   . LEU A 1 113 ? 5.962   14.827  0.976   1.00 21.73 ? 113 LEU A O   1 
ATOM   876  C CB  . LEU A 1 113 ? 4.216   13.189  3.342   1.00 35.05 ? 113 LEU A CB  1 
ATOM   877  C CG  . LEU A 1 113 ? 4.356   14.229  4.440   1.00 54.17 ? 113 LEU A CG  1 
ATOM   878  C CD1 . LEU A 1 113 ? 3.174   15.202  4.490   1.00 20.00 ? 113 LEU A CD1 1 
ATOM   879  C CD2 . LEU A 1 113 ? 4.462   13.624  5.831   1.00 20.00 ? 113 LEU A CD2 1 
ATOM   880  N N   . HIS A 1 114 ? 5.834   12.625  0.940   1.00 22.75 ? 114 HIS A N   1 
ATOM   881  C CA  . HIS A 1 114 ? 7.092   12.379  0.274   1.00 21.15 ? 114 HIS A CA  1 
ATOM   882  C C   . HIS A 1 114 ? 7.117   12.123  -1.210  1.00 21.00 ? 114 HIS A C   1 
ATOM   883  O O   . HIS A 1 114 ? 8.234   12.149  -1.765  1.00 24.45 ? 114 HIS A O   1 
ATOM   884  C CB  . HIS A 1 114 ? 7.728   11.068  0.880   1.00 16.86 ? 114 HIS A CB  1 
ATOM   885  C CG  . HIS A 1 114 ? 7.856   11.341  2.333   1.00 21.86 ? 114 HIS A CG  1 
ATOM   886  N ND1 . HIS A 1 114 ? 6.992   10.780  3.243   1.00 32.48 ? 114 HIS A ND1 1 
ATOM   887  C CD2 . HIS A 1 114 ? 8.742   12.110  3.012   1.00 26.81 ? 114 HIS A CD2 1 
ATOM   888  C CE1 . HIS A 1 114 ? 7.331   11.180  4.460   1.00 30.59 ? 114 HIS A CE1 1 
ATOM   889  N NE2 . HIS A 1 114 ? 8.391   11.960  4.320   1.00 29.24 ? 114 HIS A NE2 1 
ATOM   890  N N   . CYS A 1 115 ? 5.998   11.859  -1.844  1.00 17.59 ? 115 CYS A N   1 
ATOM   891  C CA  . CYS A 1 115 ? 5.996   11.471  -3.240  1.00 15.66 ? 115 CYS A CA  1 
ATOM   892  C C   . CYS A 1 115 ? 5.298   12.417  -4.190  1.00 20.94 ? 115 CYS A C   1 
ATOM   893  O O   . CYS A 1 115 ? 5.806   12.484  -5.329  1.00 21.48 ? 115 CYS A O   1 
ATOM   894  C CB  . CYS A 1 115 ? 5.307   10.069  -3.446  1.00 17.50 ? 115 CYS A CB  1 
ATOM   895  S SG  . CYS A 1 115 ? 5.925   8.789   -2.274  1.00 19.79 ? 115 CYS A SG  1 
ATOM   896  N N   . GLN A 1 116 ? 4.203   12.988  -3.756  1.00 19.38 ? 116 GLN A N   1 
ATOM   897  C CA  . GLN A 1 116 ? 3.424   13.910  -4.600  1.00 29.98 ? 116 GLN A CA  1 
ATOM   898  C C   . GLN A 1 116 ? 4.307   15.066  -5.110  1.00 28.35 ? 116 GLN A C   1 
ATOM   899  O O   . GLN A 1 116 ? 5.059   15.650  -4.293  1.00 25.76 ? 116 GLN A O   1 
ATOM   900  C CB  . GLN A 1 116 ? 2.240   14.483  -3.835  1.00 13.32 ? 116 GLN A CB  1 
ATOM   901  C CG  . GLN A 1 116 ? 1.426   15.453  -4.662  1.00 17.65 ? 116 GLN A CG  1 
ATOM   902  C CD  . GLN A 1 116 ? 0.134   15.802  -3.994  1.00 22.96 ? 116 GLN A CD  1 
ATOM   903  O OE1 . GLN A 1 116 ? -0.828  16.173  -4.651  1.00 25.78 ? 116 GLN A OE1 1 
ATOM   904  N NE2 . GLN A 1 116 ? 0.073   15.670  -2.674  1.00 14.06 ? 116 GLN A NE2 1 
ATOM   905  N N   . ASN A 1 117 ? 4.220   15.295  -6.418  1.00 26.39 ? 117 ASN A N   1 
ATOM   906  C CA  . ASN A 1 117 ? 5.008   16.392  -7.044  1.00 37.87 ? 117 ASN A CA  1 
ATOM   907  C C   . ASN A 1 117 ? 6.527   16.204  -7.068  1.00 41.99 ? 117 ASN A C   1 
ATOM   908  O O   . ASN A 1 117 ? 7.258   17.152  -7.445  1.00 42.18 ? 117 ASN A O   1 
ATOM   909  C CB  . ASN A 1 117 ? 4.695   17.738  -6.338  1.00 26.42 ? 117 ASN A CB  1 
ATOM   910  C CG  . ASN A 1 117 ? 3.271   18.254  -6.491  1.00 29.67 ? 117 ASN A CG  1 
ATOM   911  O OD1 . ASN A 1 117 ? 2.623   18.014  -7.558  1.00 38.51 ? 117 ASN A OD1 1 
ATOM   912  N ND2 . ASN A 1 117 ? 2.821   18.954  -5.441  1.00 32.36 ? 117 ASN A ND2 1 
ATOM   913  N N   . GLN A 1 118 ? 7.047   15.071  -6.652  1.00 33.52 ? 118 GLN A N   1 
ATOM   914  C CA  . GLN A 1 118 ? 8.456   14.721  -6.576  1.00 27.50 ? 118 GLN A CA  1 
ATOM   915  C C   . GLN A 1 118 ? 8.993   14.012  -7.819  1.00 36.05 ? 118 GLN A C   1 
ATOM   916  O O   . GLN A 1 118 ? 8.183   13.487  -8.591  1.00 27.89 ? 118 GLN A O   1 
ATOM   917  C CB  . GLN A 1 118 ? 8.858   13.692  -5.490  1.00 34.38 ? 118 GLN A CB  1 
ATOM   918  C CG  . GLN A 1 118 ? 8.364   14.135  -4.123  1.00 50.58 ? 118 GLN A CG  1 
ATOM   919  C CD  . GLN A 1 118 ? 9.212   15.305  -3.654  1.00 64.96 ? 118 GLN A CD  1 
ATOM   920  O OE1 . GLN A 1 118 ? 9.335   16.284  -4.398  1.00 63.20 ? 118 GLN A OE1 1 
ATOM   921  N NE2 . GLN A 1 118 ? 9.772   15.139  -2.449  1.00 66.16 ? 118 GLN A NE2 1 
ATOM   922  N N   . ASP A 1 119 ? 10.316  13.995  -7.840  1.00 40.65 ? 119 ASP A N   1 
ATOM   923  C CA  . ASP A 1 119 ? 10.919  13.249  -8.997  1.00 43.13 ? 119 ASP A CA  1 
ATOM   924  C C   . ASP A 1 119 ? 11.091  11.818  -8.461  1.00 20.30 ? 119 ASP A C   1 
ATOM   925  O O   . ASP A 1 119 ? 11.862  11.597  -7.488  1.00 26.47 ? 119 ASP A O   1 
ATOM   926  C CB  . ASP A 1 119 ? 12.117  14.016  -9.498  1.00 39.28 ? 119 ASP A CB  1 
ATOM   927  C CG  . ASP A 1 119 ? 12.928  13.115  -10.448 1.00 62.80 ? 119 ASP A CG  1 
ATOM   928  O OD1 . ASP A 1 119 ? 12.347  12.594  -11.445 1.00 41.85 ? 119 ASP A OD1 1 
ATOM   929  O OD2 . ASP A 1 119 ? 14.113  12.985  -10.063 1.00 58.70 ? 119 ASP A OD2 1 
ATOM   930  N N   . LEU A 1 120 ? 10.314  10.907  -9.019  1.00 27.76 ? 120 LEU A N   1 
ATOM   931  C CA  . LEU A 1 120 ? 10.309  9.514   -8.513  1.00 25.47 ? 120 LEU A CA  1 
ATOM   932  C C   . LEU A 1 120 ? 11.147  8.526   -9.297  1.00 33.29 ? 120 LEU A C   1 
ATOM   933  O O   . LEU A 1 120 ? 11.062  7.303   -9.083  1.00 22.64 ? 120 LEU A O   1 
ATOM   934  C CB  . LEU A 1 120 ? 8.808   9.146   -8.454  1.00 18.67 ? 120 LEU A CB  1 
ATOM   935  C CG  . LEU A 1 120 ? 7.891   9.977   -7.592  1.00 16.49 ? 120 LEU A CG  1 
ATOM   936  C CD1 . LEU A 1 120 ? 6.548   9.264   -7.474  1.00 22.88 ? 120 LEU A CD1 1 
ATOM   937  C CD2 . LEU A 1 120 ? 8.442   10.173  -6.185  1.00 20.48 ? 120 LEU A CD2 1 
ATOM   938  N N   . ARG A 1 121 ? 11.951  9.034   -10.212 1.00 26.54 ? 121 ARG A N   1 
ATOM   939  C CA  . ARG A 1 121 ? 12.853  8.292   -11.076 1.00 36.10 ? 121 ARG A CA  1 
ATOM   940  C C   . ARG A 1 121 ? 13.717  7.349   -10.247 1.00 33.17 ? 121 ARG A C   1 
ATOM   941  O O   . ARG A 1 121 ? 13.867  6.165   -10.622 1.00 25.74 ? 121 ARG A O   1 
ATOM   942  C CB  . ARG A 1 121 ? 13.751  9.238   -11.891 1.00 37.94 ? 121 ARG A CB  1 
ATOM   943  C CG  . ARG A 1 121 ? 13.395  9.276   -13.382 1.00 63.70 ? 121 ARG A CG  1 
ATOM   944  C CD  . ARG A 1 121 ? 14.098  8.199   -14.158 1.00 66.16 ? 121 ARG A CD  1 
ATOM   945  N NE  . ARG A 1 121 ? 13.721  7.872   -15.525 1.00 63.80 ? 121 ARG A NE  1 
ATOM   946  C CZ  . ARG A 1 121 ? 14.464  7.707   -16.643 1.00 66.16 ? 121 ARG A CZ  1 
ATOM   947  N NH1 . ARG A 1 121 ? 15.803  7.837   -16.720 1.00 66.16 ? 121 ARG A NH1 1 
ATOM   948  N NH2 . ARG A 1 121 ? 13.799  7.403   -17.787 1.00 65.11 ? 121 ARG A NH2 1 
ATOM   949  N N   . SER A 1 122 ? 14.235  7.914   -9.162  1.00 22.67 ? 122 SER A N   1 
ATOM   950  C CA  . SER A 1 122 ? 15.098  7.076   -8.312  1.00 23.35 ? 122 SER A CA  1 
ATOM   951  C C   . SER A 1 122 ? 14.497  5.814   -7.707  1.00 34.74 ? 122 SER A C   1 
ATOM   952  O O   . SER A 1 122 ? 15.313  4.909   -7.360  1.00 23.89 ? 122 SER A O   1 
ATOM   953  C CB  . SER A 1 122 ? 15.608  7.993   -7.193  1.00 32.15 ? 122 SER A CB  1 
ATOM   954  O OG  . SER A 1 122 ? 14.531  8.586   -6.469  1.00 46.29 ? 122 SER A OG  1 
ATOM   955  N N   . TYR A 1 123 ? 13.189  5.721   -7.541  1.00 26.78 ? 123 TYR A N   1 
ATOM   956  C CA  . TYR A 1 123 ? 12.556  4.540   -6.904  1.00 26.13 ? 123 TYR A CA  1 
ATOM   957  C C   . TYR A 1 123 ? 12.616  3.274   -7.766  1.00 16.26 ? 123 TYR A C   1 
ATOM   958  O O   . TYR A 1 123 ? 12.508  2.173   -7.197  1.00 23.58 ? 123 TYR A O   1 
ATOM   959  C CB  . TYR A 1 123 ? 11.100  4.889   -6.450  1.00 14.18 ? 123 TYR A CB  1 
ATOM   960  C CG  . TYR A 1 123 ? 11.138  5.892   -5.314  1.00 21.09 ? 123 TYR A CG  1 
ATOM   961  C CD1 . TYR A 1 123 ? 11.371  5.468   -4.006  1.00 17.54 ? 123 TYR A CD1 1 
ATOM   962  C CD2 . TYR A 1 123 ? 10.996  7.273   -5.530  1.00 23.34 ? 123 TYR A CD2 1 
ATOM   963  C CE1 . TYR A 1 123 ? 11.420  6.375   -2.936  1.00 17.02 ? 123 TYR A CE1 1 
ATOM   964  C CE2 . TYR A 1 123 ? 11.030  8.185   -4.476  1.00 16.89 ? 123 TYR A CE2 1 
ATOM   965  C CZ  . TYR A 1 123 ? 11.249  7.734   -3.174  1.00 20.46 ? 123 TYR A CZ  1 
ATOM   966  O OH  . TYR A 1 123 ? 11.299  8.621   -2.112  1.00 23.32 ? 123 TYR A OH  1 
ATOM   967  N N   . VAL A 1 124 ? 12.777  3.458   -9.056  1.00 18.53 ? 124 VAL A N   1 
ATOM   968  C CA  . VAL A 1 124 ? 12.848  2.278   -9.982  1.00 25.50 ? 124 VAL A CA  1 
ATOM   969  C C   . VAL A 1 124 ? 14.174  2.202   -10.745 1.00 23.74 ? 124 VAL A C   1 
ATOM   970  O O   . VAL A 1 124 ? 14.407  1.285   -11.533 1.00 20.61 ? 124 VAL A O   1 
ATOM   971  C CB  . VAL A 1 124 ? 11.608  2.346   -10.874 1.00 24.92 ? 124 VAL A CB  1 
ATOM   972  C CG1 . VAL A 1 124 ? 10.352  2.155   -10.045 1.00 23.83 ? 124 VAL A CG1 1 
ATOM   973  C CG2 . VAL A 1 124 ? 11.587  3.644   -11.683 1.00 28.81 ? 124 VAL A CG2 1 
ATOM   974  N N   . ALA A 1 125 ? 15.078  3.141   -10.482 1.00 27.73 ? 125 ALA A N   1 
ATOM   975  C CA  . ALA A 1 125 ? 16.399  3.182   -11.117 1.00 29.80 ? 125 ALA A CA  1 
ATOM   976  C C   . ALA A 1 125 ? 17.104  1.882   -10.743 1.00 24.04 ? 125 ALA A C   1 
ATOM   977  O O   . ALA A 1 125 ? 17.104  1.410   -9.603  1.00 28.07 ? 125 ALA A O   1 
ATOM   978  C CB  . ALA A 1 125 ? 17.234  4.361   -10.696 1.00 34.62 ? 125 ALA A CB  1 
ATOM   979  N N   . GLY A 1 126 ? 17.665  1.300   -11.779 1.00 25.57 ? 126 GLY A N   1 
ATOM   980  C CA  . GLY A 1 126 ? 18.376  0.026   -11.712 1.00 22.44 ? 126 GLY A CA  1 
ATOM   981  C C   . GLY A 1 126 ? 17.522  -1.252  -11.630 1.00 22.86 ? 126 GLY A C   1 
ATOM   982  O O   . GLY A 1 126 ? 18.197  -2.277  -11.432 1.00 28.47 ? 126 GLY A O   1 
ATOM   983  N N   . CYS A 1 127 ? 16.200  -1.190  -11.716 1.00 23.84 ? 127 CYS A N   1 
ATOM   984  C CA  . CYS A 1 127 ? 15.359  -2.386  -11.548 1.00 14.64 ? 127 CYS A CA  1 
ATOM   985  C C   . CYS A 1 127 ? 15.150  -3.114  -12.861 1.00 18.67 ? 127 CYS A C   1 
ATOM   986  O O   . CYS A 1 127 ? 14.728  -4.265  -12.737 1.00 24.40 ? 127 CYS A O   1 
ATOM   987  C CB  . CYS A 1 127 ? 14.026  -1.977  -10.893 1.00 18.21 ? 127 CYS A CB  1 
ATOM   988  S SG  . CYS A 1 127 ? 14.311  -1.215  -9.266  1.00 21.97 ? 127 CYS A SG  1 
ATOM   989  N N   . GLY A 1 128 ? 15.435  -2.395  -13.927 1.00 23.30 ? 128 GLY A N   1 
ATOM   990  C CA  . GLY A 1 128 ? 15.311  -2.896  -15.309 1.00 19.22 ? 128 GLY A CA  1 
ATOM   991  C C   . GLY A 1 128 ? 13.893  -3.295  -15.672 1.00 21.89 ? 128 GLY A C   1 
ATOM   992  O O   . GLY A 1 128 ? 13.595  -4.315  -16.315 1.00 28.88 ? 128 GLY A O   1 
ATOM   993  N N   . VAL A 1 129 ? 12.923  -2.538  -15.227 1.00 24.31 ? 129 VAL A N   1 
ATOM   994  C CA  . VAL A 1 129 ? 11.471  -2.661  -15.417 1.00 29.59 ? 129 VAL A CA  1 
ATOM   995  C C   . VAL A 1 129 ? 11.025  -1.167  -15.646 1.00 48.64 ? 129 VAL A C   1 
ATOM   996  O O   . VAL A 1 129 ? 10.236  -1.147  -16.634 1.00 41.24 ? 129 VAL A O   1 
ATOM   997  C CB  . VAL A 1 129 ? 10.636  -3.349  -14.333 1.00 26.62 ? 129 VAL A CB  1 
ATOM   998  C CG1 . VAL A 1 129 ? 11.023  -4.766  -13.927 1.00 31.62 ? 129 VAL A CG1 1 
ATOM   999  C CG2 . VAL A 1 129 ? 10.605  -2.534  -13.030 1.00 28.93 ? 129 VAL A CG2 1 
HETATM 1000 C C1  . NAG B 2 .   ? -6.166  6.709   5.830   1.00 24.04 ? 1   NAG B C1  1 
HETATM 1001 C C2  . NAG B 2 .   ? -6.689  5.829   4.626   1.00 31.07 ? 1   NAG B C2  1 
HETATM 1002 C C3  . NAG B 2 .   ? -7.825  6.552   3.900   1.00 16.95 ? 1   NAG B C3  1 
HETATM 1003 C C4  . NAG B 2 .   ? -8.936  7.200   4.864   1.00 21.77 ? 1   NAG B C4  1 
HETATM 1004 C C5  . NAG B 2 .   ? -8.215  7.990   5.956   1.00 37.68 ? 1   NAG B C5  1 
HETATM 1005 C C6  . NAG B 2 .   ? -9.046  8.552   7.041   1.00 36.14 ? 1   NAG B C6  1 
HETATM 1006 C C7  . NAG B 2 .   ? -5.691  3.939   3.849   1.00 14.10 ? 1   NAG B C7  1 
HETATM 1007 C C8  . NAG B 2 .   ? -4.601  3.782   2.787   1.00 15.10 ? 1   NAG B C8  1 
HETATM 1008 N N2  . NAG B 2 .   ? -5.983  5.270   3.931   1.00 21.53 ? 1   NAG B N2  1 
HETATM 1009 O O1  . NAG B 2 .   ? -5.550  5.633   6.551   1.00 30.82 ? 1   NAG B O1  1 
HETATM 1010 O O3  . NAG B 2 .   ? -8.690  5.694   3.138   1.00 17.08 ? 1   NAG B O3  1 
HETATM 1011 O O4  . NAG B 2 .   ? -9.652  8.158   4.022   1.00 22.67 ? 1   NAG B O4  1 
HETATM 1012 O O5  . NAG B 2 .   ? -7.330  7.086   6.652   1.00 25.74 ? 1   NAG B O5  1 
HETATM 1013 O O6  . NAG B 2 .   ? -9.981  7.607   7.535   1.00 50.35 ? 1   NAG B O6  1 
HETATM 1014 O O7  . NAG B 2 .   ? -5.995  2.845   4.372   1.00 18.26 ? 1   NAG B O7  1 
HETATM 1015 C C1  . NAG B 2 .   ? -10.992 7.898   4.281   1.00 22.08 ? 2   NAG B C1  1 
HETATM 1016 C C2  . NAG B 2 .   ? -11.609 9.305   3.978   1.00 43.50 ? 2   NAG B C2  1 
HETATM 1017 C C3  . NAG B 2 .   ? -13.062 9.173   3.502   1.00 43.08 ? 2   NAG B C3  1 
HETATM 1018 C C4  . NAG B 2 .   ? -13.286 8.053   2.401   1.00 31.73 ? 2   NAG B C4  1 
HETATM 1019 C C5  . NAG B 2 .   ? -12.585 6.749   2.874   1.00 25.71 ? 2   NAG B C5  1 
HETATM 1020 C C6  . NAG B 2 .   ? -12.607 5.715   1.828   1.00 23.80 ? 2   NAG B C6  1 
HETATM 1021 C C7  . NAG B 2 .   ? -10.409 11.266  4.184   1.00 35.55 ? 2   NAG B C7  1 
HETATM 1022 C C8  . NAG B 2 .   ? -10.602 11.838  5.595   1.00 43.96 ? 2   NAG B C8  1 
HETATM 1023 N N2  . NAG B 2 .   ? -11.266 10.235  4.285   1.00 32.90 ? 2   NAG B N2  1 
HETATM 1024 O O3  . NAG B 2 .   ? -13.602 10.370  2.863   1.00 45.82 ? 2   NAG B O3  1 
HETATM 1025 O O4  . NAG B 2 .   ? -14.700 7.845   2.238   1.00 31.04 ? 2   NAG B O4  1 
HETATM 1026 O O5  . NAG B 2 .   ? -11.191 7.016   3.145   1.00 23.68 ? 2   NAG B O5  1 
HETATM 1027 O O6  . NAG B 2 .   ? -12.273 6.179   0.539   1.00 23.24 ? 2   NAG B O6  1 
HETATM 1028 O O7  . NAG B 2 .   ? -9.565  11.783  3.406   1.00 42.45 ? 2   NAG B O7  1 
HETATM 1029 O O   . HOH C 3 .   ? -1.278  -10.432 -7.804  1.00 42.01 ? 134 HOH A O   1 
HETATM 1030 O O   . HOH C 3 .   ? 12.307  12.213  -4.551  1.00 43.05 ? 135 HOH A O   1 
HETATM 1031 O O   . HOH C 3 .   ? 10.524  11.292  -2.593  1.00 35.62 ? 136 HOH A O   1 
HETATM 1032 O O   . HOH C 3 .   ? 1.313   8.703   -12.504 1.00 32.69 ? 137 HOH A O   1 
HETATM 1033 O O   . HOH C 3 .   ? 13.406  2.145   3.519   1.00 50.54 ? 138 HOH A O   1 
HETATM 1034 O O   . HOH C 3 .   ? 14.638  -3.333  1.583   1.00 30.01 ? 139 HOH A O   1 
HETATM 1035 O O   . HOH C 3 .   ? 13.620  -1.504  4.092   1.00 33.44 ? 140 HOH A O   1 
HETATM 1036 O O   . HOH C 3 .   ? 3.819   -15.558 5.022   1.00 34.10 ? 141 HOH A O   1 
HETATM 1037 O O   . HOH C 3 .   ? 2.792   -15.688 2.077   1.00 33.08 ? 142 HOH A O   1 
HETATM 1038 O O   . HOH C 3 .   ? 0.919   3.920   9.129   1.00 33.53 ? 143 HOH A O   1 
HETATM 1039 O O   . HOH C 3 .   ? 1.275   -2.332  16.193  1.00 36.17 ? 144 HOH A O   1 
HETATM 1040 O O   . HOH C 3 .   ? 1.296   -6.111  2.723   1.00 17.33 ? 145 HOH A O   1 
HETATM 1041 O O   . HOH C 3 .   ? 1.200   -8.629  1.758   1.00 17.50 ? 146 HOH A O   1 
HETATM 1042 O O   . HOH C 3 .   ? -1.174  -9.855  0.904   1.00 17.97 ? 147 HOH A O   1 
HETATM 1043 O O   . HOH C 3 .   ? -1.889  -12.907 -0.668  1.00 23.92 ? 148 HOH A O   1 
HETATM 1044 O O   . HOH C 3 .   ? -2.571  -13.043 1.998   1.00 30.14 ? 149 HOH A O   1 
HETATM 1045 O O   . HOH C 3 .   ? -5.514  6.876   11.827  1.00 45.25 ? 150 HOH A O   1 
HETATM 1046 O O   . HOH C 3 .   ? -8.953  5.666   10.415  1.00 27.42 ? 151 HOH A O   1 
HETATM 1047 O O   . HOH C 3 .   ? -8.659  9.461   1.446   1.00 28.12 ? 152 HOH A O   1 
HETATM 1048 O O   . HOH C 3 .   ? -9.860  7.053   0.288   1.00 24.77 ? 153 HOH A O   1 
HETATM 1049 O O   . HOH C 3 .   ? -12.021 8.896   -1.495  1.00 21.45 ? 154 HOH A O   1 
HETATM 1050 O O   . HOH C 3 .   ? -8.824  6.695   -2.235  1.00 20.13 ? 155 HOH A O   1 
HETATM 1051 O O   . HOH C 3 .   ? -12.160 3.906   14.556  1.00 41.56 ? 156 HOH A O   1 
HETATM 1052 O O   . HOH C 3 .   ? -13.272 -4.101  13.628  1.00 31.36 ? 157 HOH A O   1 
HETATM 1053 O O   . HOH C 3 .   ? -11.646 -3.662  11.543  1.00 20.88 ? 158 HOH A O   1 
HETATM 1054 O O   . HOH C 3 .   ? -7.058  -1.280  19.223  1.00 42.16 ? 159 HOH A O   1 
HETATM 1055 O O   . HOH C 3 .   ? -7.166  -3.340  21.844  1.00 61.16 ? 160 HOH A O   1 
HETATM 1056 O O   . HOH C 3 .   ? -3.929  -5.731  15.286  1.00 21.05 ? 161 HOH A O   1 
HETATM 1057 O O   . HOH C 3 .   ? -6.972  -1.743  15.420  1.00 17.94 ? 162 HOH A O   1 
HETATM 1058 O O   . HOH C 3 .   ? 15.123  -6.119  -11.212 1.00 28.51 ? 163 HOH A O   1 
HETATM 1059 O O   . HOH C 3 .   ? -0.740  -3.592  2.800   1.00 16.68 ? 164 HOH A O   1 
HETATM 1060 O O   . HOH C 3 .   ? -10.371 -10.864 14.116  1.00 18.29 ? 165 HOH A O   1 
HETATM 1061 O O   . HOH C 3 .   ? -5.955  -5.905  20.913  1.00 36.39 ? 166 HOH A O   1 
HETATM 1062 O O   . HOH C 3 .   ? -7.240  -13.525 10.889  1.00 25.41 ? 167 HOH A O   1 
HETATM 1063 O O   . HOH C 3 .   ? -13.381 -10.480 6.303   1.00 43.96 ? 168 HOH A O   1 
HETATM 1064 O O   . HOH C 3 .   ? -4.670  -14.527 7.362   1.00 40.24 ? 169 HOH A O   1 
HETATM 1065 O O   . HOH C 3 .   ? -1.719  -13.715 8.625   1.00 32.00 ? 170 HOH A O   1 
HETATM 1066 O O   . HOH C 3 .   ? -9.835  -7.338  -2.082  1.00 38.93 ? 171 HOH A O   1 
HETATM 1067 O O   . HOH C 3 .   ? -12.725 -4.986  -3.131  1.00 49.37 ? 172 HOH A O   1 
HETATM 1068 O O   . HOH C 3 .   ? -9.411  -4.838  -6.349  1.00 29.09 ? 173 HOH A O   1 
HETATM 1069 O O   . HOH C 3 .   ? -10.110 -2.967  -8.229  1.00 34.45 ? 174 HOH A O   1 
HETATM 1070 O O   . HOH C 3 .   ? -14.473 -12.750 14.197  1.00 31.78 ? 175 HOH A O   1 
HETATM 1071 O O   . HOH C 3 .   ? -12.898 -10.250 13.304  1.00 30.65 ? 176 HOH A O   1 
HETATM 1072 O O   . HOH C 3 .   ? -3.411  -9.343  -6.770  1.00 23.28 ? 177 HOH A O   1 
HETATM 1073 O O   . HOH C 3 .   ? -4.986  -7.688  -8.383  1.00 29.64 ? 178 HOH A O   1 
HETATM 1074 O O   . HOH C 3 .   ? 1.591   -11.075 -5.844  1.00 41.79 ? 179 HOH A O   1 
HETATM 1075 O O   . HOH C 3 .   ? 6.448   -12.377 -4.922  1.00 65.33 ? 180 HOH A O   1 
HETATM 1076 O O   . HOH C 3 .   ? 10.117  -11.710 -5.264  1.00 52.44 ? 181 HOH A O   1 
HETATM 1077 O O   . HOH C 3 .   ? 12.664  -11.590 -11.800 1.00 26.53 ? 182 HOH A O   1 
HETATM 1078 O O   . HOH C 3 .   ? 3.387   -9.814  -7.335  1.00 46.10 ? 183 HOH A O   1 
HETATM 1079 O O   . HOH C 3 .   ? 3.795   -11.590 -3.937  1.00 37.94 ? 184 HOH A O   1 
HETATM 1080 O O   . HOH C 3 .   ? -8.998  -10.485 -1.671  1.00 44.47 ? 185 HOH A O   1 
HETATM 1081 O O   . HOH C 3 .   ? -9.014  -12.918 -0.051  1.00 45.78 ? 186 HOH A O   1 
HETATM 1082 O O   . HOH C 3 .   ? -4.839  8.451   -8.082  1.00 23.30 ? 187 HOH A O   1 
HETATM 1083 O O   . HOH C 3 .   ? -14.830 7.808   -9.501  1.00 26.51 ? 188 HOH A O   1 
HETATM 1084 O O   . HOH C 3 .   ? -6.890  7.293   -9.384  1.00 43.39 ? 189 HOH A O   1 
HETATM 1085 O O   . HOH C 3 .   ? -12.069 11.130  -8.851  1.00 62.39 ? 190 HOH A O   1 
HETATM 1086 O O   . HOH C 3 .   ? -6.446  13.017  0.969   1.00 48.26 ? 191 HOH A O   1 
HETATM 1087 O O   . HOH C 3 .   ? 2.358   14.034  -7.960  1.00 38.35 ? 192 HOH A O   1 
HETATM 1088 O O   . HOH C 3 .   ? 4.083   11.954  -8.139  1.00 33.46 ? 193 HOH A O   1 
HETATM 1089 O O   . HOH C 3 .   ? -0.304  20.939  -6.390  1.00 58.44 ? 194 HOH A O   1 
HETATM 1090 O O   . HOH C 3 .   ? -4.373  13.831  -3.258  1.00 41.92 ? 195 HOH A O   1 
HETATM 1091 O O   . HOH C 3 .   ? 7.672   18.526  1.662   1.00 43.91 ? 196 HOH A O   1 
HETATM 1092 O O   . HOH C 3 .   ? 8.962   19.174  -7.312  1.00 42.52 ? 197 HOH A O   1 
HETATM 1093 O O   . HOH C 3 .   ? 16.842  0.339   -15.042 1.00 37.16 ? 198 HOH A O   1 
HETATM 1094 O O   . HOH C 3 .   ? 18.868  -3.321  -15.757 1.00 41.21 ? 199 HOH A O   1 
HETATM 1095 O O   . HOH C 3 .   ? 18.523  -4.445  -13.317 1.00 45.08 ? 200 HOH A O   1 
HETATM 1096 O O   . HOH C 3 .   ? 21.175  -5.358  -13.267 1.00 64.55 ? 201 HOH A O   1 
HETATM 1097 O O   . HOH C 3 .   ? 18.079  -5.008  -8.988  1.00 54.37 ? 202 HOH A O   1 
HETATM 1098 O O   . HOH C 3 .   ? 13.665  0.610   -13.617 1.00 42.43 ? 203 HOH A O   1 
HETATM 1099 O O   . HOH C 3 .   ? -0.756  15.422  -7.596  1.00 45.98 ? 204 HOH A O   1 
HETATM 1100 O O   . HOH C 3 .   ? 14.582  -4.170  6.739   1.00 65.77 ? 205 HOH A O   1 
HETATM 1101 O O   . HOH C 3 .   ? 1.607   0.478   16.648  1.00 37.80 ? 206 HOH A O   1 
HETATM 1102 O O   . HOH C 3 .   ? -11.210 -7.591  20.216  1.00 38.67 ? 207 HOH A O   1 
HETATM 1103 O O   . HOH C 3 .   ? -8.410  9.324   21.200  1.00 53.01 ? 208 HOH A O   1 
HETATM 1104 O O   . HOH C 3 .   ? -12.192 -12.813 5.612   1.00 50.94 ? 209 HOH A O   1 
HETATM 1105 O O   . HOH C 3 .   ? -16.387 5.159   -5.499  1.00 44.64 ? 210 HOH A O   1 
HETATM 1106 O O   . HOH C 3 .   ? 11.078  12.535  0.431   1.00 51.17 ? 211 HOH A O   1 
HETATM 1107 O O   . HOH C 3 .   ? -4.777  -14.667 2.013   1.00 47.59 ? 212 HOH A O   1 
HETATM 1108 O O   . HOH C 3 .   ? 8.763   22.194  -9.434  1.00 47.38 ? 213 HOH A O   1 
HETATM 1109 O O   . HOH C 3 .   ? 10.925  4.589   5.432   1.00 49.94 ? 214 HOH A O   1 
HETATM 1110 O O   . HOH C 3 .   ? -15.342 -4.701  16.818  1.00 53.76 ? 215 HOH A O   1 
HETATM 1111 O O   . HOH C 3 .   ? 7.649   1.972   -15.298 1.00 52.57 ? 216 HOH A O   1 
HETATM 1112 O O   . HOH C 3 .   ? -14.369 -10.663 8.523   1.00 41.55 ? 217 HOH A O   1 
HETATM 1113 O O   . HOH C 3 .   ? -13.548 -4.084  -7.200  1.00 44.41 ? 218 HOH A O   1 
HETATM 1114 O O   . HOH C 3 .   ? 16.456  -7.239  -6.776  1.00 40.04 ? 219 HOH A O   1 
HETATM 1115 O O   . HOH C 3 .   ? 3.969   2.037   13.012  1.00 39.20 ? 220 HOH A O   1 
HETATM 1116 O O   . HOH C 3 .   ? -14.845 -4.492  10.409  1.00 44.47 ? 221 HOH A O   1 
HETATM 1117 O O   . HOH C 3 .   ? -12.944 -2.240  8.356   1.00 30.99 ? 222 HOH A O   1 
HETATM 1118 O O   . HOH C 3 .   ? -5.432  -11.372 -8.426  1.00 51.26 ? 223 HOH A O   1 
HETATM 1119 O O   . HOH C 3 .   ? -16.334 -7.644  8.386   1.00 54.13 ? 224 HOH A O   1 
HETATM 1120 O O   . HOH C 3 .   ? -7.785  -10.208 -9.422  1.00 50.21 ? 225 HOH A O   1 
HETATM 1121 O O   . HOH C 3 .   ? 7.472   -11.008 -8.794  1.00 26.78 ? 226 HOH A O   1 
HETATM 1122 O O   . HOH C 3 .   ? -3.394  13.670  -6.334  1.00 55.53 ? 227 HOH A O   1 
HETATM 1123 O O   . HOH C 3 .   ? 8.610   2.763   8.173   1.00 46.04 ? 228 HOH A O   1 
HETATM 1124 O O   . HOH C 3 .   ? 8.666   -1.788  8.951   1.00 31.30 ? 229 HOH A O   1 
HETATM 1125 O O   . HOH C 3 .   ? 12.002  -0.842  10.627  1.00 62.30 ? 230 HOH A O   1 
HETATM 1126 O O   . HOH C 3 .   ? 12.632  -12.787 4.214   1.00 56.74 ? 231 HOH A O   1 
HETATM 1127 O O   . HOH C 3 .   ? 15.967  -2.145  -0.936  1.00 29.65 ? 232 HOH A O   1 
HETATM 1128 O O   . HOH C 3 .   ? 17.336  -3.111  -5.171  1.00 40.69 ? 233 HOH A O   1 
HETATM 1129 O O   . HOH C 3 .   ? 2.067   -3.139  -14.298 1.00 17.26 ? 234 HOH A O   1 
HETATM 1130 O O   . HOH C 3 .   ? -15.834 6.917   -0.291  1.00 40.05 ? 235 HOH A O   1 
HETATM 1131 O O   . HOH C 3 .   ? -15.622 3.387   -0.525  1.00 45.18 ? 236 HOH A O   1 
HETATM 1132 O O   . HOH C 3 .   ? -15.827 3.231   1.566   1.00 47.62 ? 237 HOH A O   1 
HETATM 1133 O O   . HOH C 3 .   ? -18.476 2.584   2.865   1.00 62.19 ? 238 HOH A O   1 
HETATM 1134 O O   . HOH C 3 .   ? -3.634  6.102   8.809   1.00 40.92 ? 239 HOH A O   1 
HETATM 1135 O O   . HOH C 3 .   ? -2.651  4.718   5.941   1.00 34.05 ? 240 HOH A O   1 
HETATM 1136 O O   . HOH C 3 .   ? -5.420  9.999   3.983   1.00 30.70 ? 241 HOH A O   1 
HETATM 1137 O O   . HOH C 3 .   ? -12.137 8.043   -8.597  1.00 44.08 ? 242 HOH A O   1 
HETATM 1138 O O   . HOH C 3 .   ? 16.915  3.006   -14.870 1.00 62.39 ? 243 HOH A O   1 
HETATM 1139 O O   . HOH C 3 .   ? -4.270  15.212  8.254   1.00 55.34 ? 244 HOH A O   1 
HETATM 1140 O O   . HOH C 3 .   ? 10.193  7.903   -13.078 1.00 66.16 ? 245 HOH A O   1 
HETATM 1141 O O   . HOH C 3 .   ? 5.545   1.611   9.330   1.00 51.60 ? 246 HOH A O   1 
# 
